data_2LC3
#
_entry.id   2LC3
#
_entity_poly.entity_id   1
_entity_poly.type   'polypeptide(L)'
_entity_poly.pdbx_seq_one_letter_code
;MKDSDKEKENGKMGCWSIEHVEQYLGTDELPKNDLITYLQKNADAAFLRHWKLTGTNKSIRKNRNCSQLIAAYKDFCEHG
TKSGLNQG
;
_entity_poly.pdbx_strand_id   A
#
# COMPACT_ATOMS: atom_id res chain seq x y z
N MET A 1 8.40 -9.87 -27.49
CA MET A 1 7.98 -9.90 -26.07
C MET A 1 9.15 -10.30 -25.17
N LYS A 2 8.91 -10.24 -23.84
CA LYS A 2 9.84 -10.71 -22.80
C LYS A 2 8.99 -11.09 -21.58
N ASP A 3 8.63 -12.38 -21.45
CA ASP A 3 7.60 -12.86 -20.48
C ASP A 3 8.00 -12.63 -18.99
N SER A 4 9.27 -12.29 -18.76
CA SER A 4 9.78 -11.92 -17.42
C SER A 4 9.31 -10.49 -17.00
N ASP A 5 8.51 -9.82 -17.85
CA ASP A 5 7.90 -8.51 -17.55
C ASP A 5 6.78 -8.66 -16.51
N LYS A 6 6.29 -9.91 -16.30
CA LYS A 6 5.16 -10.21 -15.38
C LYS A 6 5.49 -9.78 -13.93
N GLU A 7 6.79 -9.57 -13.64
CA GLU A 7 7.26 -9.03 -12.37
C GLU A 7 8.17 -7.80 -12.62
N LYS A 8 8.86 -7.76 -13.79
CA LYS A 8 9.84 -6.67 -14.11
C LYS A 8 9.23 -5.61 -15.06
N GLU A 9 7.88 -5.44 -15.06
CA GLU A 9 7.22 -4.39 -15.89
C GLU A 9 7.46 -2.99 -15.29
N ASN A 10 7.31 -1.96 -16.15
CA ASN A 10 7.47 -0.55 -15.77
C ASN A 10 6.10 0.05 -15.41
N GLY A 11 6.10 1.11 -14.61
CA GLY A 11 4.88 1.78 -14.18
C GLY A 11 4.41 1.28 -12.82
N LYS A 12 5.37 0.76 -12.03
CA LYS A 12 5.11 0.33 -10.67
C LYS A 12 5.04 1.58 -9.77
N MET A 13 3.84 2.16 -9.74
CA MET A 13 3.55 3.39 -9.03
C MET A 13 3.41 3.12 -7.54
N GLY A 14 3.49 4.18 -6.74
CA GLY A 14 3.18 4.12 -5.32
C GLY A 14 4.29 3.59 -4.43
N CYS A 15 5.50 3.43 -4.98
CA CYS A 15 6.68 3.03 -4.18
C CYS A 15 7.28 4.28 -3.52
N TRP A 16 6.58 4.79 -2.49
CA TRP A 16 6.94 6.02 -1.77
C TRP A 16 7.96 5.72 -0.66
N SER A 17 8.54 6.80 -0.12
CA SER A 17 9.35 6.75 1.11
C SER A 17 8.42 6.54 2.32
N ILE A 18 8.98 5.96 3.40
CA ILE A 18 8.21 5.69 4.64
C ILE A 18 7.71 7.02 5.26
N GLU A 19 8.62 8.01 5.33
CA GLU A 19 8.31 9.32 5.90
C GLU A 19 7.34 10.12 5.01
N HIS A 20 7.36 9.87 3.69
CA HIS A 20 6.38 10.46 2.76
C HIS A 20 4.98 9.94 3.12
N VAL A 21 4.88 8.61 3.33
CA VAL A 21 3.64 7.95 3.74
C VAL A 21 3.10 8.56 5.05
N GLU A 22 3.86 8.40 6.14
CA GLU A 22 3.40 8.71 7.51
C GLU A 22 3.08 10.20 7.72
N GLN A 23 3.94 11.08 7.19
CA GLN A 23 3.84 12.52 7.41
C GLN A 23 2.75 13.13 6.53
N TYR A 24 2.61 12.61 5.29
CA TYR A 24 1.66 13.16 4.31
C TYR A 24 0.34 12.36 4.32
N LEU A 25 0.21 11.29 5.13
CA LEU A 25 -1.05 10.53 5.24
C LEU A 25 -2.21 11.45 5.69
N GLY A 26 -3.15 11.68 4.75
CA GLY A 26 -4.32 12.54 4.97
C GLY A 26 -4.24 13.89 4.26
N THR A 27 -3.17 14.13 3.47
CA THR A 27 -3.03 15.38 2.68
C THR A 27 -3.58 15.19 1.25
N ASP A 28 -3.47 16.24 0.41
CA ASP A 28 -3.78 16.16 -1.03
C ASP A 28 -2.61 15.48 -1.79
N GLU A 29 -1.42 15.48 -1.17
CA GLU A 29 -0.19 14.91 -1.75
C GLU A 29 -0.17 13.38 -1.59
N LEU A 30 -0.51 12.90 -0.37
CA LEU A 30 -0.63 11.46 -0.08
C LEU A 30 -1.92 11.22 0.74
N PRO A 31 -3.10 11.14 0.06
CA PRO A 31 -4.37 10.76 0.72
C PRO A 31 -4.32 9.31 1.22
N LYS A 32 -5.00 9.06 2.36
CA LYS A 32 -5.05 7.75 3.03
C LYS A 32 -5.56 6.65 2.09
N ASN A 33 -6.56 7.01 1.26
CA ASN A 33 -7.21 6.08 0.33
C ASN A 33 -6.20 5.45 -0.66
N ASP A 34 -5.26 6.26 -1.16
CA ASP A 34 -4.25 5.83 -2.16
C ASP A 34 -3.20 4.87 -1.56
N LEU A 35 -2.92 5.02 -0.26
CA LEU A 35 -2.04 4.09 0.49
C LEU A 35 -2.75 2.72 0.57
N ILE A 36 -4.03 2.77 0.99
CA ILE A 36 -4.92 1.59 1.10
C ILE A 36 -5.04 0.88 -0.26
N THR A 37 -5.13 1.69 -1.34
CA THR A 37 -5.27 1.21 -2.72
C THR A 37 -4.02 0.43 -3.16
N TYR A 38 -2.82 1.04 -2.96
CA TYR A 38 -1.53 0.42 -3.30
C TYR A 38 -1.41 -0.96 -2.62
N LEU A 39 -1.74 -1.00 -1.31
CA LEU A 39 -1.66 -2.22 -0.50
C LEU A 39 -2.59 -3.33 -1.05
N GLN A 40 -3.85 -3.00 -1.38
CA GLN A 40 -4.83 -4.01 -1.87
C GLN A 40 -4.59 -4.38 -3.34
N LYS A 41 -3.83 -3.54 -4.07
CA LYS A 41 -3.40 -3.88 -5.44
C LYS A 41 -2.22 -4.87 -5.41
N ASN A 42 -1.16 -4.50 -4.68
CA ASN A 42 0.13 -5.23 -4.70
C ASN A 42 0.09 -6.48 -3.78
N ALA A 43 -0.42 -6.32 -2.55
CA ALA A 43 -0.38 -7.39 -1.51
C ALA A 43 -1.42 -8.50 -1.75
N ASP A 44 -1.19 -9.64 -1.08
CA ASP A 44 -2.12 -10.78 -1.06
C ASP A 44 -3.34 -10.45 -0.17
N ALA A 45 -4.45 -11.15 -0.39
CA ALA A 45 -5.73 -10.92 0.32
C ALA A 45 -5.58 -11.06 1.85
N ALA A 46 -4.65 -11.96 2.26
CA ALA A 46 -4.30 -12.20 3.67
C ALA A 46 -3.83 -10.92 4.39
N PHE A 47 -3.01 -10.12 3.68
CA PHE A 47 -2.38 -8.90 4.22
C PHE A 47 -3.46 -7.84 4.58
N LEU A 48 -4.41 -7.66 3.66
CA LEU A 48 -5.52 -6.71 3.84
C LEU A 48 -6.51 -7.20 4.90
N ARG A 49 -6.68 -8.52 5.00
CA ARG A 49 -7.50 -9.13 6.08
C ARG A 49 -6.80 -8.97 7.45
N HIS A 50 -5.46 -8.87 7.43
CA HIS A 50 -4.65 -8.65 8.66
C HIS A 50 -4.76 -7.19 9.14
N TRP A 51 -4.79 -6.25 8.19
CA TRP A 51 -4.84 -4.80 8.53
C TRP A 51 -6.26 -4.22 8.40
N LYS A 52 -7.25 -5.11 8.16
CA LYS A 52 -8.70 -4.76 8.05
C LYS A 52 -8.97 -3.82 6.84
N LEU A 53 -8.07 -3.88 5.84
CA LEU A 53 -8.19 -3.15 4.57
C LEU A 53 -8.93 -4.01 3.50
N THR A 54 -9.52 -5.14 3.93
CA THR A 54 -10.25 -6.09 3.07
C THR A 54 -11.68 -5.63 2.73
N GLY A 55 -12.18 -4.56 3.39
CA GLY A 55 -13.56 -4.08 3.19
C GLY A 55 -13.71 -3.05 2.07
N THR A 56 -14.59 -2.06 2.28
CA THR A 56 -14.78 -0.91 1.35
C THR A 56 -13.90 0.27 1.81
N ASN A 57 -13.13 0.86 0.87
CA ASN A 57 -12.11 1.91 1.16
C ASN A 57 -12.67 3.10 1.95
N LYS A 58 -13.98 3.35 1.84
CA LYS A 58 -14.66 4.40 2.62
C LYS A 58 -14.58 4.09 4.13
N SER A 59 -15.10 2.90 4.51
CA SER A 59 -15.11 2.46 5.92
C SER A 59 -13.67 2.18 6.42
N ILE A 60 -12.78 1.84 5.48
CA ILE A 60 -11.37 1.58 5.80
C ILE A 60 -10.66 2.89 6.22
N ARG A 61 -10.82 3.98 5.46
CA ARG A 61 -10.18 5.28 5.81
C ARG A 61 -10.87 5.96 7.01
N LYS A 62 -12.12 5.55 7.30
CA LYS A 62 -12.89 6.06 8.46
C LYS A 62 -12.52 5.32 9.79
N ASN A 63 -12.27 4.00 9.70
CA ASN A 63 -12.04 3.13 10.91
C ASN A 63 -10.54 2.84 11.12
N ARG A 64 -9.78 2.79 10.03
CA ARG A 64 -8.32 2.54 10.04
C ARG A 64 -7.59 3.88 9.91
N ASN A 65 -6.96 4.31 10.99
CA ASN A 65 -6.18 5.55 11.04
C ASN A 65 -4.82 5.38 10.38
N CYS A 66 -4.04 6.47 10.38
CA CYS A 66 -2.72 6.54 9.75
C CYS A 66 -1.80 5.43 10.28
N SER A 67 -1.85 5.20 11.61
CA SER A 67 -1.05 4.17 12.32
C SER A 67 -1.11 2.79 11.63
N GLN A 68 -2.32 2.39 11.23
CA GLN A 68 -2.58 1.12 10.54
C GLN A 68 -1.89 1.08 9.17
N LEU A 69 -2.03 2.18 8.44
CA LEU A 69 -1.51 2.34 7.07
C LEU A 69 0.04 2.43 7.03
N ILE A 70 0.64 3.08 8.06
CA ILE A 70 2.11 3.28 8.14
C ILE A 70 2.77 1.94 8.43
N ALA A 71 2.29 1.28 9.51
CA ALA A 71 2.80 -0.02 9.97
C ALA A 71 2.63 -1.08 8.87
N ALA A 72 1.46 -1.06 8.19
CA ALA A 72 1.19 -1.91 7.03
C ALA A 72 2.23 -1.72 5.89
N TYR A 73 2.41 -0.45 5.46
CA TYR A 73 3.30 -0.11 4.32
C TYR A 73 4.76 -0.48 4.64
N LYS A 74 5.19 -0.22 5.89
CA LYS A 74 6.53 -0.54 6.37
C LYS A 74 6.76 -2.05 6.32
N ASP A 75 5.89 -2.81 7.02
CA ASP A 75 5.98 -4.28 7.09
C ASP A 75 5.86 -4.94 5.71
N PHE A 76 5.22 -4.26 4.77
CA PHE A 76 5.07 -4.72 3.37
C PHE A 76 6.43 -4.69 2.63
N CYS A 77 7.05 -3.50 2.65
CA CYS A 77 8.36 -3.26 2.01
C CYS A 77 9.48 -4.08 2.71
N GLU A 78 9.38 -4.19 4.04
CA GLU A 78 10.32 -4.94 4.89
C GLU A 78 10.11 -6.47 4.75
N HIS A 79 8.87 -6.86 4.38
CA HIS A 79 8.54 -8.28 4.04
C HIS A 79 9.29 -8.69 2.78
N GLY A 80 9.47 -7.74 1.84
CA GLY A 80 10.21 -8.03 0.61
C GLY A 80 9.28 -8.59 -0.45
N THR A 81 8.11 -7.94 -0.53
CA THR A 81 6.93 -8.37 -1.29
C THR A 81 7.22 -8.92 -2.71
N LYS A 82 6.34 -9.85 -3.15
CA LYS A 82 6.43 -10.53 -4.44
C LYS A 82 5.49 -9.88 -5.48
N SER A 83 5.27 -8.57 -5.30
CA SER A 83 4.44 -7.74 -6.18
C SER A 83 5.24 -7.20 -7.39
N GLY A 84 6.33 -7.91 -7.76
CA GLY A 84 7.19 -7.50 -8.86
C GLY A 84 8.04 -6.27 -8.55
N LEU A 85 8.43 -6.14 -7.28
CA LEU A 85 9.30 -5.05 -6.81
C LEU A 85 10.69 -5.62 -6.50
N ASN A 86 11.50 -5.79 -7.58
CA ASN A 86 12.84 -6.43 -7.53
C ASN A 86 12.71 -7.91 -7.05
N GLN A 87 11.69 -8.58 -7.60
CA GLN A 87 11.29 -9.94 -7.20
C GLN A 87 10.71 -10.68 -8.41
N GLY A 88 10.84 -12.03 -8.45
CA GLY A 88 10.25 -12.84 -9.50
C GLY A 88 10.74 -14.29 -9.50
N MET A 1 10.87 -11.35 -27.42
CA MET A 1 10.18 -11.07 -26.13
C MET A 1 11.20 -10.68 -25.05
N LYS A 2 10.76 -9.84 -24.09
CA LYS A 2 11.54 -9.48 -22.90
C LYS A 2 10.90 -10.13 -21.66
N ASP A 3 11.32 -11.38 -21.39
CA ASP A 3 10.85 -12.20 -20.25
C ASP A 3 11.21 -11.53 -18.91
N SER A 4 12.33 -10.78 -18.91
CA SER A 4 12.77 -9.99 -17.75
C SER A 4 11.75 -8.88 -17.44
N ASP A 5 11.43 -8.07 -18.46
CA ASP A 5 10.56 -6.86 -18.34
C ASP A 5 9.10 -7.21 -17.98
N LYS A 6 8.73 -8.51 -18.02
CA LYS A 6 7.41 -8.97 -17.56
C LYS A 6 7.32 -8.87 -16.01
N GLU A 7 8.28 -9.51 -15.34
CA GLU A 7 8.37 -9.57 -13.86
C GLU A 7 9.04 -8.30 -13.30
N LYS A 8 9.84 -7.66 -14.14
CA LYS A 8 10.52 -6.38 -13.86
C LYS A 8 9.75 -5.25 -14.56
N GLU A 9 8.40 -5.31 -14.47
CA GLU A 9 7.51 -4.38 -15.17
C GLU A 9 7.68 -2.95 -14.61
N ASN A 10 8.10 -2.06 -15.51
CA ASN A 10 8.38 -0.65 -15.20
C ASN A 10 7.06 0.13 -15.09
N GLY A 11 7.06 1.23 -14.34
CA GLY A 11 5.82 1.93 -13.99
C GLY A 11 5.35 1.55 -12.60
N LYS A 12 6.34 1.43 -11.69
CA LYS A 12 6.10 1.09 -10.27
C LYS A 12 5.30 2.21 -9.59
N MET A 13 3.97 2.10 -9.73
CA MET A 13 3.02 3.14 -9.31
C MET A 13 2.88 3.18 -7.78
N GLY A 14 3.23 4.35 -7.20
CA GLY A 14 3.00 4.59 -5.78
C GLY A 14 3.96 3.89 -4.85
N CYS A 15 5.18 3.61 -5.32
CA CYS A 15 6.24 3.10 -4.44
C CYS A 15 6.91 4.29 -3.74
N TRP A 16 6.39 4.64 -2.54
CA TRP A 16 6.88 5.78 -1.74
C TRP A 16 7.94 5.30 -0.74
N SER A 17 8.60 6.25 -0.07
CA SER A 17 9.41 5.98 1.13
C SER A 17 8.48 5.96 2.36
N ILE A 18 8.93 5.33 3.46
CA ILE A 18 8.11 5.17 4.70
C ILE A 18 7.72 6.55 5.27
N GLU A 19 8.69 7.47 5.27
CA GLU A 19 8.52 8.81 5.83
C GLU A 19 7.62 9.69 4.92
N HIS A 20 7.65 9.44 3.60
CA HIS A 20 6.73 10.09 2.65
C HIS A 20 5.28 9.69 3.00
N VAL A 21 5.07 8.39 3.24
CA VAL A 21 3.77 7.84 3.62
C VAL A 21 3.24 8.52 4.90
N GLU A 22 4.00 8.44 6.00
CA GLU A 22 3.55 8.88 7.34
C GLU A 22 3.30 10.40 7.41
N GLN A 23 4.21 11.19 6.80
CA GLN A 23 4.17 12.67 6.86
C GLN A 23 3.03 13.24 5.97
N TYR A 24 2.76 12.55 4.85
CA TYR A 24 1.76 13.02 3.86
C TYR A 24 0.40 12.29 4.02
N LEU A 25 0.32 11.26 4.90
CA LEU A 25 -0.95 10.49 5.13
C LEU A 25 -2.11 11.39 5.61
N GLY A 26 -3.18 11.42 4.81
CA GLY A 26 -4.41 12.15 5.14
C GLY A 26 -4.50 13.51 4.47
N THR A 27 -3.57 13.81 3.53
CA THR A 27 -3.56 15.06 2.76
C THR A 27 -4.07 14.80 1.32
N ASP A 28 -4.09 15.86 0.49
CA ASP A 28 -4.41 15.73 -0.95
C ASP A 28 -3.16 15.38 -1.78
N GLU A 29 -1.99 15.23 -1.11
CA GLU A 29 -0.77 14.69 -1.72
C GLU A 29 -0.81 13.16 -1.63
N LEU A 30 -0.95 12.66 -0.39
CA LEU A 30 -1.08 11.21 -0.11
C LEU A 30 -2.34 11.00 0.75
N PRO A 31 -3.53 10.78 0.12
CA PRO A 31 -4.74 10.42 0.87
C PRO A 31 -4.63 8.98 1.42
N LYS A 32 -5.27 8.76 2.57
CA LYS A 32 -5.34 7.45 3.23
C LYS A 32 -5.90 6.38 2.27
N ASN A 33 -6.88 6.79 1.45
CA ASN A 33 -7.55 5.94 0.45
C ASN A 33 -6.51 5.33 -0.53
N ASP A 34 -5.59 6.18 -1.01
CA ASP A 34 -4.56 5.83 -2.03
C ASP A 34 -3.51 4.85 -1.47
N LEU A 35 -3.20 4.99 -0.16
CA LEU A 35 -2.29 4.07 0.55
C LEU A 35 -2.92 2.66 0.56
N ILE A 36 -4.17 2.59 1.06
CA ILE A 36 -4.95 1.34 1.13
C ILE A 36 -5.07 0.67 -0.27
N THR A 37 -5.30 1.52 -1.30
CA THR A 37 -5.41 1.12 -2.71
C THR A 37 -4.13 0.40 -3.17
N TYR A 38 -2.96 1.02 -2.89
CA TYR A 38 -1.65 0.48 -3.31
C TYR A 38 -1.43 -0.91 -2.74
N LEU A 39 -1.69 -1.05 -1.43
CA LEU A 39 -1.46 -2.32 -0.72
C LEU A 39 -2.38 -3.45 -1.21
N GLN A 40 -3.64 -3.15 -1.50
CA GLN A 40 -4.58 -4.19 -2.00
C GLN A 40 -4.33 -4.52 -3.49
N LYS A 41 -3.65 -3.60 -4.20
CA LYS A 41 -3.19 -3.85 -5.59
C LYS A 41 -1.91 -4.72 -5.62
N ASN A 42 -0.95 -4.42 -4.73
CA ASN A 42 0.38 -5.08 -4.75
C ASN A 42 0.42 -6.36 -3.90
N ALA A 43 -0.18 -6.32 -2.71
CA ALA A 43 -0.23 -7.46 -1.77
C ALA A 43 -1.38 -8.43 -2.09
N ASP A 44 -1.35 -9.61 -1.42
CA ASP A 44 -2.41 -10.64 -1.51
C ASP A 44 -3.47 -10.41 -0.45
N ALA A 45 -4.67 -10.98 -0.68
CA ALA A 45 -5.90 -10.69 0.11
C ALA A 45 -5.69 -10.87 1.63
N ALA A 46 -4.86 -11.87 2.00
CA ALA A 46 -4.53 -12.20 3.41
C ALA A 46 -3.92 -11.00 4.18
N PHE A 47 -3.05 -10.26 3.47
CA PHE A 47 -2.32 -9.11 4.05
C PHE A 47 -3.30 -7.97 4.40
N LEU A 48 -4.29 -7.77 3.53
CA LEU A 48 -5.34 -6.76 3.72
C LEU A 48 -6.35 -7.24 4.77
N ARG A 49 -6.52 -8.54 4.89
CA ARG A 49 -7.35 -9.15 5.95
C ARG A 49 -6.61 -9.11 7.31
N HIS A 50 -5.27 -8.92 7.28
CA HIS A 50 -4.44 -8.72 8.50
C HIS A 50 -4.53 -7.26 8.99
N TRP A 51 -4.46 -6.29 8.06
CA TRP A 51 -4.46 -4.84 8.40
C TRP A 51 -5.83 -4.17 8.21
N LYS A 52 -6.87 -4.99 7.90
CA LYS A 52 -8.28 -4.54 7.76
C LYS A 52 -8.50 -3.62 6.54
N LEU A 53 -7.60 -3.76 5.54
CA LEU A 53 -7.66 -3.02 4.28
C LEU A 53 -8.48 -3.80 3.20
N THR A 54 -9.13 -4.91 3.62
CA THR A 54 -9.86 -5.82 2.69
C THR A 54 -11.31 -5.35 2.40
N GLY A 55 -11.76 -4.28 3.09
CA GLY A 55 -13.11 -3.72 2.88
C GLY A 55 -13.12 -2.61 1.83
N THR A 56 -14.16 -1.75 1.89
CA THR A 56 -14.21 -0.50 1.09
C THR A 56 -13.29 0.56 1.73
N ASN A 57 -12.38 1.13 0.91
CA ASN A 57 -11.29 2.04 1.37
C ASN A 57 -11.82 3.24 2.15
N LYS A 58 -13.07 3.65 1.88
CA LYS A 58 -13.78 4.72 2.61
C LYS A 58 -13.88 4.38 4.11
N SER A 59 -14.46 3.22 4.40
CA SER A 59 -14.76 2.78 5.77
C SER A 59 -13.48 2.39 6.51
N ILE A 60 -12.47 1.94 5.75
CA ILE A 60 -11.15 1.58 6.31
C ILE A 60 -10.44 2.85 6.82
N ARG A 61 -10.40 3.91 6.00
CA ARG A 61 -9.74 5.18 6.38
C ARG A 61 -10.59 6.00 7.37
N LYS A 62 -11.89 5.67 7.49
CA LYS A 62 -12.80 6.33 8.43
C LYS A 62 -12.77 5.68 9.82
N ASN A 63 -12.64 4.34 9.87
CA ASN A 63 -12.62 3.57 11.15
C ASN A 63 -11.17 3.34 11.65
N ARG A 64 -10.28 2.95 10.73
CA ARG A 64 -8.84 2.75 11.04
C ARG A 64 -8.09 4.08 10.86
N ASN A 65 -7.05 4.29 11.66
CA ASN A 65 -6.24 5.52 11.65
C ASN A 65 -5.08 5.42 10.64
N CYS A 66 -4.39 6.56 10.42
CA CYS A 66 -3.17 6.62 9.61
C CYS A 66 -2.09 5.67 10.17
N SER A 67 -2.08 5.50 11.51
CA SER A 67 -1.13 4.63 12.24
C SER A 67 -1.10 3.19 11.67
N GLN A 68 -2.31 2.63 11.41
CA GLN A 68 -2.47 1.28 10.82
C GLN A 68 -1.84 1.22 9.43
N LEU A 69 -2.09 2.29 8.67
CA LEU A 69 -1.66 2.42 7.27
C LEU A 69 -0.13 2.60 7.15
N ILE A 70 0.50 3.29 8.12
CA ILE A 70 1.96 3.46 8.15
C ILE A 70 2.61 2.10 8.42
N ALA A 71 2.12 1.44 9.48
CA ALA A 71 2.60 0.12 9.92
C ALA A 71 2.36 -0.97 8.86
N ALA A 72 1.26 -0.82 8.12
CA ALA A 72 0.89 -1.72 7.01
C ALA A 72 1.91 -1.62 5.86
N TYR A 73 2.11 -0.37 5.35
CA TYR A 73 3.06 -0.10 4.24
C TYR A 73 4.51 -0.44 4.68
N LYS A 74 4.77 -0.19 5.97
CA LYS A 74 6.09 -0.38 6.57
C LYS A 74 6.45 -1.86 6.53
N ASP A 75 5.58 -2.67 7.17
CA ASP A 75 5.71 -4.13 7.25
C ASP A 75 5.76 -4.75 5.84
N PHE A 76 5.07 -4.13 4.88
CA PHE A 76 5.00 -4.58 3.48
C PHE A 76 6.40 -4.51 2.80
N CYS A 77 7.04 -3.33 2.90
CA CYS A 77 8.39 -3.09 2.34
C CYS A 77 9.45 -3.93 3.07
N GLU A 78 9.27 -4.08 4.39
CA GLU A 78 10.15 -4.89 5.25
C GLU A 78 9.90 -6.40 5.05
N HIS A 79 8.68 -6.73 4.58
CA HIS A 79 8.28 -8.13 4.24
C HIS A 79 9.09 -8.60 3.03
N GLY A 80 9.31 -7.67 2.08
CA GLY A 80 10.13 -7.96 0.90
C GLY A 80 9.28 -8.33 -0.29
N THR A 81 8.19 -7.55 -0.46
CA THR A 81 7.10 -7.79 -1.43
C THR A 81 7.59 -8.24 -2.83
N LYS A 82 6.87 -9.25 -3.36
CA LYS A 82 7.15 -9.90 -4.65
C LYS A 82 6.36 -9.23 -5.80
N SER A 83 5.86 -7.99 -5.56
CA SER A 83 5.07 -7.21 -6.53
C SER A 83 5.87 -6.86 -7.80
N GLY A 84 7.20 -6.88 -7.68
CA GLY A 84 8.11 -6.50 -8.77
C GLY A 84 8.96 -5.29 -8.42
N LEU A 85 8.99 -4.94 -7.12
CA LEU A 85 9.79 -3.82 -6.59
C LEU A 85 11.26 -4.25 -6.44
N ASN A 86 11.96 -4.36 -7.57
CA ASN A 86 13.38 -4.75 -7.64
C ASN A 86 14.18 -3.53 -8.14
N GLN A 87 14.26 -2.49 -7.28
CA GLN A 87 15.03 -1.27 -7.58
C GLN A 87 16.53 -1.57 -7.39
N GLY A 88 17.17 -1.96 -8.49
CA GLY A 88 18.56 -2.40 -8.51
C GLY A 88 19.04 -2.68 -9.93
N MET A 1 -12.11 -16.08 -14.82
CA MET A 1 -11.16 -15.42 -15.76
C MET A 1 -9.83 -15.07 -15.05
N LYS A 2 -8.94 -14.30 -15.75
CA LYS A 2 -7.59 -13.96 -15.26
C LYS A 2 -7.68 -12.87 -14.17
N ASP A 3 -7.75 -13.32 -12.89
CA ASP A 3 -8.01 -12.42 -11.74
C ASP A 3 -6.73 -12.07 -10.95
N SER A 4 -5.92 -13.11 -10.69
CA SER A 4 -4.74 -12.98 -9.82
C SER A 4 -3.68 -12.04 -10.44
N ASP A 5 -3.42 -12.24 -11.73
CA ASP A 5 -2.46 -11.42 -12.52
C ASP A 5 -3.02 -10.01 -12.82
N LYS A 6 -4.33 -9.82 -12.64
CA LYS A 6 -5.00 -8.52 -12.86
C LYS A 6 -4.51 -7.49 -11.82
N GLU A 7 -4.53 -7.91 -10.54
CA GLU A 7 -4.03 -7.10 -9.41
C GLU A 7 -2.50 -7.21 -9.29
N LYS A 8 -1.95 -8.39 -9.65
CA LYS A 8 -0.48 -8.66 -9.64
C LYS A 8 0.17 -8.24 -10.99
N GLU A 9 -0.45 -7.30 -11.73
CA GLU A 9 0.11 -6.80 -13.01
C GLU A 9 1.23 -5.78 -12.77
N ASN A 10 2.23 -5.77 -13.67
CA ASN A 10 3.34 -4.80 -13.65
C ASN A 10 2.80 -3.39 -13.96
N GLY A 11 3.41 -2.36 -13.33
CA GLY A 11 2.87 -1.00 -13.32
C GLY A 11 2.52 -0.56 -11.90
N LYS A 12 3.34 -1.05 -10.95
CA LYS A 12 3.23 -0.73 -9.52
C LYS A 12 3.58 0.76 -9.27
N MET A 13 2.56 1.62 -9.39
CA MET A 13 2.71 3.08 -9.20
C MET A 13 2.76 3.40 -7.70
N GLY A 14 3.32 4.56 -7.35
CA GLY A 14 3.25 5.07 -5.99
C GLY A 14 4.01 4.23 -4.98
N CYS A 15 5.24 3.87 -5.31
CA CYS A 15 6.16 3.22 -4.36
C CYS A 15 6.90 4.31 -3.57
N TRP A 16 6.24 4.82 -2.51
CA TRP A 16 6.72 5.97 -1.72
C TRP A 16 7.72 5.50 -0.65
N SER A 17 8.40 6.47 0.00
CA SER A 17 9.22 6.19 1.18
C SER A 17 8.34 6.21 2.44
N ILE A 18 8.83 5.58 3.52
CA ILE A 18 8.09 5.47 4.81
C ILE A 18 7.69 6.86 5.34
N GLU A 19 8.63 7.81 5.26
CA GLU A 19 8.46 9.17 5.76
C GLU A 19 7.48 9.99 4.89
N HIS A 20 7.47 9.73 3.57
CA HIS A 20 6.50 10.38 2.66
C HIS A 20 5.08 9.90 2.98
N VAL A 21 4.96 8.59 3.24
CA VAL A 21 3.71 7.96 3.66
C VAL A 21 3.18 8.62 4.93
N GLU A 22 3.96 8.52 6.03
CA GLU A 22 3.51 8.91 7.39
C GLU A 22 3.20 10.42 7.50
N GLN A 23 4.06 11.26 6.89
CA GLN A 23 3.95 12.72 7.01
C GLN A 23 2.86 13.30 6.10
N TYR A 24 2.65 12.68 4.92
CA TYR A 24 1.63 13.15 3.96
C TYR A 24 0.30 12.38 4.10
N LEU A 25 0.24 11.32 4.94
CA LEU A 25 -1.00 10.53 5.16
C LEU A 25 -2.13 11.43 5.69
N GLY A 26 -3.23 11.49 4.91
CA GLY A 26 -4.41 12.25 5.28
C GLY A 26 -4.57 13.55 4.51
N THR A 27 -3.58 13.89 3.66
CA THR A 27 -3.62 15.11 2.83
C THR A 27 -4.24 14.81 1.46
N ASP A 28 -4.31 15.83 0.60
CA ASP A 28 -4.72 15.69 -0.81
C ASP A 28 -3.59 15.07 -1.65
N GLU A 29 -2.34 15.27 -1.18
CA GLU A 29 -1.12 14.79 -1.87
C GLU A 29 -0.94 13.28 -1.69
N LEU A 30 -1.22 12.80 -0.46
CA LEU A 30 -1.17 11.36 -0.15
C LEU A 30 -2.39 11.04 0.73
N PRO A 31 -3.57 10.73 0.11
CA PRO A 31 -4.75 10.25 0.85
C PRO A 31 -4.50 8.90 1.54
N LYS A 32 -5.25 8.67 2.63
CA LYS A 32 -5.28 7.36 3.32
C LYS A 32 -5.71 6.26 2.34
N ASN A 33 -6.69 6.63 1.47
CA ASN A 33 -7.25 5.72 0.46
C ASN A 33 -6.14 5.13 -0.43
N ASP A 34 -5.30 6.03 -0.99
CA ASP A 34 -4.24 5.67 -1.96
C ASP A 34 -3.18 4.74 -1.37
N LEU A 35 -2.94 4.86 -0.06
CA LEU A 35 -2.05 3.95 0.69
C LEU A 35 -2.67 2.53 0.72
N ILE A 36 -3.93 2.48 1.19
CA ILE A 36 -4.75 1.24 1.25
C ILE A 36 -4.87 0.59 -0.16
N THR A 37 -4.92 1.47 -1.19
CA THR A 37 -5.03 1.09 -2.60
C THR A 37 -3.76 0.38 -3.08
N TYR A 38 -2.59 1.00 -2.83
CA TYR A 38 -1.27 0.43 -3.21
C TYR A 38 -1.12 -0.98 -2.61
N LEU A 39 -1.51 -1.11 -1.33
CA LEU A 39 -1.43 -2.37 -0.59
C LEU A 39 -2.34 -3.44 -1.21
N GLN A 40 -3.61 -3.12 -1.52
CA GLN A 40 -4.54 -4.13 -2.09
C GLN A 40 -4.22 -4.47 -3.55
N LYS A 41 -3.46 -3.59 -4.23
CA LYS A 41 -2.97 -3.84 -5.60
C LYS A 41 -1.79 -4.83 -5.56
N ASN A 42 -0.74 -4.49 -4.79
CA ASN A 42 0.53 -5.25 -4.77
C ASN A 42 0.47 -6.49 -3.83
N ALA A 43 -0.19 -6.34 -2.68
CA ALA A 43 -0.33 -7.44 -1.69
C ALA A 43 -1.46 -8.39 -2.07
N ASP A 44 -1.29 -9.64 -1.63
CA ASP A 44 -2.30 -10.70 -1.75
C ASP A 44 -3.42 -10.46 -0.74
N ALA A 45 -4.60 -11.02 -1.01
CA ALA A 45 -5.85 -10.74 -0.25
C ALA A 45 -5.68 -10.98 1.27
N ALA A 46 -4.82 -11.95 1.63
CA ALA A 46 -4.52 -12.31 3.04
C ALA A 46 -3.99 -11.12 3.86
N PHE A 47 -3.16 -10.29 3.23
CA PHE A 47 -2.49 -9.14 3.87
C PHE A 47 -3.51 -8.05 4.23
N LEU A 48 -4.50 -7.87 3.34
CA LEU A 48 -5.57 -6.88 3.54
C LEU A 48 -6.56 -7.37 4.60
N ARG A 49 -6.79 -8.70 4.61
CA ARG A 49 -7.62 -9.35 5.64
C ARG A 49 -6.92 -9.29 7.02
N HIS A 50 -5.57 -9.18 7.00
CA HIS A 50 -4.77 -9.00 8.23
C HIS A 50 -5.00 -7.59 8.79
N TRP A 51 -4.65 -6.56 8.00
CA TRP A 51 -4.68 -5.14 8.45
C TRP A 51 -6.08 -4.50 8.32
N LYS A 52 -7.11 -5.33 8.03
CA LYS A 52 -8.55 -4.91 7.97
C LYS A 52 -8.80 -3.98 6.76
N LEU A 53 -7.91 -4.06 5.77
CA LEU A 53 -8.01 -3.31 4.49
C LEU A 53 -8.83 -4.10 3.44
N THR A 54 -9.41 -5.24 3.87
CA THR A 54 -10.24 -6.12 2.99
C THR A 54 -11.66 -5.54 2.74
N GLY A 55 -12.04 -4.49 3.50
CA GLY A 55 -13.34 -3.80 3.32
C GLY A 55 -13.31 -2.77 2.19
N THR A 56 -14.28 -1.84 2.18
CA THR A 56 -14.29 -0.69 1.25
C THR A 56 -13.37 0.41 1.81
N ASN A 57 -12.44 0.90 0.96
CA ASN A 57 -11.37 1.87 1.33
C ASN A 57 -11.89 3.10 2.08
N LYS A 58 -13.15 3.48 1.82
CA LYS A 58 -13.81 4.63 2.47
C LYS A 58 -14.04 4.35 3.97
N SER A 59 -14.68 3.21 4.27
CA SER A 59 -14.91 2.75 5.65
C SER A 59 -13.56 2.54 6.38
N ILE A 60 -12.60 1.93 5.67
CA ILE A 60 -11.27 1.60 6.22
C ILE A 60 -10.53 2.89 6.66
N ARG A 61 -10.48 3.90 5.78
CA ARG A 61 -9.74 5.15 6.04
C ARG A 61 -10.43 5.99 7.15
N LYS A 62 -11.75 5.78 7.34
CA LYS A 62 -12.50 6.39 8.45
C LYS A 62 -12.27 5.65 9.78
N ASN A 63 -12.07 4.33 9.70
CA ASN A 63 -11.92 3.44 10.89
C ASN A 63 -10.44 3.27 11.30
N ARG A 64 -9.53 3.51 10.35
CA ARG A 64 -8.08 3.32 10.50
C ARG A 64 -7.37 4.62 10.15
N ASN A 65 -6.75 5.25 11.15
CA ASN A 65 -5.96 6.47 10.98
C ASN A 65 -4.57 6.15 10.40
N CYS A 66 -3.73 7.20 10.29
CA CYS A 66 -2.37 7.12 9.73
C CYS A 66 -1.56 5.95 10.32
N SER A 67 -1.57 5.83 11.66
CA SER A 67 -0.75 4.85 12.42
C SER A 67 -0.84 3.41 11.86
N GLN A 68 -2.07 2.98 11.54
CA GLN A 68 -2.34 1.62 11.02
C GLN A 68 -1.76 1.44 9.61
N LEU A 69 -1.87 2.49 8.80
CA LEU A 69 -1.42 2.51 7.40
C LEU A 69 0.11 2.64 7.29
N ILE A 70 0.74 3.33 8.28
CA ILE A 70 2.21 3.47 8.36
C ILE A 70 2.79 2.09 8.69
N ALA A 71 2.19 1.47 9.71
CA ALA A 71 2.55 0.11 10.17
C ALA A 71 2.38 -0.91 9.04
N ALA A 72 1.25 -0.83 8.35
CA ALA A 72 0.91 -1.72 7.22
C ALA A 72 1.89 -1.59 6.03
N TYR A 73 2.20 -0.33 5.64
CA TYR A 73 3.09 -0.05 4.48
C TYR A 73 4.53 -0.47 4.78
N LYS A 74 5.00 -0.15 6.00
CA LYS A 74 6.33 -0.58 6.49
C LYS A 74 6.42 -2.10 6.45
N ASP A 75 5.46 -2.75 7.13
CA ASP A 75 5.40 -4.21 7.28
C ASP A 75 5.42 -4.93 5.92
N PHE A 76 4.78 -4.30 4.92
CA PHE A 76 4.72 -4.81 3.54
C PHE A 76 6.10 -4.73 2.84
N CYS A 77 6.71 -3.54 2.88
CA CYS A 77 8.02 -3.25 2.25
C CYS A 77 9.16 -4.01 2.95
N GLU A 78 8.98 -4.27 4.25
CA GLU A 78 9.92 -5.03 5.07
C GLU A 78 9.70 -6.54 4.89
N HIS A 79 8.44 -6.93 4.57
CA HIS A 79 8.07 -8.33 4.27
C HIS A 79 8.79 -8.78 2.99
N GLY A 80 8.98 -7.84 2.05
CA GLY A 80 9.79 -8.10 0.87
C GLY A 80 8.99 -8.72 -0.24
N THR A 81 7.77 -8.17 -0.45
CA THR A 81 6.80 -8.61 -1.47
C THR A 81 7.45 -8.86 -2.85
N LYS A 82 7.00 -9.94 -3.51
CA LYS A 82 7.50 -10.36 -4.83
C LYS A 82 6.56 -9.84 -5.93
N SER A 83 5.83 -8.74 -5.63
CA SER A 83 4.92 -8.07 -6.58
C SER A 83 5.73 -7.09 -7.46
N GLY A 84 6.72 -7.64 -8.19
CA GLY A 84 7.58 -6.87 -9.08
C GLY A 84 8.74 -6.17 -8.37
N LEU A 85 8.56 -5.82 -7.06
CA LEU A 85 9.55 -5.06 -6.27
C LEU A 85 10.85 -5.87 -6.08
N ASN A 86 11.78 -5.70 -7.03
CA ASN A 86 13.14 -6.25 -6.97
C ASN A 86 14.11 -5.08 -6.81
N GLN A 87 14.27 -4.64 -5.55
CA GLN A 87 15.08 -3.47 -5.20
C GLN A 87 16.57 -3.88 -5.18
N GLY A 88 17.40 -3.11 -5.89
CA GLY A 88 18.84 -3.38 -5.98
C GLY A 88 19.16 -4.30 -7.16
N MET A 1 8.97 -11.47 -28.02
CA MET A 1 8.01 -11.79 -26.93
C MET A 1 8.53 -11.27 -25.57
N LYS A 2 7.62 -10.68 -24.76
CA LYS A 2 7.93 -10.19 -23.41
C LYS A 2 7.53 -11.25 -22.37
N ASP A 3 8.53 -11.99 -21.84
CA ASP A 3 8.31 -13.08 -20.86
C ASP A 3 8.61 -12.63 -19.42
N SER A 4 9.34 -11.50 -19.28
CA SER A 4 9.84 -11.02 -17.98
C SER A 4 8.74 -10.44 -17.07
N ASP A 5 7.54 -10.18 -17.65
CA ASP A 5 6.36 -9.60 -16.93
C ASP A 5 5.98 -10.42 -15.68
N LYS A 6 6.35 -11.71 -15.69
CA LYS A 6 6.12 -12.66 -14.59
C LYS A 6 6.72 -12.14 -13.25
N GLU A 7 7.96 -11.61 -13.30
CA GLU A 7 8.66 -11.05 -12.11
C GLU A 7 8.88 -9.52 -12.27
N LYS A 8 8.34 -8.94 -13.35
CA LYS A 8 8.38 -7.50 -13.64
C LYS A 8 6.94 -7.02 -13.86
N GLU A 9 6.20 -6.83 -12.74
CA GLU A 9 4.79 -6.41 -12.77
C GLU A 9 4.67 -4.95 -13.21
N ASN A 10 3.76 -4.69 -14.15
CA ASN A 10 3.52 -3.35 -14.72
C ASN A 10 2.51 -2.60 -13.84
N GLY A 11 2.57 -1.26 -13.88
CA GLY A 11 1.80 -0.44 -12.95
C GLY A 11 2.66 0.11 -11.83
N LYS A 12 3.88 0.56 -12.21
CA LYS A 12 4.83 1.21 -11.28
C LYS A 12 4.25 2.56 -10.80
N MET A 13 3.46 2.45 -9.71
CA MET A 13 2.82 3.58 -9.04
C MET A 13 2.99 3.40 -7.54
N GLY A 14 3.06 4.53 -6.81
CA GLY A 14 2.97 4.52 -5.35
C GLY A 14 4.16 3.90 -4.62
N CYS A 15 5.33 3.91 -5.25
CA CYS A 15 6.57 3.44 -4.60
C CYS A 15 7.18 4.61 -3.79
N TRP A 16 6.57 4.88 -2.60
CA TRP A 16 6.95 6.02 -1.74
C TRP A 16 8.02 5.60 -0.71
N SER A 17 8.68 6.60 -0.10
CA SER A 17 9.50 6.41 1.10
C SER A 17 8.58 6.32 2.34
N ILE A 18 9.08 5.68 3.43
CA ILE A 18 8.29 5.49 4.68
C ILE A 18 7.87 6.86 5.28
N GLU A 19 8.82 7.82 5.28
CA GLU A 19 8.56 9.18 5.80
C GLU A 19 7.55 9.94 4.93
N HIS A 20 7.56 9.68 3.61
CA HIS A 20 6.58 10.30 2.68
C HIS A 20 5.16 9.81 3.05
N VAL A 21 5.06 8.49 3.29
CA VAL A 21 3.82 7.84 3.72
C VAL A 21 3.30 8.49 5.03
N GLU A 22 4.08 8.37 6.11
CA GLU A 22 3.64 8.74 7.48
C GLU A 22 3.31 10.25 7.60
N GLN A 23 4.15 11.10 6.99
CA GLN A 23 4.04 12.57 7.14
C GLN A 23 2.91 13.13 6.26
N TYR A 24 2.76 12.58 5.04
CA TYR A 24 1.76 13.06 4.06
C TYR A 24 0.41 12.31 4.23
N LEU A 25 0.35 11.24 5.06
CA LEU A 25 -0.91 10.48 5.32
C LEU A 25 -2.00 11.39 5.94
N GLY A 26 -3.10 11.55 5.19
CA GLY A 26 -4.25 12.37 5.62
C GLY A 26 -4.39 13.66 4.79
N THR A 27 -3.31 14.02 4.05
CA THR A 27 -3.29 15.27 3.25
C THR A 27 -3.84 15.02 1.84
N ASP A 28 -3.92 16.10 1.04
CA ASP A 28 -4.35 16.04 -0.36
C ASP A 28 -3.33 15.27 -1.23
N GLU A 29 -2.03 15.44 -0.90
CA GLU A 29 -0.91 14.84 -1.65
C GLU A 29 -0.90 13.30 -1.50
N LEU A 30 -1.11 12.82 -0.26
CA LEU A 30 -1.18 11.38 0.06
C LEU A 30 -2.41 11.14 0.96
N PRO A 31 -3.61 10.91 0.36
CA PRO A 31 -4.80 10.52 1.14
C PRO A 31 -4.65 9.08 1.66
N LYS A 32 -5.39 8.75 2.73
CA LYS A 32 -5.41 7.39 3.31
C LYS A 32 -5.70 6.35 2.24
N ASN A 33 -6.75 6.64 1.45
CA ASN A 33 -7.30 5.74 0.43
C ASN A 33 -6.21 5.28 -0.58
N ASP A 34 -5.30 6.22 -0.94
CA ASP A 34 -4.21 5.97 -1.92
C ASP A 34 -3.20 4.93 -1.39
N LEU A 35 -2.88 5.03 -0.09
CA LEU A 35 -2.01 4.06 0.62
C LEU A 35 -2.69 2.66 0.61
N ILE A 36 -3.96 2.66 1.05
CA ILE A 36 -4.82 1.45 1.12
C ILE A 36 -4.91 0.78 -0.27
N THR A 37 -4.98 1.63 -1.32
CA THR A 37 -5.06 1.20 -2.72
C THR A 37 -3.79 0.44 -3.14
N TYR A 38 -2.59 1.04 -2.91
CA TYR A 38 -1.29 0.40 -3.24
C TYR A 38 -1.19 -0.99 -2.60
N LEU A 39 -1.54 -1.06 -1.31
CA LEU A 39 -1.44 -2.32 -0.53
C LEU A 39 -2.38 -3.41 -1.08
N GLN A 40 -3.63 -3.07 -1.41
CA GLN A 40 -4.61 -4.07 -1.91
C GLN A 40 -4.37 -4.43 -3.38
N LYS A 41 -3.61 -3.59 -4.11
CA LYS A 41 -3.20 -3.89 -5.49
C LYS A 41 -1.98 -4.83 -5.52
N ASN A 42 -0.95 -4.50 -4.73
CA ASN A 42 0.37 -5.16 -4.83
C ASN A 42 0.53 -6.36 -3.86
N ALA A 43 -0.26 -6.37 -2.76
CA ALA A 43 -0.26 -7.50 -1.79
C ALA A 43 -1.40 -8.48 -2.11
N ASP A 44 -1.26 -9.71 -1.57
CA ASP A 44 -2.33 -10.72 -1.60
C ASP A 44 -3.41 -10.36 -0.58
N ALA A 45 -4.63 -10.90 -0.79
CA ALA A 45 -5.83 -10.53 0.00
C ALA A 45 -5.63 -10.76 1.51
N ALA A 46 -4.82 -11.78 1.84
CA ALA A 46 -4.49 -12.17 3.24
C ALA A 46 -3.89 -11.01 4.05
N PHE A 47 -3.04 -10.21 3.39
CA PHE A 47 -2.33 -9.07 4.00
C PHE A 47 -3.34 -8.00 4.44
N LEU A 48 -4.33 -7.77 3.57
CA LEU A 48 -5.41 -6.81 3.82
C LEU A 48 -6.40 -7.38 4.86
N ARG A 49 -6.53 -8.71 4.90
CA ARG A 49 -7.35 -9.41 5.92
C ARG A 49 -6.68 -9.36 7.30
N HIS A 50 -5.35 -9.16 7.31
CA HIS A 50 -4.57 -8.98 8.56
C HIS A 50 -4.72 -7.53 9.08
N TRP A 51 -4.48 -6.54 8.20
CA TRP A 51 -4.51 -5.10 8.57
C TRP A 51 -5.92 -4.48 8.42
N LYS A 52 -6.92 -5.34 8.10
CA LYS A 52 -8.36 -4.99 8.04
C LYS A 52 -8.67 -4.02 6.87
N LEU A 53 -7.78 -4.02 5.86
CA LEU A 53 -7.94 -3.22 4.61
C LEU A 53 -8.73 -4.02 3.55
N THR A 54 -9.20 -5.23 3.94
CA THR A 54 -9.96 -6.15 3.07
C THR A 54 -11.41 -5.67 2.80
N GLY A 55 -11.91 -4.79 3.69
CA GLY A 55 -13.28 -4.25 3.58
C GLY A 55 -13.44 -3.23 2.46
N THR A 56 -14.55 -2.47 2.48
CA THR A 56 -14.78 -1.38 1.54
C THR A 56 -13.95 -0.15 1.97
N ASN A 57 -13.20 0.44 1.01
CA ASN A 57 -12.23 1.53 1.27
C ASN A 57 -12.85 2.74 1.97
N LYS A 58 -14.17 2.93 1.82
CA LYS A 58 -14.94 4.00 2.50
C LYS A 58 -14.82 3.84 4.04
N SER A 59 -15.14 2.63 4.52
CA SER A 59 -15.09 2.26 5.94
C SER A 59 -13.64 2.33 6.47
N ILE A 60 -12.68 1.96 5.60
CA ILE A 60 -11.25 1.88 5.97
C ILE A 60 -10.65 3.30 6.10
N ARG A 61 -10.99 4.20 5.18
CA ARG A 61 -10.44 5.59 5.16
C ARG A 61 -11.10 6.44 6.26
N LYS A 62 -12.26 6.01 6.79
CA LYS A 62 -12.86 6.68 7.97
C LYS A 62 -12.30 6.13 9.29
N ASN A 63 -12.34 4.79 9.44
CA ASN A 63 -12.02 4.10 10.71
C ASN A 63 -10.50 4.05 10.96
N ARG A 64 -9.78 3.62 9.93
CA ARG A 64 -8.30 3.54 9.97
C ARG A 64 -7.75 4.93 9.60
N ASN A 65 -6.65 5.32 10.23
CA ASN A 65 -6.01 6.64 10.04
C ASN A 65 -4.53 6.42 9.64
N CYS A 66 -3.62 7.33 10.08
CA CYS A 66 -2.18 7.21 9.76
C CYS A 66 -1.59 5.88 10.27
N SER A 67 -1.68 5.66 11.59
CA SER A 67 -0.91 4.61 12.32
C SER A 67 -1.00 3.20 11.70
N GLN A 68 -2.24 2.76 11.39
CA GLN A 68 -2.49 1.42 10.81
C GLN A 68 -1.82 1.29 9.42
N LEU A 69 -1.96 2.35 8.63
CA LEU A 69 -1.48 2.40 7.24
C LEU A 69 0.05 2.54 7.17
N ILE A 70 0.66 3.22 8.15
CA ILE A 70 2.13 3.37 8.24
C ILE A 70 2.74 1.99 8.55
N ALA A 71 2.20 1.36 9.61
CA ALA A 71 2.62 0.03 10.08
C ALA A 71 2.46 -1.03 8.98
N ALA A 72 1.36 -0.92 8.22
CA ALA A 72 1.04 -1.85 7.12
C ALA A 72 2.00 -1.70 5.91
N TYR A 73 2.28 -0.43 5.49
CA TYR A 73 3.17 -0.15 4.34
C TYR A 73 4.61 -0.56 4.67
N LYS A 74 5.04 -0.24 5.91
CA LYS A 74 6.35 -0.66 6.43
C LYS A 74 6.45 -2.17 6.41
N ASP A 75 5.47 -2.84 7.03
CA ASP A 75 5.40 -4.31 7.15
C ASP A 75 5.49 -4.98 5.77
N PHE A 76 4.87 -4.37 4.76
CA PHE A 76 4.83 -4.84 3.37
C PHE A 76 6.22 -4.81 2.70
N CYS A 77 6.86 -3.63 2.75
CA CYS A 77 8.18 -3.40 2.14
C CYS A 77 9.29 -4.22 2.86
N GLU A 78 9.16 -4.33 4.19
CA GLU A 78 10.09 -5.11 5.03
C GLU A 78 9.84 -6.63 4.90
N HIS A 79 8.58 -6.99 4.54
CA HIS A 79 8.18 -8.39 4.22
C HIS A 79 8.83 -8.83 2.89
N GLY A 80 9.14 -7.83 2.03
CA GLY A 80 9.96 -8.11 0.84
C GLY A 80 9.10 -8.33 -0.39
N THR A 81 8.11 -7.44 -0.55
CA THR A 81 7.00 -7.56 -1.52
C THR A 81 7.41 -8.08 -2.92
N LYS A 82 6.55 -8.96 -3.46
CA LYS A 82 6.77 -9.67 -4.73
C LYS A 82 6.20 -8.88 -5.94
N SER A 83 5.81 -7.61 -5.70
CA SER A 83 5.18 -6.73 -6.69
C SER A 83 6.16 -6.35 -7.84
N GLY A 84 7.47 -6.56 -7.62
CA GLY A 84 8.48 -6.24 -8.63
C GLY A 84 8.71 -4.74 -8.81
N LEU A 85 8.12 -3.93 -7.91
CA LEU A 85 8.20 -2.46 -7.95
C LEU A 85 9.36 -1.98 -7.03
N ASN A 86 10.51 -2.68 -7.14
CA ASN A 86 11.71 -2.42 -6.32
C ASN A 86 12.59 -1.36 -7.02
N GLN A 87 11.93 -0.28 -7.47
CA GLN A 87 12.55 0.81 -8.25
C GLN A 87 11.81 2.13 -7.94
N GLY A 88 12.53 3.13 -7.43
CA GLY A 88 11.96 4.43 -7.10
C GLY A 88 13.05 5.44 -6.73
N MET A 1 11.70 -10.55 -29.32
CA MET A 1 10.38 -10.43 -28.66
C MET A 1 10.58 -10.14 -27.16
N LYS A 2 10.07 -8.98 -26.70
CA LYS A 2 10.08 -8.59 -25.27
C LYS A 2 8.79 -9.10 -24.60
N ASP A 3 8.74 -10.42 -24.36
CA ASP A 3 7.59 -11.10 -23.74
C ASP A 3 7.83 -11.38 -22.24
N SER A 4 8.96 -10.88 -21.70
CA SER A 4 9.31 -10.98 -20.26
C SER A 4 8.50 -9.99 -19.40
N ASP A 5 7.66 -9.17 -20.06
CA ASP A 5 6.85 -8.10 -19.43
C ASP A 5 5.87 -8.64 -18.36
N LYS A 6 5.52 -9.93 -18.46
CA LYS A 6 4.59 -10.59 -17.52
C LYS A 6 5.17 -10.67 -16.10
N GLU A 7 6.47 -10.95 -16.00
CA GLU A 7 7.20 -10.97 -14.71
C GLU A 7 7.87 -9.61 -14.43
N LYS A 8 8.10 -8.83 -15.51
CA LYS A 8 8.77 -7.51 -15.44
C LYS A 8 7.75 -6.38 -15.73
N GLU A 9 6.55 -6.53 -15.16
CA GLU A 9 5.44 -5.58 -15.34
C GLU A 9 5.82 -4.19 -14.82
N ASN A 10 5.73 -3.21 -15.73
CA ASN A 10 6.04 -1.80 -15.46
C ASN A 10 4.72 -1.03 -15.27
N GLY A 11 4.72 -0.09 -14.33
CA GLY A 11 3.50 0.58 -13.88
C GLY A 11 3.26 0.33 -12.39
N LYS A 12 4.37 0.21 -11.63
CA LYS A 12 4.34 0.12 -10.17
C LYS A 12 4.02 1.50 -9.57
N MET A 13 2.71 1.78 -9.44
CA MET A 13 2.19 3.03 -8.87
C MET A 13 2.63 3.23 -7.42
N GLY A 14 2.82 4.50 -7.03
CA GLY A 14 2.94 4.90 -5.63
C GLY A 14 4.04 4.21 -4.82
N CYS A 15 5.25 4.13 -5.38
CA CYS A 15 6.42 3.63 -4.64
C CYS A 15 7.01 4.78 -3.79
N TRP A 16 6.41 4.99 -2.58
CA TRP A 16 6.82 6.08 -1.67
C TRP A 16 7.87 5.58 -0.68
N SER A 17 8.54 6.52 -0.01
CA SER A 17 9.38 6.22 1.16
C SER A 17 8.48 6.13 2.41
N ILE A 18 8.98 5.48 3.48
CA ILE A 18 8.21 5.28 4.73
C ILE A 18 7.80 6.64 5.33
N GLU A 19 8.76 7.59 5.39
CA GLU A 19 8.52 8.92 5.96
C GLU A 19 7.62 9.77 5.05
N HIS A 20 7.60 9.49 3.73
CA HIS A 20 6.65 10.16 2.81
C HIS A 20 5.22 9.72 3.17
N VAL A 21 5.04 8.39 3.31
CA VAL A 21 3.74 7.79 3.65
C VAL A 21 3.21 8.38 4.96
N GLU A 22 3.99 8.27 6.05
CA GLU A 22 3.54 8.66 7.40
C GLU A 22 3.26 10.18 7.51
N GLN A 23 4.17 11.01 6.97
CA GLN A 23 4.11 12.47 7.12
C GLN A 23 3.07 13.09 6.18
N TYR A 24 2.77 12.41 5.07
CA TYR A 24 1.80 12.90 4.06
C TYR A 24 0.44 12.16 4.16
N LEU A 25 0.34 11.11 5.02
CA LEU A 25 -0.95 10.41 5.25
C LEU A 25 -1.98 11.38 5.84
N GLY A 26 -3.04 11.65 5.07
CA GLY A 26 -4.12 12.55 5.49
C GLY A 26 -4.12 13.88 4.73
N THR A 27 -3.09 14.12 3.89
CA THR A 27 -2.97 15.36 3.11
C THR A 27 -3.60 15.18 1.71
N ASP A 28 -3.79 16.29 0.99
CA ASP A 28 -4.28 16.29 -0.40
C ASP A 28 -3.27 15.58 -1.34
N GLU A 29 -2.00 15.62 -0.96
CA GLU A 29 -0.88 15.05 -1.73
C GLU A 29 -0.91 13.52 -1.67
N LEU A 30 -1.15 13.00 -0.46
CA LEU A 30 -1.19 11.55 -0.19
C LEU A 30 -2.42 11.24 0.68
N PRO A 31 -3.60 10.96 0.05
CA PRO A 31 -4.80 10.54 0.78
C PRO A 31 -4.66 9.09 1.32
N LYS A 32 -5.34 8.82 2.45
CA LYS A 32 -5.41 7.48 3.06
C LYS A 32 -5.94 6.44 2.05
N ASN A 33 -6.90 6.89 1.21
CA ASN A 33 -7.45 6.09 0.09
C ASN A 33 -6.35 5.47 -0.77
N ASP A 34 -5.44 6.34 -1.27
CA ASP A 34 -4.39 5.99 -2.25
C ASP A 34 -3.35 5.00 -1.65
N LEU A 35 -3.05 5.18 -0.35
CA LEU A 35 -2.15 4.27 0.40
C LEU A 35 -2.76 2.85 0.43
N ILE A 36 -3.98 2.77 0.95
CA ILE A 36 -4.74 1.50 1.09
C ILE A 36 -4.93 0.82 -0.28
N THR A 37 -5.15 1.66 -1.32
CA THR A 37 -5.29 1.23 -2.71
C THR A 37 -4.02 0.50 -3.19
N TYR A 38 -2.83 1.10 -2.93
CA TYR A 38 -1.53 0.51 -3.28
C TYR A 38 -1.42 -0.90 -2.70
N LEU A 39 -1.67 -1.00 -1.39
CA LEU A 39 -1.51 -2.28 -0.64
C LEU A 39 -2.47 -3.38 -1.16
N GLN A 40 -3.73 -3.02 -1.49
CA GLN A 40 -4.71 -4.01 -1.98
C GLN A 40 -4.50 -4.33 -3.47
N LYS A 41 -3.76 -3.48 -4.20
CA LYS A 41 -3.34 -3.77 -5.59
C LYS A 41 -2.17 -4.78 -5.62
N ASN A 42 -1.12 -4.51 -4.82
CA ASN A 42 0.13 -5.30 -4.87
C ASN A 42 0.06 -6.56 -3.97
N ALA A 43 -0.41 -6.42 -2.72
CA ALA A 43 -0.50 -7.55 -1.75
C ALA A 43 -1.65 -8.50 -2.06
N ASP A 44 -1.56 -9.71 -1.48
CA ASP A 44 -2.65 -10.71 -1.53
C ASP A 44 -3.69 -10.41 -0.44
N ALA A 45 -4.89 -10.99 -0.61
CA ALA A 45 -6.07 -10.76 0.25
C ALA A 45 -5.75 -10.91 1.75
N ALA A 46 -4.85 -11.84 2.07
CA ALA A 46 -4.44 -12.17 3.45
C ALA A 46 -3.83 -10.96 4.20
N PHE A 47 -3.03 -10.14 3.47
CA PHE A 47 -2.33 -8.98 4.04
C PHE A 47 -3.32 -7.85 4.37
N LEU A 48 -4.37 -7.73 3.53
CA LEU A 48 -5.45 -6.77 3.74
C LEU A 48 -6.36 -7.23 4.90
N ARG A 49 -6.56 -8.54 5.02
CA ARG A 49 -7.28 -9.13 6.18
C ARG A 49 -6.48 -8.92 7.47
N HIS A 50 -5.15 -8.91 7.34
CA HIS A 50 -4.20 -8.70 8.45
C HIS A 50 -4.35 -7.27 9.03
N TRP A 51 -4.25 -6.27 8.15
CA TRP A 51 -4.24 -4.84 8.56
C TRP A 51 -5.64 -4.18 8.49
N LYS A 52 -6.69 -5.02 8.36
CA LYS A 52 -8.12 -4.60 8.39
C LYS A 52 -8.51 -3.79 7.13
N LEU A 53 -7.70 -3.94 6.07
CA LEU A 53 -7.90 -3.28 4.77
C LEU A 53 -8.72 -4.19 3.79
N THR A 54 -9.31 -5.28 4.32
CA THR A 54 -10.09 -6.26 3.52
C THR A 54 -11.50 -5.75 3.11
N GLY A 55 -12.03 -4.77 3.86
CA GLY A 55 -13.38 -4.22 3.60
C GLY A 55 -13.41 -3.19 2.47
N THR A 56 -14.49 -2.39 2.42
CA THR A 56 -14.62 -1.30 1.42
C THR A 56 -13.65 -0.14 1.79
N ASN A 57 -12.81 0.26 0.80
CA ASN A 57 -11.71 1.25 1.00
C ASN A 57 -12.21 2.56 1.63
N LYS A 58 -13.49 2.92 1.35
CA LYS A 58 -14.18 4.08 1.95
C LYS A 58 -14.22 3.99 3.50
N SER A 59 -14.73 2.86 4.00
CA SER A 59 -14.86 2.63 5.46
C SER A 59 -13.47 2.43 6.10
N ILE A 60 -12.49 1.95 5.33
CA ILE A 60 -11.13 1.71 5.85
C ILE A 60 -10.40 3.05 6.08
N ARG A 61 -10.42 3.94 5.09
CA ARG A 61 -9.77 5.27 5.20
C ARG A 61 -10.46 6.13 6.29
N LYS A 62 -11.78 5.94 6.46
CA LYS A 62 -12.56 6.71 7.46
C LYS A 62 -12.41 6.14 8.91
N ASN A 63 -12.37 4.79 9.05
CA ASN A 63 -12.40 4.14 10.38
C ASN A 63 -10.98 3.84 10.91
N ARG A 64 -10.10 3.35 10.02
CA ARG A 64 -8.73 2.96 10.41
C ARG A 64 -7.86 4.20 10.62
N ASN A 65 -7.06 4.15 11.68
CA ASN A 65 -6.14 5.21 12.06
C ASN A 65 -4.92 5.19 11.13
N CYS A 66 -4.26 6.35 10.99
CA CYS A 66 -3.08 6.51 10.11
C CYS A 66 -1.95 5.56 10.53
N SER A 67 -1.80 5.33 11.85
CA SER A 67 -0.75 4.46 12.42
C SER A 67 -0.86 3.01 11.90
N GLN A 68 -2.11 2.53 11.71
CA GLN A 68 -2.37 1.19 11.10
C GLN A 68 -1.84 1.16 9.65
N LEU A 69 -2.07 2.26 8.93
CA LEU A 69 -1.78 2.40 7.50
C LEU A 69 -0.26 2.57 7.25
N ILE A 70 0.42 3.28 8.18
CA ILE A 70 1.88 3.49 8.14
C ILE A 70 2.55 2.13 8.36
N ALA A 71 2.24 1.51 9.51
CA ALA A 71 2.78 0.22 9.93
C ALA A 71 2.51 -0.88 8.88
N ALA A 72 1.35 -0.77 8.20
CA ALA A 72 0.98 -1.63 7.07
C ALA A 72 1.98 -1.51 5.91
N TYR A 73 2.23 -0.27 5.43
CA TYR A 73 3.15 0.00 4.31
C TYR A 73 4.60 -0.39 4.67
N LYS A 74 4.99 -0.11 5.93
CA LYS A 74 6.31 -0.44 6.47
C LYS A 74 6.54 -1.95 6.40
N ASP A 75 5.61 -2.69 7.00
CA ASP A 75 5.67 -4.16 7.11
C ASP A 75 5.70 -4.79 5.72
N PHE A 76 4.99 -4.17 4.77
CA PHE A 76 4.91 -4.62 3.36
C PHE A 76 6.30 -4.58 2.70
N CYS A 77 6.90 -3.37 2.68
CA CYS A 77 8.21 -3.12 2.06
C CYS A 77 9.33 -3.97 2.69
N GLU A 78 9.23 -4.19 4.01
CA GLU A 78 10.22 -4.95 4.79
C GLU A 78 10.03 -6.47 4.63
N HIS A 79 8.76 -6.92 4.54
CA HIS A 79 8.39 -8.36 4.45
C HIS A 79 8.59 -8.89 3.03
N GLY A 80 8.86 -8.00 2.06
CA GLY A 80 9.14 -8.48 0.69
C GLY A 80 7.99 -8.24 -0.26
N THR A 81 7.49 -7.00 -0.26
CA THR A 81 6.38 -6.53 -1.11
C THR A 81 6.45 -7.06 -2.57
N LYS A 82 5.27 -7.41 -3.09
CA LYS A 82 5.11 -7.96 -4.46
C LYS A 82 5.35 -6.90 -5.54
N SER A 83 5.53 -5.65 -5.12
CA SER A 83 6.01 -4.56 -5.99
C SER A 83 7.46 -4.83 -6.45
N GLY A 84 8.20 -5.64 -5.65
CA GLY A 84 9.62 -5.89 -5.86
C GLY A 84 10.48 -4.70 -5.46
N LEU A 85 9.88 -3.78 -4.67
CA LEU A 85 10.48 -2.50 -4.32
C LEU A 85 10.62 -2.41 -2.79
N ASN A 86 11.77 -2.88 -2.27
CA ASN A 86 12.08 -2.89 -0.82
C ASN A 86 12.61 -1.51 -0.35
N GLN A 87 12.52 -0.50 -1.23
CA GLN A 87 12.94 0.88 -0.95
C GLN A 87 11.91 1.57 -0.05
N GLY A 88 12.41 2.34 0.92
CA GLY A 88 11.59 3.04 1.89
C GLY A 88 12.44 3.84 2.88
N MET A 1 11.53 15.26 -22.19
CA MET A 1 11.94 13.97 -21.59
C MET A 1 11.59 13.95 -20.10
N LYS A 2 11.07 12.80 -19.61
CA LYS A 2 10.82 12.58 -18.18
C LYS A 2 11.01 11.08 -17.85
N ASP A 3 12.17 10.77 -17.24
CA ASP A 3 12.57 9.40 -16.86
C ASP A 3 11.85 8.96 -15.56
N SER A 4 11.30 9.94 -14.80
CA SER A 4 10.52 9.70 -13.56
C SER A 4 9.17 9.00 -13.86
N ASP A 5 8.80 8.98 -15.15
CA ASP A 5 7.63 8.24 -15.66
C ASP A 5 7.83 6.71 -15.53
N LYS A 6 9.09 6.28 -15.27
CA LYS A 6 9.44 4.88 -14.97
C LYS A 6 8.78 4.39 -13.65
N GLU A 7 8.80 5.24 -12.61
CA GLU A 7 8.15 4.92 -11.31
C GLU A 7 6.68 5.36 -11.31
N LYS A 8 6.28 6.13 -12.34
CA LYS A 8 4.89 6.54 -12.58
C LYS A 8 4.26 5.70 -13.70
N GLU A 9 4.85 4.51 -13.95
CA GLU A 9 4.50 3.62 -15.08
C GLU A 9 3.11 2.97 -14.88
N ASN A 10 2.55 2.45 -15.99
CA ASN A 10 1.26 1.74 -16.01
C ASN A 10 1.29 0.53 -15.06
N GLY A 11 0.29 0.49 -14.17
CA GLY A 11 0.15 -0.53 -13.12
C GLY A 11 1.09 -0.30 -11.92
N LYS A 12 2.40 -0.22 -12.20
CA LYS A 12 3.42 0.04 -11.18
C LYS A 12 3.68 1.55 -11.02
N MET A 13 2.87 2.18 -10.17
CA MET A 13 3.07 3.56 -9.71
C MET A 13 2.97 3.57 -8.17
N GLY A 14 3.26 4.71 -7.56
CA GLY A 14 3.05 4.89 -6.11
C GLY A 14 4.08 4.18 -5.24
N CYS A 15 5.27 3.97 -5.78
CA CYS A 15 6.39 3.40 -5.02
C CYS A 15 7.03 4.52 -4.17
N TRP A 16 6.55 4.67 -2.91
CA TRP A 16 7.01 5.73 -1.99
C TRP A 16 8.04 5.16 -0.99
N SER A 17 8.53 6.05 -0.11
CA SER A 17 9.32 5.66 1.07
C SER A 17 8.41 5.66 2.31
N ILE A 18 8.92 5.12 3.43
CA ILE A 18 8.19 5.06 4.72
C ILE A 18 7.80 6.48 5.17
N GLU A 19 8.77 7.41 5.04
CA GLU A 19 8.62 8.80 5.49
C GLU A 19 7.66 9.61 4.61
N HIS A 20 7.62 9.32 3.29
CA HIS A 20 6.65 9.97 2.38
C HIS A 20 5.23 9.58 2.79
N VAL A 21 5.05 8.29 3.04
CA VAL A 21 3.77 7.73 3.50
C VAL A 21 3.30 8.43 4.76
N GLU A 22 4.09 8.36 5.84
CA GLU A 22 3.69 8.84 7.17
C GLU A 22 3.44 10.37 7.21
N GLN A 23 4.33 11.16 6.57
CA GLN A 23 4.30 12.62 6.64
C GLN A 23 3.19 13.22 5.76
N TYR A 24 2.95 12.60 4.59
CA TYR A 24 1.94 13.10 3.62
C TYR A 24 0.56 12.43 3.86
N LEU A 25 0.49 11.37 4.71
CA LEU A 25 -0.79 10.67 5.03
C LEU A 25 -1.84 11.63 5.64
N GLY A 26 -2.92 11.86 4.88
CA GLY A 26 -4.00 12.77 5.29
C GLY A 26 -4.20 13.93 4.32
N THR A 27 -3.13 14.31 3.61
CA THR A 27 -3.15 15.40 2.62
C THR A 27 -3.76 14.89 1.29
N ASP A 28 -3.93 15.79 0.30
CA ASP A 28 -4.35 15.39 -1.05
C ASP A 28 -3.15 14.76 -1.81
N GLU A 29 -1.91 15.10 -1.37
CA GLU A 29 -0.68 14.49 -1.90
C GLU A 29 -0.70 12.97 -1.69
N LEU A 30 -0.99 12.56 -0.45
CA LEU A 30 -1.09 11.14 -0.08
C LEU A 30 -2.29 10.97 0.87
N PRO A 31 -3.55 10.85 0.33
CA PRO A 31 -4.73 10.53 1.15
C PRO A 31 -4.65 9.09 1.70
N LYS A 32 -5.35 8.86 2.84
CA LYS A 32 -5.40 7.54 3.49
C LYS A 32 -5.88 6.46 2.50
N ASN A 33 -6.95 6.79 1.76
CA ASN A 33 -7.55 5.91 0.75
C ASN A 33 -6.50 5.41 -0.29
N ASP A 34 -5.59 6.31 -0.69
CA ASP A 34 -4.61 6.05 -1.77
C ASP A 34 -3.51 5.07 -1.31
N LEU A 35 -3.15 5.16 -0.02
CA LEU A 35 -2.20 4.22 0.60
C LEU A 35 -2.83 2.82 0.63
N ILE A 36 -4.09 2.77 1.10
CA ILE A 36 -4.91 1.54 1.15
C ILE A 36 -5.04 0.91 -0.26
N THR A 37 -5.22 1.79 -1.27
CA THR A 37 -5.37 1.42 -2.68
C THR A 37 -4.10 0.73 -3.20
N TYR A 38 -2.93 1.35 -2.97
CA TYR A 38 -1.62 0.79 -3.39
C TYR A 38 -1.41 -0.60 -2.76
N LEU A 39 -1.72 -0.73 -1.46
CA LEU A 39 -1.54 -1.98 -0.70
C LEU A 39 -2.41 -3.12 -1.26
N GLN A 40 -3.67 -2.83 -1.61
CA GLN A 40 -4.59 -3.85 -2.18
C GLN A 40 -4.30 -4.13 -3.67
N LYS A 41 -3.56 -3.21 -4.33
CA LYS A 41 -3.08 -3.43 -5.72
C LYS A 41 -1.83 -4.35 -5.73
N ASN A 42 -0.84 -4.04 -4.88
CA ASN A 42 0.49 -4.69 -4.91
C ASN A 42 0.55 -5.96 -4.05
N ALA A 43 0.04 -5.90 -2.82
CA ALA A 43 0.08 -7.05 -1.88
C ALA A 43 -0.99 -8.09 -2.21
N ASP A 44 -0.82 -9.31 -1.66
CA ASP A 44 -1.83 -10.38 -1.74
C ASP A 44 -2.98 -10.11 -0.76
N ALA A 45 -4.13 -10.75 -1.02
CA ALA A 45 -5.37 -10.53 -0.25
C ALA A 45 -5.18 -10.80 1.25
N ALA A 46 -4.29 -11.76 1.57
CA ALA A 46 -3.92 -12.13 2.97
C ALA A 46 -3.46 -10.91 3.79
N PHE A 47 -2.67 -10.04 3.15
CA PHE A 47 -2.09 -8.85 3.80
C PHE A 47 -3.21 -7.85 4.18
N LEU A 48 -4.17 -7.68 3.26
CA LEU A 48 -5.32 -6.80 3.47
C LEU A 48 -6.30 -7.41 4.47
N ARG A 49 -6.34 -8.74 4.54
CA ARG A 49 -7.18 -9.48 5.51
C ARG A 49 -6.54 -9.47 6.91
N HIS A 50 -5.22 -9.24 6.97
CA HIS A 50 -4.46 -9.08 8.23
C HIS A 50 -4.71 -7.68 8.82
N TRP A 51 -4.54 -6.65 7.96
CA TRP A 51 -4.70 -5.23 8.35
C TRP A 51 -6.15 -4.74 8.11
N LYS A 52 -7.06 -5.67 7.77
CA LYS A 52 -8.52 -5.41 7.62
C LYS A 52 -8.82 -4.34 6.54
N LEU A 53 -7.86 -4.19 5.59
CA LEU A 53 -8.00 -3.32 4.41
C LEU A 53 -8.78 -4.07 3.29
N THR A 54 -9.20 -5.32 3.60
CA THR A 54 -10.04 -6.18 2.74
C THR A 54 -11.49 -5.64 2.62
N GLY A 55 -11.88 -4.69 3.50
CA GLY A 55 -13.21 -4.08 3.46
C GLY A 55 -13.33 -2.99 2.40
N THR A 56 -14.44 -2.22 2.46
CA THR A 56 -14.63 -1.05 1.58
C THR A 56 -13.78 0.12 2.13
N ASN A 57 -13.00 0.77 1.23
CA ASN A 57 -12.03 1.83 1.59
C ASN A 57 -12.68 2.99 2.36
N LYS A 58 -14.00 3.20 2.16
CA LYS A 58 -14.78 4.22 2.89
C LYS A 58 -14.73 3.93 4.41
N SER A 59 -15.12 2.70 4.80
CA SER A 59 -15.16 2.26 6.21
C SER A 59 -13.74 2.19 6.80
N ILE A 60 -12.76 1.79 5.96
CA ILE A 60 -11.36 1.63 6.38
C ILE A 60 -10.74 2.99 6.79
N ARG A 61 -10.80 4.00 5.90
CA ARG A 61 -10.22 5.33 6.17
C ARG A 61 -11.01 6.07 7.27
N LYS A 62 -12.31 5.74 7.40
CA LYS A 62 -13.20 6.36 8.40
C LYS A 62 -12.88 5.85 9.82
N ASN A 63 -12.73 4.52 9.94
CA ASN A 63 -12.58 3.83 11.24
C ASN A 63 -11.11 3.75 11.67
N ARG A 64 -10.26 3.37 10.72
CA ARG A 64 -8.80 3.22 10.93
C ARG A 64 -8.09 4.53 10.63
N ASN A 65 -6.97 4.74 11.31
CA ASN A 65 -6.16 5.97 11.21
C ASN A 65 -4.93 5.73 10.36
N CYS A 66 -4.23 6.83 10.02
CA CYS A 66 -3.00 6.80 9.21
C CYS A 66 -1.91 5.96 9.89
N SER A 67 -1.94 5.92 11.25
CA SER A 67 -1.02 5.10 12.08
C SER A 67 -0.96 3.63 11.62
N GLN A 68 -2.15 3.06 11.36
CA GLN A 68 -2.31 1.67 10.89
C GLN A 68 -1.72 1.47 9.49
N LEU A 69 -1.91 2.49 8.66
CA LEU A 69 -1.46 2.51 7.26
C LEU A 69 0.07 2.63 7.14
N ILE A 70 0.70 3.37 8.08
CA ILE A 70 2.17 3.49 8.15
C ILE A 70 2.75 2.14 8.56
N ALA A 71 2.15 1.57 9.62
CA ALA A 71 2.52 0.25 10.16
C ALA A 71 2.37 -0.85 9.10
N ALA A 72 1.33 -0.73 8.26
CA ALA A 72 1.05 -1.66 7.15
C ALA A 72 2.09 -1.50 6.01
N TYR A 73 2.41 -0.24 5.62
CA TYR A 73 3.37 0.02 4.50
C TYR A 73 4.79 -0.42 4.91
N LYS A 74 5.13 -0.19 6.19
CA LYS A 74 6.39 -0.68 6.80
C LYS A 74 6.41 -2.20 6.75
N ASP A 75 5.33 -2.82 7.26
CA ASP A 75 5.22 -4.29 7.35
C ASP A 75 5.31 -4.94 5.96
N PHE A 76 4.84 -4.26 4.92
CA PHE A 76 4.96 -4.74 3.52
C PHE A 76 6.44 -4.73 3.10
N CYS A 77 7.07 -3.54 3.27
CA CYS A 77 8.47 -3.30 2.90
C CYS A 77 9.46 -4.24 3.65
N GLU A 78 9.08 -4.60 4.89
CA GLU A 78 9.93 -5.43 5.78
C GLU A 78 9.63 -6.94 5.57
N HIS A 79 8.34 -7.29 5.33
CA HIS A 79 7.89 -8.70 5.12
C HIS A 79 8.17 -9.16 3.68
N GLY A 80 8.80 -8.30 2.85
CA GLY A 80 9.35 -8.76 1.57
C GLY A 80 8.51 -8.37 0.39
N THR A 81 8.11 -7.08 0.37
CA THR A 81 7.15 -6.49 -0.59
C THR A 81 7.31 -7.00 -2.04
N LYS A 82 6.21 -7.58 -2.56
CA LYS A 82 6.13 -8.15 -3.91
C LYS A 82 5.92 -7.06 -4.98
N SER A 83 5.98 -5.78 -4.55
CA SER A 83 6.17 -4.63 -5.45
C SER A 83 7.65 -4.58 -5.92
N GLY A 84 8.52 -5.32 -5.19
CA GLY A 84 9.94 -5.44 -5.52
C GLY A 84 10.76 -4.27 -4.97
N LEU A 85 10.25 -3.62 -3.91
CA LEU A 85 10.94 -2.47 -3.28
C LEU A 85 12.03 -2.98 -2.31
N ASN A 86 13.19 -3.35 -2.88
CA ASN A 86 14.40 -3.62 -2.08
C ASN A 86 15.15 -2.30 -1.87
N GLN A 87 14.57 -1.47 -0.99
CA GLN A 87 15.06 -0.11 -0.73
C GLN A 87 16.37 -0.16 0.09
N GLY A 88 17.37 0.60 -0.36
CA GLY A 88 18.71 0.60 0.23
C GLY A 88 19.78 0.70 -0.87
N MET A 1 10.59 13.42 -27.85
CA MET A 1 10.48 12.49 -26.70
C MET A 1 9.52 13.06 -25.63
N LYS A 2 9.27 12.26 -24.59
CA LYS A 2 8.39 12.63 -23.46
C LYS A 2 9.25 13.12 -22.29
N ASP A 3 8.74 14.11 -21.55
CA ASP A 3 9.40 14.66 -20.35
C ASP A 3 8.78 14.08 -19.07
N SER A 4 7.44 13.98 -19.08
CA SER A 4 6.63 13.64 -17.89
C SER A 4 6.92 12.22 -17.33
N ASP A 5 7.48 11.35 -18.18
CA ASP A 5 7.79 9.93 -17.82
C ASP A 5 9.08 9.81 -16.97
N LYS A 6 9.60 10.95 -16.46
CA LYS A 6 10.80 10.99 -15.61
C LYS A 6 10.48 10.34 -14.24
N GLU A 7 9.27 10.64 -13.73
CA GLU A 7 8.78 10.15 -12.43
C GLU A 7 7.31 9.67 -12.54
N LYS A 8 6.56 10.21 -13.51
CA LYS A 8 5.16 9.83 -13.77
C LYS A 8 5.16 8.62 -14.72
N GLU A 9 5.63 7.48 -14.18
CA GLU A 9 5.78 6.21 -14.92
C GLU A 9 4.64 5.25 -14.60
N ASN A 10 4.24 4.46 -15.61
CA ASN A 10 3.13 3.49 -15.52
C ASN A 10 3.66 2.11 -15.06
N GLY A 11 2.82 1.33 -14.38
CA GLY A 11 3.22 0.04 -13.80
C GLY A 11 3.78 0.22 -12.39
N LYS A 12 4.75 1.14 -12.26
CA LYS A 12 5.26 1.58 -10.96
C LYS A 12 4.35 2.70 -10.45
N MET A 13 3.27 2.27 -9.80
CA MET A 13 2.22 3.16 -9.27
C MET A 13 2.49 3.47 -7.79
N GLY A 14 2.80 4.75 -7.49
CA GLY A 14 2.86 5.24 -6.11
C GLY A 14 3.79 4.45 -5.19
N CYS A 15 5.00 4.20 -5.65
CA CYS A 15 6.04 3.54 -4.85
C CYS A 15 6.82 4.61 -4.06
N TRP A 16 6.40 4.85 -2.81
CA TRP A 16 6.95 5.95 -1.97
C TRP A 16 8.03 5.43 -1.01
N SER A 17 8.58 6.36 -0.22
CA SER A 17 9.40 6.06 0.96
C SER A 17 8.49 6.03 2.21
N ILE A 18 9.00 5.44 3.31
CA ILE A 18 8.24 5.28 4.57
C ILE A 18 7.81 6.65 5.13
N GLU A 19 8.75 7.61 5.16
CA GLU A 19 8.53 8.92 5.76
C GLU A 19 7.53 9.75 4.93
N HIS A 20 7.56 9.59 3.59
CA HIS A 20 6.61 10.27 2.68
C HIS A 20 5.17 9.84 3.04
N VAL A 21 5.01 8.53 3.23
CA VAL A 21 3.75 7.91 3.66
C VAL A 21 3.25 8.57 4.97
N GLU A 22 4.02 8.43 6.07
CA GLU A 22 3.59 8.84 7.42
C GLU A 22 3.32 10.36 7.54
N GLN A 23 4.24 11.16 6.98
CA GLN A 23 4.20 12.63 7.12
C GLN A 23 3.08 13.24 6.28
N TYR A 24 2.82 12.66 5.10
CA TYR A 24 1.82 13.18 4.14
C TYR A 24 0.46 12.45 4.26
N LEU A 25 0.37 11.37 5.09
CA LEU A 25 -0.90 10.63 5.29
C LEU A 25 -2.01 11.52 5.88
N GLY A 26 -3.12 11.62 5.15
CA GLY A 26 -4.29 12.41 5.57
C GLY A 26 -4.38 13.77 4.90
N THR A 27 -3.39 14.10 4.05
CA THR A 27 -3.37 15.39 3.32
C THR A 27 -3.94 15.21 1.89
N ASP A 28 -3.94 16.31 1.11
CA ASP A 28 -4.26 16.28 -0.34
C ASP A 28 -3.11 15.61 -1.12
N GLU A 29 -1.90 15.61 -0.52
CA GLU A 29 -0.68 15.11 -1.16
C GLU A 29 -0.67 13.57 -1.15
N LEU A 30 -0.92 12.98 0.04
CA LEU A 30 -1.03 11.52 0.21
C LEU A 30 -2.33 11.23 1.00
N PRO A 31 -3.49 11.10 0.30
CA PRO A 31 -4.75 10.70 0.96
C PRO A 31 -4.68 9.22 1.43
N LYS A 32 -5.33 8.93 2.57
CA LYS A 32 -5.33 7.59 3.20
C LYS A 32 -5.82 6.51 2.22
N ASN A 33 -6.84 6.86 1.42
CA ASN A 33 -7.46 5.95 0.44
C ASN A 33 -6.41 5.38 -0.52
N ASP A 34 -5.52 6.27 -1.01
CA ASP A 34 -4.51 5.94 -2.05
C ASP A 34 -3.40 5.01 -1.51
N LEU A 35 -3.12 5.14 -0.19
CA LEU A 35 -2.18 4.27 0.52
C LEU A 35 -2.77 2.84 0.59
N ILE A 36 -4.03 2.76 1.04
CA ILE A 36 -4.79 1.50 1.15
C ILE A 36 -4.96 0.84 -0.23
N THR A 37 -5.17 1.70 -1.26
CA THR A 37 -5.31 1.30 -2.68
C THR A 37 -4.05 0.53 -3.11
N TYR A 38 -2.88 1.13 -2.86
CA TYR A 38 -1.58 0.52 -3.13
C TYR A 38 -1.49 -0.87 -2.48
N LEU A 39 -1.84 -0.94 -1.18
CA LEU A 39 -1.70 -2.16 -0.38
C LEU A 39 -2.58 -3.31 -0.93
N GLN A 40 -3.83 -3.02 -1.31
CA GLN A 40 -4.77 -4.05 -1.83
C GLN A 40 -4.52 -4.40 -3.31
N LYS A 41 -3.82 -3.51 -4.05
CA LYS A 41 -3.41 -3.78 -5.44
C LYS A 41 -2.12 -4.63 -5.51
N ASN A 42 -1.17 -4.33 -4.62
CA ASN A 42 0.19 -4.91 -4.64
C ASN A 42 0.30 -6.16 -3.74
N ALA A 43 -0.56 -6.29 -2.71
CA ALA A 43 -0.48 -7.39 -1.71
C ALA A 43 -1.60 -8.43 -1.87
N ASP A 44 -1.49 -9.51 -1.08
CA ASP A 44 -2.42 -10.67 -1.08
C ASP A 44 -3.56 -10.46 -0.08
N ALA A 45 -4.66 -11.24 -0.23
CA ALA A 45 -5.87 -11.11 0.61
C ALA A 45 -5.54 -11.25 2.10
N ALA A 46 -4.58 -12.14 2.40
CA ALA A 46 -4.09 -12.41 3.78
C ALA A 46 -3.60 -11.11 4.46
N PHE A 47 -2.89 -10.29 3.68
CA PHE A 47 -2.28 -9.02 4.13
C PHE A 47 -3.37 -8.01 4.53
N LEU A 48 -4.42 -7.89 3.68
CA LEU A 48 -5.53 -6.96 3.93
C LEU A 48 -6.39 -7.43 5.11
N ARG A 49 -6.66 -8.73 5.16
CA ARG A 49 -7.46 -9.35 6.26
C ARG A 49 -6.71 -9.26 7.61
N HIS A 50 -5.37 -9.15 7.55
CA HIS A 50 -4.51 -8.90 8.72
C HIS A 50 -4.63 -7.43 9.17
N TRP A 51 -4.41 -6.49 8.24
CA TRP A 51 -4.38 -5.04 8.53
C TRP A 51 -5.78 -4.40 8.48
N LYS A 52 -6.83 -5.25 8.41
CA LYS A 52 -8.26 -4.84 8.48
C LYS A 52 -8.67 -3.99 7.24
N LEU A 53 -7.91 -4.14 6.15
CA LEU A 53 -8.10 -3.44 4.85
C LEU A 53 -8.93 -4.30 3.85
N THR A 54 -9.62 -5.36 4.33
CA THR A 54 -10.34 -6.31 3.46
C THR A 54 -11.75 -5.82 3.02
N GLY A 55 -12.23 -4.70 3.62
CA GLY A 55 -13.58 -4.16 3.30
C GLY A 55 -13.56 -3.19 2.11
N THR A 56 -14.46 -2.18 2.14
CA THR A 56 -14.51 -1.13 1.11
C THR A 56 -13.60 0.04 1.53
N ASN A 57 -12.70 0.47 0.61
CA ASN A 57 -11.59 1.43 0.90
C ASN A 57 -12.12 2.76 1.48
N LYS A 58 -13.37 3.11 1.15
CA LYS A 58 -14.04 4.32 1.65
C LYS A 58 -14.21 4.26 3.19
N SER A 59 -14.82 3.16 3.67
CA SER A 59 -15.02 2.92 5.10
C SER A 59 -13.68 2.66 5.80
N ILE A 60 -12.73 2.02 5.08
CA ILE A 60 -11.41 1.66 5.63
C ILE A 60 -10.58 2.92 5.95
N ARG A 61 -10.58 3.92 5.05
CA ARG A 61 -9.87 5.19 5.31
C ARG A 61 -10.60 5.98 6.42
N LYS A 62 -11.94 5.83 6.47
CA LYS A 62 -12.80 6.51 7.43
C LYS A 62 -12.66 5.93 8.87
N ASN A 63 -12.36 4.62 8.98
CA ASN A 63 -12.30 3.91 10.28
C ASN A 63 -10.86 3.68 10.74
N ARG A 64 -10.03 3.17 9.82
CA ARG A 64 -8.63 2.80 10.13
C ARG A 64 -7.76 4.06 10.20
N ASN A 65 -6.86 4.07 11.17
CA ASN A 65 -6.01 5.21 11.49
C ASN A 65 -4.77 5.24 10.58
N CYS A 66 -4.17 6.44 10.42
CA CYS A 66 -2.94 6.63 9.63
C CYS A 66 -1.81 5.74 10.17
N SER A 67 -1.72 5.62 11.50
CA SER A 67 -0.72 4.80 12.22
C SER A 67 -0.71 3.32 11.73
N GLN A 68 -1.93 2.81 11.46
CA GLN A 68 -2.13 1.44 10.92
C GLN A 68 -1.56 1.35 9.50
N LEU A 69 -1.89 2.37 8.69
CA LEU A 69 -1.48 2.46 7.27
C LEU A 69 0.05 2.58 7.12
N ILE A 70 0.70 3.29 8.06
CA ILE A 70 2.17 3.43 8.10
C ILE A 70 2.78 2.07 8.42
N ALA A 71 2.25 1.43 9.49
CA ALA A 71 2.67 0.09 9.95
C ALA A 71 2.47 -0.97 8.85
N ALA A 72 1.43 -0.78 8.03
CA ALA A 72 1.09 -1.71 6.93
C ALA A 72 2.07 -1.55 5.76
N TYR A 73 2.33 -0.29 5.36
CA TYR A 73 3.25 0.02 4.24
C TYR A 73 4.70 -0.40 4.60
N LYS A 74 5.07 -0.20 5.87
CA LYS A 74 6.38 -0.62 6.41
C LYS A 74 6.49 -2.14 6.33
N ASP A 75 5.53 -2.83 6.95
CA ASP A 75 5.47 -4.32 7.00
C ASP A 75 5.62 -4.92 5.59
N PHE A 76 4.97 -4.29 4.61
CA PHE A 76 4.98 -4.72 3.20
C PHE A 76 6.39 -4.55 2.57
N CYS A 77 6.98 -3.37 2.80
CA CYS A 77 8.33 -3.02 2.32
C CYS A 77 9.41 -3.94 2.92
N GLU A 78 9.20 -4.33 4.18
CA GLU A 78 10.14 -5.18 4.95
C GLU A 78 9.90 -6.66 4.64
N HIS A 79 8.66 -6.99 4.21
CA HIS A 79 8.32 -8.31 3.63
C HIS A 79 9.01 -8.49 2.27
N GLY A 80 9.35 -7.36 1.61
CA GLY A 80 10.21 -7.39 0.42
C GLY A 80 9.40 -7.57 -0.85
N THR A 81 8.28 -6.83 -0.92
CA THR A 81 7.28 -6.92 -2.01
C THR A 81 7.90 -7.02 -3.40
N LYS A 82 7.55 -8.11 -4.10
CA LYS A 82 8.07 -8.44 -5.44
C LYS A 82 7.07 -8.02 -6.53
N SER A 83 6.24 -7.01 -6.21
CA SER A 83 5.31 -6.39 -7.18
C SER A 83 6.05 -5.26 -7.92
N GLY A 84 7.10 -5.64 -8.66
CA GLY A 84 7.93 -4.71 -9.44
C GLY A 84 9.17 -4.23 -8.70
N LEU A 85 9.03 -3.96 -7.38
CA LEU A 85 10.10 -3.37 -6.55
C LEU A 85 11.27 -4.36 -6.37
N ASN A 86 11.05 -5.44 -5.61
CA ASN A 86 12.07 -6.48 -5.37
C ASN A 86 11.96 -7.55 -6.48
N GLN A 87 12.42 -7.17 -7.68
CA GLN A 87 12.38 -8.04 -8.88
C GLN A 87 13.81 -8.53 -9.17
N GLY A 88 14.02 -9.86 -9.05
CA GLY A 88 15.32 -10.49 -9.31
C GLY A 88 15.45 -10.93 -10.78
N MET A 1 0.11 -17.67 -21.23
CA MET A 1 -0.88 -17.11 -20.28
C MET A 1 -0.15 -16.40 -19.12
N LYS A 2 -0.18 -15.06 -19.13
CA LYS A 2 0.35 -14.24 -18.04
C LYS A 2 -0.83 -13.79 -17.14
N ASP A 3 -1.20 -14.65 -16.19
CA ASP A 3 -2.28 -14.38 -15.21
C ASP A 3 -1.68 -13.98 -13.84
N SER A 4 -0.48 -14.50 -13.53
CA SER A 4 0.16 -14.37 -12.20
C SER A 4 1.04 -13.10 -12.07
N ASP A 5 1.20 -12.35 -13.17
CA ASP A 5 2.17 -11.22 -13.24
C ASP A 5 1.50 -9.85 -12.99
N LYS A 6 0.14 -9.80 -12.99
CA LYS A 6 -0.64 -8.55 -12.77
C LYS A 6 -0.33 -7.87 -11.40
N GLU A 7 0.08 -8.69 -10.44
CA GLU A 7 0.42 -8.29 -9.06
C GLU A 7 1.89 -7.78 -8.97
N LYS A 8 2.71 -8.24 -9.95
CA LYS A 8 4.14 -7.88 -10.08
C LYS A 8 4.35 -7.20 -11.45
N GLU A 9 3.30 -6.47 -11.90
CA GLU A 9 3.23 -5.85 -13.24
C GLU A 9 4.20 -4.66 -13.35
N ASN A 10 4.69 -4.40 -14.58
CA ASN A 10 5.53 -3.23 -14.90
C ASN A 10 4.70 -1.94 -14.87
N GLY A 11 5.37 -0.80 -14.70
CA GLY A 11 4.70 0.47 -14.40
C GLY A 11 4.41 0.57 -12.91
N LYS A 12 5.39 0.08 -12.13
CA LYS A 12 5.28 -0.08 -10.67
C LYS A 12 5.29 1.29 -9.98
N MET A 13 4.09 1.87 -9.86
CA MET A 13 3.90 3.18 -9.20
C MET A 13 3.72 2.99 -7.69
N GLY A 14 3.67 4.11 -6.95
CA GLY A 14 3.28 4.11 -5.55
C GLY A 14 4.36 3.65 -4.58
N CYS A 15 5.60 3.56 -5.06
CA CYS A 15 6.75 3.28 -4.19
C CYS A 15 7.23 4.60 -3.59
N TRP A 16 6.77 4.90 -2.37
CA TRP A 16 7.14 6.10 -1.64
C TRP A 16 8.16 5.74 -0.56
N SER A 17 8.82 6.76 -0.01
CA SER A 17 9.61 6.61 1.21
C SER A 17 8.66 6.41 2.41
N ILE A 18 9.14 5.74 3.46
CA ILE A 18 8.37 5.54 4.71
C ILE A 18 7.96 6.91 5.29
N GLU A 19 8.92 7.87 5.23
CA GLU A 19 8.71 9.23 5.70
C GLU A 19 7.73 10.01 4.81
N HIS A 20 7.74 9.76 3.48
CA HIS A 20 6.78 10.40 2.55
C HIS A 20 5.35 9.94 2.89
N VAL A 21 5.20 8.64 3.11
CA VAL A 21 3.94 8.00 3.51
C VAL A 21 3.42 8.65 4.80
N GLU A 22 4.21 8.58 5.88
CA GLU A 22 3.77 8.99 7.23
C GLU A 22 3.47 10.49 7.33
N GLN A 23 4.29 11.33 6.65
CA GLN A 23 4.21 12.80 6.76
C GLN A 23 3.15 13.39 5.82
N TYR A 24 2.81 12.67 4.73
CA TYR A 24 1.74 13.09 3.79
C TYR A 24 0.43 12.31 4.02
N LEU A 25 0.43 11.25 4.87
CA LEU A 25 -0.81 10.50 5.18
C LEU A 25 -1.81 11.40 5.92
N GLY A 26 -2.95 11.65 5.27
CA GLY A 26 -3.99 12.52 5.80
C GLY A 26 -4.24 13.73 4.91
N THR A 27 -3.27 14.03 4.02
CA THR A 27 -3.44 15.09 3.01
C THR A 27 -4.22 14.56 1.80
N ASP A 28 -4.50 15.43 0.82
CA ASP A 28 -5.08 15.03 -0.48
C ASP A 28 -3.97 14.58 -1.45
N GLU A 29 -2.70 14.88 -1.10
CA GLU A 29 -1.51 14.55 -1.91
C GLU A 29 -1.14 13.07 -1.72
N LEU A 30 -1.24 12.58 -0.48
CA LEU A 30 -1.12 11.16 -0.16
C LEU A 30 -2.29 10.81 0.78
N PRO A 31 -3.53 10.62 0.22
CA PRO A 31 -4.70 10.27 1.03
C PRO A 31 -4.59 8.83 1.57
N LYS A 32 -5.27 8.60 2.70
CA LYS A 32 -5.31 7.28 3.37
C LYS A 32 -5.86 6.21 2.42
N ASN A 33 -6.88 6.62 1.63
CA ASN A 33 -7.47 5.81 0.53
C ASN A 33 -6.38 5.25 -0.39
N ASP A 34 -5.49 6.14 -0.86
CA ASP A 34 -4.46 5.84 -1.89
C ASP A 34 -3.41 4.85 -1.36
N LEU A 35 -3.06 4.99 -0.06
CA LEU A 35 -2.11 4.08 0.63
C LEU A 35 -2.70 2.65 0.65
N ILE A 36 -3.96 2.56 1.13
CA ILE A 36 -4.73 1.31 1.22
C ILE A 36 -4.89 0.67 -0.19
N THR A 37 -5.08 1.54 -1.20
CA THR A 37 -5.26 1.12 -2.61
C THR A 37 -4.00 0.40 -3.12
N TYR A 38 -2.82 1.03 -2.95
CA TYR A 38 -1.52 0.44 -3.34
C TYR A 38 -1.33 -0.92 -2.65
N LEU A 39 -1.61 -0.97 -1.34
CA LEU A 39 -1.46 -2.19 -0.53
C LEU A 39 -2.34 -3.35 -1.07
N GLN A 40 -3.60 -3.06 -1.43
CA GLN A 40 -4.52 -4.11 -1.95
C GLN A 40 -4.26 -4.44 -3.43
N LYS A 41 -3.57 -3.54 -4.16
CA LYS A 41 -3.15 -3.80 -5.54
C LYS A 41 -1.96 -4.78 -5.57
N ASN A 42 -0.95 -4.48 -4.74
CA ASN A 42 0.37 -5.12 -4.80
C ASN A 42 0.49 -6.34 -3.85
N ALA A 43 -0.32 -6.39 -2.78
CA ALA A 43 -0.35 -7.56 -1.85
C ALA A 43 -1.36 -8.62 -2.29
N ASP A 44 -1.34 -9.76 -1.56
CA ASP A 44 -2.37 -10.81 -1.65
C ASP A 44 -3.49 -10.49 -0.67
N ALA A 45 -4.69 -11.04 -0.94
CA ALA A 45 -5.93 -10.76 -0.18
C ALA A 45 -5.74 -10.99 1.34
N ALA A 46 -4.84 -11.93 1.68
CA ALA A 46 -4.51 -12.31 3.07
C ALA A 46 -4.02 -11.12 3.91
N PHE A 47 -3.16 -10.28 3.29
CA PHE A 47 -2.53 -9.11 3.94
C PHE A 47 -3.61 -8.07 4.32
N LEU A 48 -4.57 -7.90 3.41
CA LEU A 48 -5.66 -6.93 3.59
C LEU A 48 -6.71 -7.47 4.58
N ARG A 49 -6.84 -8.80 4.65
CA ARG A 49 -7.69 -9.46 5.65
C ARG A 49 -7.07 -9.33 7.06
N HIS A 50 -5.74 -9.25 7.12
CA HIS A 50 -4.98 -9.07 8.36
C HIS A 50 -5.18 -7.65 8.93
N TRP A 51 -4.82 -6.63 8.12
CA TRP A 51 -4.88 -5.20 8.52
C TRP A 51 -6.31 -4.61 8.35
N LYS A 52 -7.26 -5.46 7.91
CA LYS A 52 -8.70 -5.10 7.74
C LYS A 52 -8.92 -4.11 6.57
N LEU A 53 -7.96 -4.12 5.61
CA LEU A 53 -7.99 -3.30 4.39
C LEU A 53 -8.77 -4.02 3.25
N THR A 54 -9.39 -5.17 3.57
CA THR A 54 -10.14 -6.00 2.59
C THR A 54 -11.56 -5.44 2.31
N GLY A 55 -12.03 -4.49 3.13
CA GLY A 55 -13.38 -3.90 2.97
C GLY A 55 -13.43 -2.81 1.89
N THR A 56 -14.40 -1.89 2.00
CA THR A 56 -14.49 -0.72 1.10
C THR A 56 -13.58 0.41 1.66
N ASN A 57 -12.76 1.00 0.76
CA ASN A 57 -11.68 1.97 1.12
C ASN A 57 -12.18 3.12 2.01
N LYS A 58 -13.45 3.51 1.80
CA LYS A 58 -14.10 4.59 2.58
C LYS A 58 -14.14 4.24 4.08
N SER A 59 -14.69 3.07 4.40
CA SER A 59 -14.86 2.61 5.79
C SER A 59 -13.51 2.28 6.44
N ILE A 60 -12.57 1.77 5.61
CA ILE A 60 -11.24 1.37 6.08
C ILE A 60 -10.45 2.59 6.58
N ARG A 61 -10.36 3.65 5.74
CA ARG A 61 -9.62 4.89 6.09
C ARG A 61 -10.34 5.66 7.22
N LYS A 62 -11.67 5.48 7.29
CA LYS A 62 -12.52 6.11 8.33
C LYS A 62 -12.17 5.54 9.72
N ASN A 63 -12.00 4.21 9.81
CA ASN A 63 -11.71 3.52 11.07
C ASN A 63 -10.20 3.48 11.36
N ARG A 64 -9.46 2.98 10.37
CA ARG A 64 -7.99 2.82 10.44
C ARG A 64 -7.33 4.14 10.05
N ASN A 65 -6.84 4.86 11.06
CA ASN A 65 -6.13 6.13 10.89
C ASN A 65 -4.74 5.90 10.26
N CYS A 66 -4.08 7.02 9.93
CA CYS A 66 -2.78 7.05 9.24
C CYS A 66 -1.73 6.16 9.93
N SER A 67 -1.73 6.18 11.28
CA SER A 67 -0.77 5.44 12.13
C SER A 67 -0.72 3.93 11.76
N GLN A 68 -1.91 3.32 11.62
CA GLN A 68 -2.05 1.89 11.24
C GLN A 68 -1.53 1.64 9.83
N LEU A 69 -1.80 2.61 8.94
CA LEU A 69 -1.44 2.54 7.51
C LEU A 69 0.08 2.77 7.31
N ILE A 70 0.72 3.47 8.25
CA ILE A 70 2.20 3.63 8.27
C ILE A 70 2.82 2.29 8.62
N ALA A 71 2.32 1.70 9.72
CA ALA A 71 2.76 0.37 10.20
C ALA A 71 2.49 -0.72 9.15
N ALA A 72 1.39 -0.56 8.40
CA ALA A 72 1.00 -1.49 7.32
C ALA A 72 1.95 -1.41 6.10
N TYR A 73 2.24 -0.16 5.64
CA TYR A 73 3.15 0.08 4.48
C TYR A 73 4.59 -0.35 4.83
N LYS A 74 5.01 -0.08 6.07
CA LYS A 74 6.32 -0.51 6.59
C LYS A 74 6.38 -2.03 6.57
N ASP A 75 5.40 -2.67 7.23
CA ASP A 75 5.31 -4.14 7.34
C ASP A 75 5.38 -4.81 5.96
N PHE A 76 4.78 -4.15 4.96
CA PHE A 76 4.73 -4.59 3.55
C PHE A 76 6.14 -4.58 2.89
N CYS A 77 6.82 -3.44 3.01
CA CYS A 77 8.18 -3.23 2.47
C CYS A 77 9.21 -4.15 3.17
N GLU A 78 9.00 -4.38 4.47
CA GLU A 78 9.87 -5.22 5.32
C GLU A 78 9.51 -6.71 5.15
N HIS A 79 8.25 -6.97 4.74
CA HIS A 79 7.77 -8.33 4.40
C HIS A 79 8.47 -8.84 3.14
N GLY A 80 8.81 -7.90 2.24
CA GLY A 80 9.56 -8.26 1.03
C GLY A 80 8.67 -8.33 -0.18
N THR A 81 7.77 -7.33 -0.31
CA THR A 81 6.71 -7.26 -1.33
C THR A 81 7.19 -7.68 -2.74
N LYS A 82 6.30 -8.44 -3.43
CA LYS A 82 6.54 -8.98 -4.79
C LYS A 82 6.76 -7.86 -5.83
N SER A 83 6.29 -6.66 -5.50
CA SER A 83 6.43 -5.45 -6.30
C SER A 83 7.91 -5.12 -6.55
N GLY A 84 8.77 -5.51 -5.59
CA GLY A 84 10.19 -5.17 -5.60
C GLY A 84 10.43 -3.69 -5.30
N LEU A 85 9.46 -3.08 -4.61
CA LEU A 85 9.44 -1.64 -4.30
C LEU A 85 9.84 -1.39 -2.84
N ASN A 86 10.78 -2.24 -2.35
CA ASN A 86 11.40 -2.08 -1.03
C ASN A 86 12.35 -0.87 -1.09
N GLN A 87 11.94 0.25 -0.47
CA GLN A 87 12.68 1.52 -0.57
C GLN A 87 12.92 2.10 0.83
N GLY A 88 14.17 1.96 1.31
CA GLY A 88 14.59 2.44 2.62
C GLY A 88 15.79 3.39 2.51
N MET A 1 -7.35 -3.55 -24.08
CA MET A 1 -6.96 -3.35 -22.66
C MET A 1 -5.70 -4.19 -22.36
N LYS A 2 -4.54 -3.52 -22.27
CA LYS A 2 -3.29 -4.11 -21.74
C LYS A 2 -2.72 -3.12 -20.69
N ASP A 3 -3.50 -2.88 -19.62
CA ASP A 3 -3.12 -1.94 -18.53
C ASP A 3 -2.59 -2.68 -17.30
N SER A 4 -2.46 -4.01 -17.42
CA SER A 4 -1.99 -4.90 -16.34
C SER A 4 -0.47 -4.70 -16.11
N ASP A 5 0.23 -4.22 -17.16
CA ASP A 5 1.69 -3.99 -17.15
C ASP A 5 2.10 -2.94 -16.09
N LYS A 6 1.25 -1.93 -15.88
CA LYS A 6 1.52 -0.80 -14.96
C LYS A 6 1.29 -1.18 -13.48
N GLU A 7 1.07 -2.47 -13.21
CA GLU A 7 0.88 -3.00 -11.84
C GLU A 7 1.75 -4.26 -11.62
N LYS A 8 1.73 -5.18 -12.59
CA LYS A 8 2.40 -6.49 -12.48
C LYS A 8 3.89 -6.35 -12.80
N GLU A 9 4.17 -5.70 -13.94
CA GLU A 9 5.53 -5.30 -14.31
C GLU A 9 5.90 -4.07 -13.45
N ASN A 10 7.16 -4.01 -13.00
CA ASN A 10 7.62 -3.01 -12.01
C ASN A 10 7.52 -1.57 -12.58
N GLY A 11 7.41 -0.58 -11.69
CA GLY A 11 7.12 0.81 -12.08
C GLY A 11 5.66 1.16 -11.84
N LYS A 12 5.00 0.36 -10.98
CA LYS A 12 3.61 0.59 -10.53
C LYS A 12 3.52 1.92 -9.76
N MET A 13 2.56 2.78 -10.17
CA MET A 13 2.41 4.15 -9.66
C MET A 13 2.25 4.15 -8.12
N GLY A 14 2.76 5.20 -7.48
CA GLY A 14 2.62 5.36 -6.04
C GLY A 14 3.52 4.46 -5.22
N CYS A 15 4.76 4.29 -5.67
CA CYS A 15 5.80 3.66 -4.87
C CYS A 15 6.55 4.77 -4.10
N TRP A 16 6.32 4.84 -2.77
CA TRP A 16 6.83 5.95 -1.92
C TRP A 16 7.86 5.43 -0.91
N SER A 17 8.58 6.37 -0.27
CA SER A 17 9.40 6.08 0.91
C SER A 17 8.48 5.94 2.14
N ILE A 18 8.98 5.27 3.20
CA ILE A 18 8.25 5.14 4.48
C ILE A 18 7.87 6.54 5.03
N GLU A 19 8.85 7.45 4.96
CA GLU A 19 8.71 8.83 5.44
C GLU A 19 7.69 9.64 4.61
N HIS A 20 7.67 9.44 3.28
CA HIS A 20 6.68 10.13 2.42
C HIS A 20 5.26 9.66 2.80
N VAL A 21 5.10 8.34 2.98
CA VAL A 21 3.84 7.72 3.42
C VAL A 21 3.36 8.36 4.73
N GLU A 22 4.18 8.25 5.79
CA GLU A 22 3.80 8.60 7.16
C GLU A 22 3.48 10.10 7.31
N GLN A 23 4.35 10.96 6.76
CA GLN A 23 4.25 12.41 6.93
C GLN A 23 3.07 12.98 6.14
N TYR A 24 2.89 12.48 4.89
CA TYR A 24 1.89 13.02 3.96
C TYR A 24 0.53 12.30 4.11
N LEU A 25 0.48 11.19 4.89
CA LEU A 25 -0.78 10.44 5.15
C LEU A 25 -1.87 11.35 5.78
N GLY A 26 -3.04 11.37 5.11
CA GLY A 26 -4.19 12.14 5.58
C GLY A 26 -4.39 13.45 4.82
N THR A 27 -3.46 13.77 3.89
CA THR A 27 -3.52 15.03 3.10
C THR A 27 -4.09 14.74 1.69
N ASP A 28 -4.08 15.76 0.82
CA ASP A 28 -4.41 15.60 -0.61
C ASP A 28 -3.21 15.03 -1.36
N GLU A 29 -2.00 15.28 -0.83
CA GLU A 29 -0.74 14.75 -1.39
C GLU A 29 -0.75 13.22 -1.31
N LEU A 30 -1.00 12.70 -0.08
CA LEU A 30 -1.11 11.25 0.16
C LEU A 30 -2.32 11.00 1.08
N PRO A 31 -3.54 10.83 0.50
CA PRO A 31 -4.73 10.44 1.30
C PRO A 31 -4.65 8.98 1.75
N LYS A 32 -5.39 8.66 2.82
CA LYS A 32 -5.44 7.30 3.39
C LYS A 32 -5.85 6.28 2.32
N ASN A 33 -6.91 6.63 1.58
CA ASN A 33 -7.53 5.76 0.56
C ASN A 33 -6.52 5.32 -0.52
N ASP A 34 -5.63 6.25 -0.92
CA ASP A 34 -4.63 6.01 -1.98
C ASP A 34 -3.55 4.99 -1.53
N LEU A 35 -3.18 5.08 -0.23
CA LEU A 35 -2.28 4.11 0.43
C LEU A 35 -2.93 2.71 0.42
N ILE A 36 -4.20 2.68 0.90
CA ILE A 36 -5.03 1.45 0.99
C ILE A 36 -5.19 0.78 -0.39
N THR A 37 -5.42 1.62 -1.41
CA THR A 37 -5.62 1.19 -2.80
C THR A 37 -4.33 0.53 -3.34
N TYR A 38 -3.19 1.20 -3.12
CA TYR A 38 -1.88 0.69 -3.56
C TYR A 38 -1.59 -0.70 -2.94
N LEU A 39 -1.93 -0.85 -1.65
CA LEU A 39 -1.69 -2.11 -0.91
C LEU A 39 -2.59 -3.26 -1.41
N GLN A 40 -3.84 -2.98 -1.78
CA GLN A 40 -4.75 -4.03 -2.34
C GLN A 40 -4.42 -4.33 -3.82
N LYS A 41 -3.69 -3.40 -4.48
CA LYS A 41 -3.17 -3.63 -5.85
C LYS A 41 -1.88 -4.48 -5.82
N ASN A 42 -0.98 -4.20 -4.86
CA ASN A 42 0.36 -4.87 -4.78
C ASN A 42 0.34 -6.15 -3.93
N ALA A 43 -0.31 -6.10 -2.75
CA ALA A 43 -0.35 -7.23 -1.80
C ALA A 43 -1.50 -8.20 -2.10
N ASP A 44 -1.32 -9.46 -1.68
CA ASP A 44 -2.36 -10.51 -1.77
C ASP A 44 -3.45 -10.26 -0.73
N ALA A 45 -4.63 -10.86 -0.97
CA ALA A 45 -5.85 -10.65 -0.17
C ALA A 45 -5.62 -10.86 1.34
N ALA A 46 -4.69 -11.78 1.66
CA ALA A 46 -4.32 -12.13 3.05
C ALA A 46 -3.81 -10.91 3.86
N PHE A 47 -2.98 -10.09 3.21
CA PHE A 47 -2.35 -8.90 3.82
C PHE A 47 -3.41 -7.85 4.16
N LEU A 48 -4.41 -7.68 3.26
CA LEU A 48 -5.51 -6.74 3.46
C LEU A 48 -6.47 -7.25 4.56
N ARG A 49 -6.61 -8.57 4.67
CA ARG A 49 -7.39 -9.21 5.75
C ARG A 49 -6.66 -9.07 7.11
N HIS A 50 -5.32 -8.94 7.06
CA HIS A 50 -4.49 -8.71 8.26
C HIS A 50 -4.71 -7.28 8.79
N TRP A 51 -4.53 -6.28 7.90
CA TRP A 51 -4.55 -4.85 8.25
C TRP A 51 -5.93 -4.21 8.06
N LYS A 52 -6.97 -5.06 7.86
CA LYS A 52 -8.40 -4.65 7.81
C LYS A 52 -8.69 -3.76 6.58
N LEU A 53 -7.85 -3.88 5.55
CA LEU A 53 -7.99 -3.15 4.27
C LEU A 53 -8.82 -4.00 3.26
N THR A 54 -9.39 -5.12 3.75
CA THR A 54 -10.23 -6.04 2.96
C THR A 54 -11.70 -5.56 2.85
N GLY A 55 -12.09 -4.54 3.67
CA GLY A 55 -13.46 -4.00 3.67
C GLY A 55 -13.73 -3.06 2.49
N THR A 56 -14.78 -2.24 2.59
CA THR A 56 -15.03 -1.14 1.62
C THR A 56 -14.12 0.05 1.98
N ASN A 57 -13.38 0.57 0.98
CA ASN A 57 -12.34 1.61 1.16
C ASN A 57 -12.82 2.85 1.95
N LYS A 58 -14.13 3.13 1.92
CA LYS A 58 -14.74 4.28 2.64
C LYS A 58 -14.68 4.03 4.17
N SER A 59 -15.13 2.84 4.60
CA SER A 59 -15.10 2.43 6.01
C SER A 59 -13.66 2.20 6.50
N ILE A 60 -12.75 1.83 5.56
CA ILE A 60 -11.34 1.61 5.87
C ILE A 60 -10.64 2.95 6.14
N ARG A 61 -10.82 3.94 5.25
CA ARG A 61 -10.17 5.27 5.40
C ARG A 61 -10.76 6.04 6.61
N LYS A 62 -11.96 5.65 7.07
CA LYS A 62 -12.53 6.20 8.32
C LYS A 62 -11.91 5.53 9.57
N ASN A 63 -11.96 4.19 9.64
CA ASN A 63 -11.66 3.42 10.88
C ASN A 63 -10.18 3.02 11.00
N ARG A 64 -9.41 3.13 9.91
CA ARG A 64 -7.96 2.86 9.92
C ARG A 64 -7.22 4.20 9.91
N ASN A 65 -6.58 4.51 11.04
CA ASN A 65 -5.78 5.73 11.20
C ASN A 65 -4.56 5.72 10.29
N CYS A 66 -3.91 6.89 10.15
CA CYS A 66 -2.67 7.02 9.38
C CYS A 66 -1.60 6.09 9.97
N SER A 67 -1.49 6.09 11.31
CA SER A 67 -0.53 5.23 12.06
C SER A 67 -0.69 3.73 11.74
N GLN A 68 -1.93 3.31 11.46
CA GLN A 68 -2.27 1.92 11.09
C GLN A 68 -1.69 1.62 9.69
N LEU A 69 -1.89 2.60 8.79
CA LEU A 69 -1.45 2.53 7.39
C LEU A 69 0.08 2.70 7.24
N ILE A 70 0.73 3.37 8.22
CA ILE A 70 2.19 3.50 8.29
C ILE A 70 2.76 2.14 8.68
N ALA A 71 2.18 1.55 9.74
CA ALA A 71 2.52 0.20 10.22
C ALA A 71 2.30 -0.85 9.11
N ALA A 72 1.27 -0.63 8.28
CA ALA A 72 0.92 -1.54 7.17
C ALA A 72 1.99 -1.50 6.05
N TYR A 73 2.30 -0.28 5.55
CA TYR A 73 3.28 -0.08 4.45
C TYR A 73 4.70 -0.47 4.93
N LYS A 74 5.02 -0.18 6.21
CA LYS A 74 6.31 -0.57 6.82
C LYS A 74 6.43 -2.09 6.88
N ASP A 75 5.41 -2.76 7.45
CA ASP A 75 5.41 -4.23 7.62
C ASP A 75 5.62 -4.93 6.28
N PHE A 76 4.98 -4.38 5.24
CA PHE A 76 5.07 -4.85 3.86
C PHE A 76 6.54 -4.80 3.35
N CYS A 77 7.12 -3.60 3.49
CA CYS A 77 8.48 -3.31 3.00
C CYS A 77 9.58 -4.02 3.81
N GLU A 78 9.33 -4.19 5.13
CA GLU A 78 10.27 -4.83 6.07
C GLU A 78 10.17 -6.36 5.95
N HIS A 79 8.99 -6.83 5.51
CA HIS A 79 8.74 -8.26 5.20
C HIS A 79 9.60 -8.67 4.00
N GLY A 80 9.72 -7.74 3.03
CA GLY A 80 10.52 -8.00 1.83
C GLY A 80 9.64 -8.38 0.66
N THR A 81 8.52 -7.64 0.56
CA THR A 81 7.40 -7.90 -0.37
C THR A 81 7.80 -8.27 -1.82
N LYS A 82 6.90 -9.06 -2.42
CA LYS A 82 6.93 -9.49 -3.82
C LYS A 82 6.91 -8.29 -4.80
N SER A 83 6.33 -7.16 -4.32
CA SER A 83 6.24 -5.91 -5.11
C SER A 83 7.64 -5.36 -5.48
N GLY A 84 8.65 -5.70 -4.64
CA GLY A 84 10.01 -5.22 -4.83
C GLY A 84 10.35 -4.04 -3.92
N LEU A 85 9.41 -3.71 -3.01
CA LEU A 85 9.59 -2.64 -2.02
C LEU A 85 10.38 -3.22 -0.83
N ASN A 86 11.69 -3.40 -1.00
CA ASN A 86 12.58 -3.82 0.08
C ASN A 86 13.25 -2.57 0.65
N GLN A 87 12.45 -1.77 1.35
CA GLN A 87 12.82 -0.40 1.76
C GLN A 87 12.50 -0.18 3.25
N GLY A 88 13.27 0.72 3.86
CA GLY A 88 13.11 1.11 5.26
C GLY A 88 13.68 2.50 5.47
N MET A 1 6.47 -12.19 -28.18
CA MET A 1 6.67 -13.15 -27.08
C MET A 1 7.61 -12.52 -26.03
N LYS A 2 7.03 -11.59 -25.23
CA LYS A 2 7.76 -10.86 -24.17
C LYS A 2 7.23 -11.32 -22.80
N ASP A 3 7.78 -12.46 -22.35
CA ASP A 3 7.44 -13.11 -21.06
C ASP A 3 7.80 -12.19 -19.87
N SER A 4 8.88 -11.41 -20.06
CA SER A 4 9.44 -10.52 -19.04
C SER A 4 8.54 -9.29 -18.75
N ASP A 5 7.60 -8.96 -19.67
CA ASP A 5 6.60 -7.89 -19.43
C ASP A 5 5.53 -8.36 -18.44
N LYS A 6 5.23 -9.66 -18.46
CA LYS A 6 4.24 -10.30 -17.57
C LYS A 6 4.75 -10.36 -16.11
N GLU A 7 6.06 -10.16 -15.92
CA GLU A 7 6.74 -10.20 -14.61
C GLU A 7 7.08 -8.77 -14.16
N LYS A 8 7.79 -8.04 -15.05
CA LYS A 8 8.26 -6.68 -14.81
C LYS A 8 7.22 -5.70 -15.36
N GLU A 9 6.17 -5.51 -14.56
CA GLU A 9 5.10 -4.54 -14.85
C GLU A 9 5.63 -3.10 -14.72
N ASN A 10 5.48 -2.34 -15.81
CA ASN A 10 5.76 -0.89 -15.83
C ASN A 10 4.48 -0.16 -15.37
N GLY A 11 4.66 0.98 -14.71
CA GLY A 11 3.55 1.75 -14.16
C GLY A 11 3.31 1.45 -12.68
N LYS A 12 4.39 1.04 -11.98
CA LYS A 12 4.38 0.89 -10.51
C LYS A 12 4.36 2.29 -9.87
N MET A 13 3.15 2.86 -9.71
CA MET A 13 2.96 4.16 -9.03
C MET A 13 2.80 3.91 -7.53
N GLY A 14 3.09 4.93 -6.72
CA GLY A 14 2.88 4.87 -5.28
C GLY A 14 3.98 4.14 -4.53
N CYS A 15 5.16 4.07 -5.11
CA CYS A 15 6.34 3.52 -4.44
C CYS A 15 7.06 4.64 -3.65
N TRP A 16 6.50 4.96 -2.46
CA TRP A 16 7.00 6.07 -1.61
C TRP A 16 8.04 5.55 -0.61
N SER A 17 8.67 6.49 0.12
CA SER A 17 9.44 6.17 1.33
C SER A 17 8.48 6.12 2.54
N ILE A 18 8.89 5.42 3.60
CA ILE A 18 8.08 5.25 4.83
C ILE A 18 7.72 6.60 5.48
N GLU A 19 8.72 7.50 5.50
CA GLU A 19 8.56 8.85 6.08
C GLU A 19 7.62 9.72 5.24
N HIS A 20 7.64 9.55 3.89
CA HIS A 20 6.67 10.23 3.01
C HIS A 20 5.24 9.77 3.34
N VAL A 21 5.09 8.48 3.61
CA VAL A 21 3.79 7.88 3.97
C VAL A 21 3.25 8.52 5.26
N GLU A 22 4.03 8.45 6.35
CA GLU A 22 3.58 8.90 7.68
C GLU A 22 3.31 10.41 7.75
N GLN A 23 4.13 11.20 7.04
CA GLN A 23 4.02 12.67 7.07
C GLN A 23 2.92 13.17 6.11
N TYR A 24 2.71 12.48 4.97
CA TYR A 24 1.75 12.91 3.93
C TYR A 24 0.44 12.13 3.95
N LEU A 25 0.27 11.15 4.87
CA LEU A 25 -0.99 10.40 5.00
C LEU A 25 -2.17 11.33 5.38
N GLY A 26 -3.21 11.32 4.53
CA GLY A 26 -4.41 12.14 4.72
C GLY A 26 -4.37 13.50 4.03
N THR A 27 -3.37 13.72 3.16
CA THR A 27 -3.22 14.99 2.40
C THR A 27 -3.74 14.81 0.95
N ASP A 28 -3.50 15.84 0.10
CA ASP A 28 -3.78 15.76 -1.36
C ASP A 28 -2.65 15.00 -2.08
N GLU A 29 -1.43 15.06 -1.50
CA GLU A 29 -0.25 14.34 -2.01
C GLU A 29 -0.43 12.84 -1.82
N LEU A 30 -0.92 12.47 -0.63
CA LEU A 30 -1.22 11.09 -0.28
C LEU A 30 -2.47 11.04 0.63
N PRO A 31 -3.69 10.85 0.04
CA PRO A 31 -4.88 10.47 0.81
C PRO A 31 -4.67 9.10 1.48
N LYS A 32 -5.35 8.89 2.62
CA LYS A 32 -5.39 7.59 3.30
C LYS A 32 -5.92 6.51 2.34
N ASN A 33 -6.88 6.94 1.48
CA ASN A 33 -7.47 6.08 0.45
C ASN A 33 -6.40 5.50 -0.48
N ASP A 34 -5.53 6.39 -0.99
CA ASP A 34 -4.54 6.07 -2.03
C ASP A 34 -3.47 5.07 -1.51
N LEU A 35 -3.15 5.20 -0.21
CA LEU A 35 -2.26 4.26 0.50
C LEU A 35 -2.89 2.85 0.48
N ILE A 36 -4.11 2.75 1.01
CA ILE A 36 -4.86 1.47 1.13
C ILE A 36 -5.07 0.83 -0.26
N THR A 37 -5.31 1.70 -1.26
CA THR A 37 -5.48 1.32 -2.66
C THR A 37 -4.22 0.59 -3.17
N TYR A 38 -3.03 1.20 -2.97
CA TYR A 38 -1.74 0.61 -3.36
C TYR A 38 -1.58 -0.78 -2.72
N LEU A 39 -1.89 -0.87 -1.43
CA LEU A 39 -1.72 -2.12 -0.64
C LEU A 39 -2.62 -3.26 -1.16
N GLN A 40 -3.89 -2.98 -1.49
CA GLN A 40 -4.82 -4.03 -1.99
C GLN A 40 -4.65 -4.30 -3.50
N LYS A 41 -3.98 -3.39 -4.21
CA LYS A 41 -3.57 -3.60 -5.61
C LYS A 41 -2.35 -4.52 -5.70
N ASN A 42 -1.34 -4.26 -4.85
CA ASN A 42 -0.03 -4.93 -4.92
C ASN A 42 -0.02 -6.23 -4.11
N ALA A 43 -0.55 -6.20 -2.88
CA ALA A 43 -0.59 -7.39 -1.99
C ALA A 43 -1.69 -8.38 -2.39
N ASP A 44 -1.49 -9.64 -1.98
CA ASP A 44 -2.54 -10.66 -2.02
C ASP A 44 -3.53 -10.44 -0.87
N ALA A 45 -4.75 -11.00 -1.02
CA ALA A 45 -5.89 -10.74 -0.11
C ALA A 45 -5.54 -11.02 1.37
N ALA A 46 -4.61 -11.97 1.59
CA ALA A 46 -4.14 -12.39 2.93
C ALA A 46 -3.64 -11.19 3.77
N PHE A 47 -2.84 -10.33 3.12
CA PHE A 47 -2.20 -9.17 3.77
C PHE A 47 -3.26 -8.18 4.27
N LEU A 48 -4.26 -7.94 3.42
CA LEU A 48 -5.34 -7.00 3.69
C LEU A 48 -6.31 -7.59 4.74
N ARG A 49 -6.41 -8.92 4.78
CA ARG A 49 -7.21 -9.63 5.80
C ARG A 49 -6.52 -9.62 7.16
N HIS A 50 -5.18 -9.42 7.15
CA HIS A 50 -4.41 -9.22 8.39
C HIS A 50 -4.61 -7.79 8.92
N TRP A 51 -4.46 -6.80 8.03
CA TRP A 51 -4.48 -5.35 8.39
C TRP A 51 -5.88 -4.72 8.28
N LYS A 52 -6.92 -5.55 8.07
CA LYS A 52 -8.34 -5.14 8.01
C LYS A 52 -8.63 -4.19 6.81
N LEU A 53 -7.73 -4.23 5.81
CA LEU A 53 -7.82 -3.44 4.58
C LEU A 53 -8.63 -4.19 3.50
N THR A 54 -9.12 -5.39 3.86
CA THR A 54 -9.95 -6.24 2.98
C THR A 54 -11.40 -5.72 2.83
N GLY A 55 -11.79 -4.74 3.69
CA GLY A 55 -13.10 -4.09 3.57
C GLY A 55 -13.14 -3.03 2.47
N THR A 56 -14.22 -2.23 2.42
CA THR A 56 -14.33 -1.09 1.48
C THR A 56 -13.41 0.06 1.94
N ASN A 57 -12.55 0.53 1.01
CA ASN A 57 -11.44 1.48 1.29
C ASN A 57 -11.93 2.76 2.02
N LYS A 58 -13.14 3.20 1.66
CA LYS A 58 -13.81 4.38 2.25
C LYS A 58 -13.98 4.20 3.78
N SER A 59 -14.60 3.07 4.16
CA SER A 59 -14.84 2.70 5.57
C SER A 59 -13.52 2.54 6.33
N ILE A 60 -12.54 1.87 5.69
CA ILE A 60 -11.24 1.56 6.29
C ILE A 60 -10.54 2.85 6.77
N ARG A 61 -10.27 3.77 5.82
CA ARG A 61 -9.57 5.04 6.13
C ARG A 61 -10.35 5.90 7.14
N LYS A 62 -11.70 5.78 7.11
CA LYS A 62 -12.58 6.46 8.08
C LYS A 62 -12.43 5.85 9.50
N ASN A 63 -12.29 4.51 9.57
CA ASN A 63 -12.28 3.74 10.83
C ASN A 63 -10.86 3.57 11.39
N ARG A 64 -9.84 3.77 10.53
CA ARG A 64 -8.43 3.56 10.90
C ARG A 64 -7.71 4.90 11.03
N ASN A 65 -6.73 4.95 11.93
CA ASN A 65 -5.81 6.08 12.05
C ASN A 65 -4.76 6.02 10.94
N CYS A 66 -4.01 7.12 10.76
CA CYS A 66 -2.85 7.13 9.86
C CYS A 66 -1.84 6.06 10.31
N SER A 67 -1.64 5.96 11.65
CA SER A 67 -0.69 5.04 12.30
C SER A 67 -0.83 3.58 11.84
N GLN A 68 -2.09 3.13 11.62
CA GLN A 68 -2.39 1.75 11.15
C GLN A 68 -1.86 1.57 9.73
N LEU A 69 -2.15 2.57 8.89
CA LEU A 69 -1.86 2.54 7.45
C LEU A 69 -0.34 2.68 7.19
N ILE A 70 0.35 3.42 8.08
CA ILE A 70 1.83 3.53 8.06
C ILE A 70 2.41 2.14 8.39
N ALA A 71 1.90 1.56 9.50
CA ALA A 71 2.32 0.24 10.01
C ALA A 71 2.16 -0.85 8.95
N ALA A 72 1.07 -0.76 8.19
CA ALA A 72 0.75 -1.69 7.12
C ALA A 72 1.76 -1.56 5.95
N TYR A 73 2.02 -0.30 5.51
CA TYR A 73 3.00 -0.03 4.42
C TYR A 73 4.44 -0.39 4.87
N LYS A 74 4.72 -0.28 6.18
CA LYS A 74 6.04 -0.61 6.75
C LYS A 74 6.27 -2.12 6.65
N ASP A 75 5.40 -2.91 7.28
CA ASP A 75 5.50 -4.40 7.26
C ASP A 75 5.44 -4.94 5.82
N PHE A 76 4.80 -4.18 4.92
CA PHE A 76 4.74 -4.49 3.48
C PHE A 76 6.16 -4.46 2.84
N CYS A 77 6.79 -3.28 2.92
CA CYS A 77 8.11 -3.02 2.32
C CYS A 77 9.24 -3.81 3.03
N GLU A 78 9.10 -3.99 4.35
CA GLU A 78 10.09 -4.71 5.18
C GLU A 78 10.02 -6.23 4.93
N HIS A 79 8.79 -6.74 4.69
CA HIS A 79 8.58 -8.16 4.32
C HIS A 79 9.17 -8.42 2.92
N GLY A 80 9.21 -7.39 2.06
CA GLY A 80 9.82 -7.52 0.75
C GLY A 80 8.79 -7.71 -0.34
N THR A 81 7.74 -6.86 -0.29
CA THR A 81 6.54 -6.93 -1.14
C THR A 81 6.83 -7.22 -2.63
N LYS A 82 5.85 -7.92 -3.24
CA LYS A 82 5.85 -8.32 -4.66
C LYS A 82 5.76 -7.11 -5.61
N SER A 83 5.59 -5.90 -5.05
CA SER A 83 5.75 -4.62 -5.75
C SER A 83 7.16 -4.49 -6.37
N GLY A 84 8.13 -5.14 -5.70
CA GLY A 84 9.56 -5.01 -6.02
C GLY A 84 10.25 -4.04 -5.06
N LEU A 85 9.72 -3.97 -3.82
CA LEU A 85 10.25 -3.07 -2.76
C LEU A 85 10.62 -3.88 -1.51
N ASN A 86 11.91 -3.89 -1.17
CA ASN A 86 12.39 -4.33 0.15
C ASN A 86 13.10 -3.14 0.80
N GLN A 87 12.28 -2.26 1.38
CA GLN A 87 12.73 -0.99 1.96
C GLN A 87 12.83 -1.11 3.50
N GLY A 88 13.85 -0.44 4.06
CA GLY A 88 14.08 -0.45 5.50
C GLY A 88 15.05 0.66 5.91
N MET A 1 10.31 16.15 -23.46
CA MET A 1 11.06 15.02 -22.89
C MET A 1 10.34 14.53 -21.62
N LYS A 2 9.57 13.42 -21.75
CA LYS A 2 8.76 12.87 -20.64
C LYS A 2 9.69 12.08 -19.68
N ASP A 3 10.31 12.82 -18.75
CA ASP A 3 11.25 12.26 -17.76
C ASP A 3 10.49 11.58 -16.61
N SER A 4 9.34 12.18 -16.24
CA SER A 4 8.50 11.75 -15.10
C SER A 4 8.07 10.27 -15.21
N ASP A 5 7.80 9.84 -16.45
CA ASP A 5 7.23 8.51 -16.76
C ASP A 5 8.26 7.36 -16.56
N LYS A 6 9.53 7.71 -16.30
CA LYS A 6 10.60 6.73 -16.01
C LYS A 6 10.37 6.13 -14.60
N GLU A 7 9.92 6.98 -13.67
CA GLU A 7 9.49 6.57 -12.32
C GLU A 7 8.01 6.17 -12.31
N LYS A 8 7.21 6.85 -13.15
CA LYS A 8 5.75 6.67 -13.26
C LYS A 8 5.42 5.71 -14.42
N GLU A 9 6.18 4.61 -14.49
CA GLU A 9 6.06 3.57 -15.53
C GLU A 9 4.77 2.73 -15.33
N ASN A 10 4.36 2.00 -16.39
CA ASN A 10 3.16 1.13 -16.36
C ASN A 10 3.28 0.02 -15.29
N GLY A 11 2.20 -0.14 -14.50
CA GLY A 11 2.14 -1.13 -13.41
C GLY A 11 2.72 -0.62 -12.10
N LYS A 12 3.97 -0.11 -12.15
CA LYS A 12 4.65 0.47 -10.97
C LYS A 12 4.30 1.97 -10.86
N MET A 13 3.29 2.30 -10.05
CA MET A 13 2.90 3.69 -9.71
C MET A 13 2.85 3.81 -8.18
N GLY A 14 3.03 5.05 -7.68
CA GLY A 14 2.88 5.35 -6.25
C GLY A 14 3.84 4.56 -5.36
N CYS A 15 5.07 4.41 -5.82
CA CYS A 15 6.13 3.75 -5.05
C CYS A 15 6.82 4.78 -4.14
N TRP A 16 6.33 4.91 -2.88
CA TRP A 16 6.78 5.95 -1.94
C TRP A 16 7.83 5.41 -0.95
N SER A 17 8.35 6.32 -0.12
CA SER A 17 9.14 5.97 1.06
C SER A 17 8.22 6.00 2.30
N ILE A 18 8.69 5.40 3.41
CA ILE A 18 7.93 5.29 4.68
C ILE A 18 7.51 6.68 5.20
N GLU A 19 8.46 7.62 5.17
CA GLU A 19 8.28 8.97 5.73
C GLU A 19 7.35 9.83 4.85
N HIS A 20 7.32 9.59 3.52
CA HIS A 20 6.33 10.25 2.63
C HIS A 20 4.91 9.84 3.06
N VAL A 21 4.75 8.52 3.28
CA VAL A 21 3.47 7.92 3.70
C VAL A 21 2.98 8.56 5.01
N GLU A 22 3.77 8.44 6.09
CA GLU A 22 3.36 8.84 7.45
C GLU A 22 3.15 10.36 7.59
N GLN A 23 4.07 11.15 7.02
CA GLN A 23 4.07 12.61 7.17
C GLN A 23 3.01 13.28 6.28
N TYR A 24 2.65 12.62 5.16
CA TYR A 24 1.69 13.16 4.19
C TYR A 24 0.35 12.39 4.23
N LEU A 25 0.19 11.37 5.11
CA LEU A 25 -1.11 10.64 5.25
C LEU A 25 -2.22 11.62 5.67
N GLY A 26 -3.17 11.84 4.74
CA GLY A 26 -4.24 12.82 4.90
C GLY A 26 -3.99 14.13 4.14
N THR A 27 -3.12 14.09 3.11
CA THR A 27 -2.91 15.25 2.19
C THR A 27 -3.28 14.86 0.75
N ASP A 28 -3.08 15.78 -0.20
CA ASP A 28 -3.23 15.53 -1.65
C ASP A 28 -2.08 14.65 -2.17
N GLU A 29 -0.87 14.84 -1.59
CA GLU A 29 0.35 14.12 -1.99
C GLU A 29 0.35 12.67 -1.49
N LEU A 30 -0.41 12.40 -0.41
CA LEU A 30 -0.62 11.03 0.08
C LEU A 30 -2.00 10.95 0.75
N PRO A 31 -3.09 10.70 -0.04
CA PRO A 31 -4.40 10.35 0.52
C PRO A 31 -4.37 9.00 1.24
N LYS A 32 -5.20 8.87 2.29
CA LYS A 32 -5.39 7.60 3.00
C LYS A 32 -5.95 6.54 2.05
N ASN A 33 -6.84 6.99 1.12
CA ASN A 33 -7.49 6.10 0.15
C ASN A 33 -6.43 5.51 -0.79
N ASP A 34 -5.60 6.41 -1.34
CA ASP A 34 -4.52 6.07 -2.31
C ASP A 34 -3.50 5.09 -1.72
N LEU A 35 -3.25 5.25 -0.40
CA LEU A 35 -2.36 4.35 0.37
C LEU A 35 -2.97 2.92 0.41
N ILE A 36 -4.22 2.85 0.91
CA ILE A 36 -4.97 1.57 1.05
C ILE A 36 -5.15 0.87 -0.31
N THR A 37 -5.35 1.69 -1.36
CA THR A 37 -5.52 1.23 -2.74
C THR A 37 -4.24 0.52 -3.23
N TYR A 38 -3.09 1.20 -3.04
CA TYR A 38 -1.75 0.65 -3.39
C TYR A 38 -1.52 -0.69 -2.68
N LEU A 39 -1.90 -0.74 -1.40
CA LEU A 39 -1.71 -1.95 -0.56
C LEU A 39 -2.55 -3.13 -1.07
N GLN A 40 -3.81 -2.91 -1.43
CA GLN A 40 -4.71 -3.99 -1.91
C GLN A 40 -4.41 -4.38 -3.38
N LYS A 41 -3.73 -3.50 -4.11
CA LYS A 41 -3.26 -3.79 -5.48
C LYS A 41 -1.96 -4.63 -5.46
N ASN A 42 -0.95 -4.15 -4.70
CA ASN A 42 0.43 -4.66 -4.75
C ASN A 42 0.68 -5.81 -3.76
N ALA A 43 0.01 -5.79 -2.60
CA ALA A 43 0.14 -6.88 -1.59
C ALA A 43 -0.84 -8.02 -1.90
N ASP A 44 -0.61 -9.16 -1.23
CA ASP A 44 -1.47 -10.36 -1.36
C ASP A 44 -2.75 -10.17 -0.54
N ALA A 45 -3.82 -10.88 -0.92
CA ALA A 45 -5.16 -10.74 -0.28
C ALA A 45 -5.10 -11.04 1.24
N ALA A 46 -4.19 -11.96 1.60
CA ALA A 46 -3.89 -12.33 3.00
C ALA A 46 -3.50 -11.11 3.86
N PHE A 47 -2.68 -10.22 3.26
CA PHE A 47 -2.12 -9.03 3.92
C PHE A 47 -3.24 -8.02 4.28
N LEU A 48 -4.24 -7.89 3.39
CA LEU A 48 -5.38 -6.98 3.61
C LEU A 48 -6.39 -7.59 4.60
N ARG A 49 -6.50 -8.93 4.59
CA ARG A 49 -7.33 -9.67 5.57
C ARG A 49 -6.61 -9.78 6.94
N HIS A 50 -5.30 -9.47 6.95
CA HIS A 50 -4.47 -9.32 8.17
C HIS A 50 -4.68 -7.93 8.80
N TRP A 51 -4.58 -6.87 7.98
CA TRP A 51 -4.70 -5.45 8.43
C TRP A 51 -6.15 -4.93 8.34
N LYS A 52 -7.07 -5.81 7.91
CA LYS A 52 -8.53 -5.53 7.80
C LYS A 52 -8.82 -4.41 6.78
N LEU A 53 -7.90 -4.30 5.79
CA LEU A 53 -8.05 -3.41 4.62
C LEU A 53 -8.86 -4.12 3.50
N THR A 54 -9.29 -5.37 3.80
CA THR A 54 -10.15 -6.20 2.92
C THR A 54 -11.56 -5.59 2.71
N GLY A 55 -11.97 -4.71 3.65
CA GLY A 55 -13.28 -4.03 3.57
C GLY A 55 -13.31 -2.90 2.54
N THR A 56 -14.41 -2.12 2.53
CA THR A 56 -14.55 -0.95 1.65
C THR A 56 -13.67 0.20 2.18
N ASN A 57 -12.91 0.84 1.26
CA ASN A 57 -11.85 1.82 1.59
C ASN A 57 -12.40 2.99 2.42
N LYS A 58 -13.65 3.39 2.14
CA LYS A 58 -14.36 4.47 2.88
C LYS A 58 -14.35 4.17 4.40
N SER A 59 -14.85 2.98 4.75
CA SER A 59 -14.97 2.54 6.15
C SER A 59 -13.58 2.30 6.79
N ILE A 60 -12.56 1.99 5.96
CA ILE A 60 -11.19 1.78 6.45
C ILE A 60 -10.56 3.13 6.84
N ARG A 61 -10.43 4.05 5.88
CA ARG A 61 -9.80 5.39 6.10
C ARG A 61 -10.59 6.24 7.12
N LYS A 62 -11.86 5.85 7.41
CA LYS A 62 -12.66 6.49 8.47
C LYS A 62 -12.40 5.83 9.85
N ASN A 63 -12.54 4.48 9.93
CA ASN A 63 -12.46 3.74 11.22
C ASN A 63 -11.00 3.57 11.68
N ARG A 64 -10.14 3.12 10.75
CA ARG A 64 -8.68 3.05 10.95
C ARG A 64 -8.10 4.47 10.91
N ASN A 65 -7.10 4.72 11.76
CA ASN A 65 -6.33 5.97 11.75
C ASN A 65 -5.06 5.78 10.90
N CYS A 66 -4.23 6.84 10.81
CA CYS A 66 -3.00 6.83 10.00
C CYS A 66 -2.02 5.73 10.45
N SER A 67 -1.91 5.51 11.77
CA SER A 67 -0.92 4.57 12.37
C SER A 67 -1.02 3.13 11.78
N GLN A 68 -2.25 2.66 11.52
CA GLN A 68 -2.49 1.33 10.89
C GLN A 68 -1.95 1.29 9.46
N LEU A 69 -2.17 2.40 8.73
CA LEU A 69 -1.84 2.52 7.30
C LEU A 69 -0.32 2.68 7.11
N ILE A 70 0.33 3.40 8.05
CA ILE A 70 1.80 3.56 8.07
C ILE A 70 2.44 2.19 8.32
N ALA A 71 1.98 1.55 9.41
CA ALA A 71 2.49 0.26 9.89
C ALA A 71 2.29 -0.83 8.84
N ALA A 72 1.18 -0.77 8.11
CA ALA A 72 0.89 -1.69 7.00
C ALA A 72 1.88 -1.50 5.84
N TYR A 73 2.15 -0.22 5.47
CA TYR A 73 3.12 0.10 4.38
C TYR A 73 4.54 -0.33 4.78
N LYS A 74 4.87 -0.17 6.07
CA LYS A 74 6.16 -0.58 6.65
C LYS A 74 6.31 -2.10 6.54
N ASP A 75 5.36 -2.83 7.15
CA ASP A 75 5.35 -4.32 7.18
C ASP A 75 5.43 -4.91 5.76
N PHE A 76 4.83 -4.23 4.78
CA PHE A 76 4.89 -4.63 3.36
C PHE A 76 6.33 -4.50 2.81
N CYS A 77 6.91 -3.30 3.01
CA CYS A 77 8.29 -2.98 2.57
C CYS A 77 9.35 -3.86 3.28
N GLU A 78 9.02 -4.33 4.48
CA GLU A 78 9.90 -5.20 5.30
C GLU A 78 9.65 -6.69 4.99
N HIS A 79 8.42 -7.02 4.55
CA HIS A 79 8.01 -8.42 4.23
C HIS A 79 8.54 -8.82 2.84
N GLY A 80 8.94 -7.83 2.01
CA GLY A 80 9.49 -8.15 0.68
C GLY A 80 8.52 -7.81 -0.45
N THR A 81 7.99 -6.58 -0.39
CA THR A 81 7.06 -6.01 -1.38
C THR A 81 7.44 -6.35 -2.86
N LYS A 82 6.49 -6.99 -3.57
CA LYS A 82 6.67 -7.50 -4.95
C LYS A 82 6.47 -6.39 -6.01
N SER A 83 6.32 -5.13 -5.54
CA SER A 83 6.22 -3.94 -6.42
C SER A 83 7.55 -3.64 -7.16
N GLY A 84 8.65 -4.28 -6.70
CA GLY A 84 9.99 -4.07 -7.25
C GLY A 84 10.78 -3.04 -6.44
N LEU A 85 10.32 -2.76 -5.20
CA LEU A 85 10.99 -1.83 -4.28
C LEU A 85 12.24 -2.48 -3.66
N ASN A 86 12.13 -3.78 -3.34
CA ASN A 86 13.24 -4.60 -2.86
C ASN A 86 13.65 -5.57 -3.97
N GLN A 87 14.69 -5.21 -4.74
CA GLN A 87 15.26 -6.05 -5.79
C GLN A 87 16.32 -6.98 -5.16
N GLY A 88 15.94 -8.25 -4.93
CA GLY A 88 16.81 -9.22 -4.25
C GLY A 88 16.82 -10.57 -4.96
N MET A 1 1.78 -10.76 -26.32
CA MET A 1 1.16 -11.35 -25.12
C MET A 1 2.23 -11.53 -24.02
N LYS A 2 2.06 -10.80 -22.89
CA LYS A 2 2.93 -10.93 -21.73
C LYS A 2 2.40 -12.05 -20.84
N ASP A 3 2.83 -13.29 -21.11
CA ASP A 3 2.55 -14.43 -20.24
C ASP A 3 3.40 -14.36 -18.95
N SER A 4 4.46 -13.53 -19.01
CA SER A 4 5.34 -13.21 -17.87
C SER A 4 4.89 -11.86 -17.23
N ASP A 5 3.58 -11.57 -17.31
CA ASP A 5 2.98 -10.30 -16.86
C ASP A 5 3.18 -10.05 -15.36
N LYS A 6 3.10 -11.10 -14.54
CA LYS A 6 3.10 -10.98 -13.07
C LYS A 6 4.48 -10.56 -12.55
N GLU A 7 5.54 -11.15 -13.12
CA GLU A 7 6.94 -10.84 -12.76
C GLU A 7 7.39 -9.51 -13.40
N LYS A 8 6.76 -9.15 -14.54
CA LYS A 8 7.22 -8.06 -15.42
C LYS A 8 6.04 -7.10 -15.74
N GLU A 9 5.26 -6.74 -14.70
CA GLU A 9 4.11 -5.84 -14.84
C GLU A 9 4.57 -4.38 -14.99
N ASN A 10 3.88 -3.65 -15.88
CA ASN A 10 4.07 -2.22 -16.11
C ASN A 10 2.71 -1.54 -15.84
N GLY A 11 2.73 -0.32 -15.30
CA GLY A 11 1.52 0.35 -14.80
C GLY A 11 1.45 0.29 -13.27
N LYS A 12 2.48 -0.30 -12.65
CA LYS A 12 2.61 -0.34 -11.18
C LYS A 12 3.13 1.03 -10.68
N MET A 13 2.34 1.65 -9.80
CA MET A 13 2.59 3.01 -9.30
C MET A 13 2.53 3.00 -7.76
N GLY A 14 2.89 4.15 -7.15
CA GLY A 14 2.75 4.34 -5.71
C GLY A 14 3.88 3.76 -4.87
N CYS A 15 5.06 3.62 -5.47
CA CYS A 15 6.28 3.19 -4.76
C CYS A 15 6.89 4.41 -4.01
N TRP A 16 6.36 4.67 -2.79
CA TRP A 16 6.77 5.83 -1.97
C TRP A 16 7.86 5.41 -0.96
N SER A 17 8.30 6.37 -0.14
CA SER A 17 9.11 6.11 1.07
C SER A 17 8.16 5.95 2.27
N ILE A 18 8.67 5.32 3.35
CA ILE A 18 7.93 5.19 4.61
C ILE A 18 7.56 6.59 5.15
N GLU A 19 8.54 7.51 5.07
CA GLU A 19 8.39 8.89 5.55
C GLU A 19 7.40 9.69 4.68
N HIS A 20 7.39 9.46 3.35
CA HIS A 20 6.45 10.15 2.45
C HIS A 20 5.01 9.78 2.82
N VAL A 21 4.81 8.48 3.09
CA VAL A 21 3.53 7.94 3.55
C VAL A 21 3.10 8.61 4.87
N GLU A 22 3.91 8.44 5.94
CA GLU A 22 3.52 8.83 7.31
C GLU A 22 3.31 10.35 7.45
N GLN A 23 4.21 11.13 6.84
CA GLN A 23 4.22 12.59 6.96
C GLN A 23 3.11 13.23 6.12
N TYR A 24 2.86 12.68 4.92
CA TYR A 24 1.84 13.23 4.00
C TYR A 24 0.48 12.50 4.13
N LEU A 25 0.36 11.48 5.02
CA LEU A 25 -0.93 10.77 5.25
C LEU A 25 -2.02 11.75 5.71
N GLY A 26 -3.09 11.83 4.91
CA GLY A 26 -4.24 12.68 5.20
C GLY A 26 -4.30 13.90 4.29
N THR A 27 -3.14 14.31 3.74
CA THR A 27 -3.07 15.44 2.79
C THR A 27 -3.52 14.97 1.39
N ASP A 28 -3.71 15.93 0.47
CA ASP A 28 -4.03 15.62 -0.94
C ASP A 28 -2.79 15.05 -1.68
N GLU A 29 -1.61 15.24 -1.08
CA GLU A 29 -0.33 14.75 -1.62
C GLU A 29 -0.21 13.23 -1.42
N LEU A 30 -0.73 12.72 -0.28
CA LEU A 30 -0.76 11.27 0.01
C LEU A 30 -2.03 10.99 0.86
N PRO A 31 -3.23 10.88 0.21
CA PRO A 31 -4.47 10.50 0.92
C PRO A 31 -4.41 9.02 1.39
N LYS A 32 -5.05 8.77 2.55
CA LYS A 32 -5.11 7.43 3.18
C LYS A 32 -5.70 6.40 2.23
N ASN A 33 -6.74 6.83 1.48
CA ASN A 33 -7.43 6.00 0.48
C ASN A 33 -6.43 5.43 -0.56
N ASP A 34 -5.52 6.30 -1.06
CA ASP A 34 -4.50 5.93 -2.09
C ASP A 34 -3.50 4.90 -1.54
N LEU A 35 -3.13 5.05 -0.27
CA LEU A 35 -2.22 4.12 0.42
C LEU A 35 -2.83 2.71 0.44
N ILE A 36 -4.04 2.64 0.99
CA ILE A 36 -4.84 1.40 1.10
C ILE A 36 -5.03 0.73 -0.28
N THR A 37 -5.25 1.57 -1.31
CA THR A 37 -5.39 1.14 -2.72
C THR A 37 -4.11 0.40 -3.18
N TYR A 38 -2.94 1.02 -2.94
CA TYR A 38 -1.63 0.46 -3.33
C TYR A 38 -1.45 -0.94 -2.73
N LEU A 39 -1.73 -1.05 -1.42
CA LEU A 39 -1.55 -2.29 -0.67
C LEU A 39 -2.47 -3.41 -1.19
N GLN A 40 -3.75 -3.10 -1.46
CA GLN A 40 -4.71 -4.14 -1.93
C GLN A 40 -4.48 -4.51 -3.40
N LYS A 41 -3.79 -3.63 -4.15
CA LYS A 41 -3.37 -3.93 -5.53
C LYS A 41 -2.12 -4.83 -5.55
N ASN A 42 -1.08 -4.45 -4.77
CA ASN A 42 0.25 -5.11 -4.82
C ASN A 42 0.27 -6.37 -3.93
N ALA A 43 -0.25 -6.23 -2.70
CA ALA A 43 -0.33 -7.36 -1.74
C ALA A 43 -1.48 -8.30 -2.08
N ASP A 44 -1.31 -9.57 -1.71
CA ASP A 44 -2.33 -10.62 -1.83
C ASP A 44 -3.39 -10.43 -0.73
N ALA A 45 -4.59 -10.96 -0.97
CA ALA A 45 -5.81 -10.68 -0.14
C ALA A 45 -5.57 -10.93 1.37
N ALA A 46 -4.69 -11.90 1.68
CA ALA A 46 -4.33 -12.30 3.05
C ALA A 46 -3.79 -11.11 3.89
N PHE A 47 -2.93 -10.31 3.25
CA PHE A 47 -2.26 -9.16 3.88
C PHE A 47 -3.28 -8.11 4.32
N LEU A 48 -4.29 -7.89 3.46
CA LEU A 48 -5.35 -6.91 3.71
C LEU A 48 -6.35 -7.44 4.74
N ARG A 49 -6.52 -8.77 4.78
CA ARG A 49 -7.36 -9.44 5.80
C ARG A 49 -6.63 -9.50 7.16
N HIS A 50 -5.30 -9.25 7.15
CA HIS A 50 -4.51 -9.04 8.38
C HIS A 50 -4.74 -7.62 8.92
N TRP A 51 -4.43 -6.60 8.09
CA TRP A 51 -4.46 -5.16 8.50
C TRP A 51 -5.87 -4.53 8.36
N LYS A 52 -6.88 -5.36 7.99
CA LYS A 52 -8.32 -4.97 7.90
C LYS A 52 -8.59 -4.01 6.71
N LEU A 53 -7.70 -4.05 5.70
CA LEU A 53 -7.79 -3.21 4.49
C LEU A 53 -8.58 -3.93 3.36
N THR A 54 -9.18 -5.08 3.69
CA THR A 54 -9.85 -5.96 2.71
C THR A 54 -11.32 -5.53 2.38
N GLY A 55 -11.90 -4.66 3.23
CA GLY A 55 -13.31 -4.24 3.09
C GLY A 55 -13.50 -3.09 2.09
N THR A 56 -14.48 -2.21 2.37
CA THR A 56 -14.69 -0.99 1.57
C THR A 56 -13.70 0.09 2.03
N ASN A 57 -12.95 0.65 1.06
CA ASN A 57 -11.83 1.58 1.32
C ASN A 57 -12.28 2.84 2.10
N LYS A 58 -13.56 3.20 1.95
CA LYS A 58 -14.17 4.35 2.67
C LYS A 58 -14.13 4.14 4.20
N SER A 59 -14.65 2.98 4.64
CA SER A 59 -14.72 2.63 6.07
C SER A 59 -13.30 2.43 6.64
N ILE A 60 -12.34 2.06 5.77
CA ILE A 60 -10.96 1.79 6.19
C ILE A 60 -10.19 3.12 6.39
N ARG A 61 -10.19 4.01 5.39
CA ARG A 61 -9.49 5.32 5.50
C ARG A 61 -10.04 6.14 6.69
N LYS A 62 -11.34 6.02 6.96
CA LYS A 62 -11.99 6.74 8.06
C LYS A 62 -11.71 6.08 9.43
N ASN A 63 -12.02 4.77 9.55
CA ASN A 63 -12.05 4.06 10.85
C ASN A 63 -10.70 3.42 11.21
N ARG A 64 -9.95 2.97 10.20
CA ARG A 64 -8.58 2.43 10.39
C ARG A 64 -7.65 3.64 10.54
N ASN A 65 -6.98 3.74 11.70
CA ASN A 65 -6.12 4.89 12.06
C ASN A 65 -4.98 5.06 11.04
N CYS A 66 -4.58 6.33 10.81
CA CYS A 66 -3.47 6.68 9.90
C CYS A 66 -2.19 5.95 10.34
N SER A 67 -1.96 5.89 11.67
CA SER A 67 -0.84 5.17 12.30
C SER A 67 -0.83 3.67 11.91
N GLN A 68 -2.04 3.07 11.85
CA GLN A 68 -2.23 1.65 11.49
C GLN A 68 -1.89 1.42 9.99
N LEU A 69 -2.25 2.42 9.16
CA LEU A 69 -2.03 2.38 7.70
C LEU A 69 -0.52 2.51 7.36
N ILE A 70 0.20 3.38 8.12
CA ILE A 70 1.69 3.49 8.04
C ILE A 70 2.30 2.14 8.36
N ALA A 71 1.87 1.57 9.50
CA ALA A 71 2.35 0.27 10.02
C ALA A 71 2.15 -0.85 8.98
N ALA A 72 1.04 -0.77 8.24
CA ALA A 72 0.70 -1.73 7.17
C ALA A 72 1.71 -1.63 5.99
N TYR A 73 1.89 -0.42 5.45
CA TYR A 73 2.84 -0.14 4.33
C TYR A 73 4.29 -0.44 4.75
N LYS A 74 4.57 -0.14 6.01
CA LYS A 74 5.91 -0.22 6.59
C LYS A 74 6.32 -1.70 6.64
N ASP A 75 5.40 -2.49 7.20
CA ASP A 75 5.55 -3.95 7.34
C ASP A 75 5.61 -4.64 5.96
N PHE A 76 4.92 -4.04 4.97
CA PHE A 76 4.87 -4.54 3.57
C PHE A 76 6.28 -4.47 2.93
N CYS A 77 6.89 -3.28 3.02
CA CYS A 77 8.23 -3.02 2.48
C CYS A 77 9.30 -3.85 3.23
N GLU A 78 9.17 -3.93 4.57
CA GLU A 78 10.07 -4.73 5.43
C GLU A 78 9.89 -6.25 5.16
N HIS A 79 8.66 -6.63 4.75
CA HIS A 79 8.31 -8.03 4.41
C HIS A 79 9.00 -8.44 3.11
N GLY A 80 9.22 -7.47 2.21
CA GLY A 80 9.91 -7.75 0.96
C GLY A 80 8.98 -7.85 -0.22
N THR A 81 8.05 -6.88 -0.28
CA THR A 81 7.01 -6.78 -1.33
C THR A 81 7.54 -7.01 -2.77
N LYS A 82 6.64 -7.53 -3.62
CA LYS A 82 6.91 -7.83 -5.05
C LYS A 82 7.21 -6.53 -5.86
N SER A 83 6.96 -5.37 -5.23
CA SER A 83 7.29 -4.04 -5.78
C SER A 83 8.82 -3.79 -5.82
N GLY A 84 9.59 -4.66 -5.12
CA GLY A 84 11.06 -4.59 -5.10
C GLY A 84 11.61 -3.86 -3.86
N LEU A 85 10.69 -3.37 -3.00
CA LEU A 85 11.07 -2.66 -1.77
C LEU A 85 11.30 -3.68 -0.63
N ASN A 86 12.56 -3.77 -0.16
CA ASN A 86 12.92 -4.59 1.02
C ASN A 86 14.16 -4.03 1.72
N GLN A 87 14.05 -3.80 3.04
CA GLN A 87 15.19 -3.48 3.90
C GLN A 87 15.16 -4.46 5.09
N GLY A 88 16.23 -5.25 5.24
CA GLY A 88 16.32 -6.27 6.29
C GLY A 88 17.47 -7.25 6.01
N MET A 1 -1.00 -16.79 -21.58
CA MET A 1 -1.77 -16.12 -20.50
C MET A 1 -0.83 -15.72 -19.35
N LYS A 2 -0.84 -14.43 -18.98
CA LYS A 2 -0.09 -13.89 -17.83
C LYS A 2 -1.04 -13.01 -16.98
N ASP A 3 -1.70 -13.63 -16.00
CA ASP A 3 -2.67 -12.95 -15.10
C ASP A 3 -2.00 -12.43 -13.82
N SER A 4 -0.75 -12.85 -13.57
CA SER A 4 0.01 -12.45 -12.35
C SER A 4 0.54 -10.99 -12.44
N ASP A 5 0.27 -10.31 -13.59
CA ASP A 5 0.61 -8.89 -13.81
C ASP A 5 -0.19 -7.94 -12.90
N LYS A 6 -1.06 -8.50 -12.04
CA LYS A 6 -1.65 -7.79 -10.88
C LYS A 6 -0.54 -7.11 -10.04
N GLU A 7 0.37 -7.94 -9.48
CA GLU A 7 1.50 -7.45 -8.67
C GLU A 7 2.74 -7.25 -9.55
N LYS A 8 2.95 -8.14 -10.54
CA LYS A 8 4.11 -8.13 -11.48
C LYS A 8 4.13 -6.84 -12.36
N GLU A 9 3.03 -6.06 -12.28
CA GLU A 9 2.84 -4.78 -13.01
C GLU A 9 4.09 -3.87 -13.01
N ASN A 10 4.50 -3.51 -14.23
CA ASN A 10 5.58 -2.53 -14.47
C ASN A 10 4.96 -1.12 -14.54
N GLY A 11 5.73 -0.13 -14.09
CA GLY A 11 5.18 1.21 -13.86
C GLY A 11 4.30 1.23 -12.62
N LYS A 12 4.74 0.45 -11.61
CA LYS A 12 4.01 0.24 -10.35
C LYS A 12 3.87 1.56 -9.59
N MET A 13 2.61 2.04 -9.50
CA MET A 13 2.27 3.26 -8.76
C MET A 13 2.55 3.10 -7.27
N GLY A 14 2.64 4.23 -6.57
CA GLY A 14 2.63 4.26 -5.12
C GLY A 14 3.90 3.76 -4.44
N CYS A 15 5.01 3.74 -5.19
CA CYS A 15 6.31 3.36 -4.62
C CYS A 15 6.95 4.57 -3.91
N TRP A 16 6.50 4.82 -2.66
CA TRP A 16 6.97 5.96 -1.84
C TRP A 16 8.04 5.50 -0.83
N SER A 17 8.66 6.48 -0.17
CA SER A 17 9.45 6.25 1.05
C SER A 17 8.51 6.20 2.26
N ILE A 18 8.96 5.53 3.34
CA ILE A 18 8.22 5.41 4.59
C ILE A 18 7.83 6.81 5.14
N GLU A 19 8.76 7.76 5.02
CA GLU A 19 8.58 9.15 5.51
C GLU A 19 7.55 9.93 4.67
N HIS A 20 7.53 9.74 3.33
CA HIS A 20 6.53 10.41 2.46
C HIS A 20 5.11 9.97 2.87
N VAL A 21 4.99 8.65 3.11
CA VAL A 21 3.75 8.02 3.60
C VAL A 21 3.30 8.69 4.92
N GLU A 22 4.14 8.58 5.97
CA GLU A 22 3.75 8.98 7.35
C GLU A 22 3.48 10.48 7.52
N GLN A 23 4.25 11.31 6.80
CA GLN A 23 4.16 12.78 6.92
C GLN A 23 2.95 13.31 6.14
N TYR A 24 2.73 12.77 4.92
CA TYR A 24 1.66 13.27 4.02
C TYR A 24 0.33 12.49 4.18
N LEU A 25 0.30 11.38 4.98
CA LEU A 25 -0.93 10.60 5.21
C LEU A 25 -2.00 11.45 5.92
N GLY A 26 -3.11 11.69 5.21
CA GLY A 26 -4.23 12.50 5.71
C GLY A 26 -4.50 13.71 4.82
N THR A 27 -3.53 14.05 3.94
CA THR A 27 -3.61 15.21 3.04
C THR A 27 -4.16 14.78 1.65
N ASP A 28 -4.26 15.76 0.73
CA ASP A 28 -4.56 15.49 -0.69
C ASP A 28 -3.31 14.94 -1.42
N GLU A 29 -2.13 15.31 -0.90
CA GLU A 29 -0.83 14.90 -1.47
C GLU A 29 -0.62 13.37 -1.33
N LEU A 30 -1.02 12.83 -0.17
CA LEU A 30 -1.04 11.38 0.07
C LEU A 30 -2.32 11.05 0.86
N PRO A 31 -3.45 10.78 0.14
CA PRO A 31 -4.69 10.32 0.77
C PRO A 31 -4.51 8.90 1.36
N LYS A 32 -5.16 8.68 2.51
CA LYS A 32 -5.23 7.38 3.19
C LYS A 32 -5.86 6.33 2.27
N ASN A 33 -6.79 6.80 1.42
CA ASN A 33 -7.44 6.00 0.36
C ASN A 33 -6.37 5.36 -0.55
N ASP A 34 -5.45 6.20 -1.09
CA ASP A 34 -4.46 5.78 -2.10
C ASP A 34 -3.40 4.82 -1.50
N LEU A 35 -3.15 4.97 -0.19
CA LEU A 35 -2.27 4.06 0.57
C LEU A 35 -2.89 2.65 0.56
N ILE A 36 -4.14 2.55 1.05
CA ILE A 36 -4.90 1.29 1.14
C ILE A 36 -5.09 0.68 -0.27
N THR A 37 -5.24 1.57 -1.27
CA THR A 37 -5.37 1.20 -2.69
C THR A 37 -4.09 0.49 -3.17
N TYR A 38 -2.91 1.06 -2.85
CA TYR A 38 -1.59 0.46 -3.19
C TYR A 38 -1.54 -0.96 -2.64
N LEU A 39 -1.89 -1.11 -1.36
CA LEU A 39 -1.78 -2.40 -0.66
C LEU A 39 -2.74 -3.47 -1.25
N GLN A 40 -3.98 -3.09 -1.61
CA GLN A 40 -4.95 -4.07 -2.20
C GLN A 40 -4.65 -4.36 -3.68
N LYS A 41 -3.88 -3.48 -4.33
CA LYS A 41 -3.39 -3.71 -5.71
C LYS A 41 -2.19 -4.68 -5.74
N ASN A 42 -1.16 -4.38 -4.93
CA ASN A 42 0.15 -5.07 -5.02
C ASN A 42 0.27 -6.27 -4.07
N ALA A 43 -0.33 -6.17 -2.87
CA ALA A 43 -0.32 -7.28 -1.89
C ALA A 43 -1.47 -8.27 -2.20
N ASP A 44 -1.27 -9.53 -1.79
CA ASP A 44 -2.30 -10.59 -1.90
C ASP A 44 -3.41 -10.33 -0.88
N ALA A 45 -4.62 -10.86 -1.16
CA ALA A 45 -5.84 -10.56 -0.39
C ALA A 45 -5.69 -10.89 1.12
N ALA A 46 -4.81 -11.87 1.42
CA ALA A 46 -4.48 -12.30 2.80
C ALA A 46 -3.97 -11.11 3.66
N PHE A 47 -3.09 -10.28 3.06
CA PHE A 47 -2.46 -9.13 3.73
C PHE A 47 -3.52 -8.08 4.12
N LEU A 48 -4.50 -7.90 3.22
CA LEU A 48 -5.62 -6.97 3.44
C LEU A 48 -6.59 -7.53 4.49
N ARG A 49 -6.71 -8.86 4.54
CA ARG A 49 -7.50 -9.57 5.56
C ARG A 49 -6.81 -9.51 6.93
N HIS A 50 -5.48 -9.32 6.93
CA HIS A 50 -4.68 -9.16 8.15
C HIS A 50 -4.88 -7.76 8.76
N TRP A 51 -4.73 -6.72 7.91
CA TRP A 51 -4.78 -5.31 8.36
C TRP A 51 -6.18 -4.68 8.24
N LYS A 52 -7.20 -5.52 7.93
CA LYS A 52 -8.64 -5.12 7.83
C LYS A 52 -8.91 -4.20 6.61
N LEU A 53 -7.99 -4.22 5.64
CA LEU A 53 -8.06 -3.41 4.41
C LEU A 53 -8.84 -4.13 3.28
N THR A 54 -9.34 -5.36 3.57
CA THR A 54 -10.09 -6.21 2.62
C THR A 54 -11.54 -5.72 2.37
N GLY A 55 -12.03 -4.79 3.22
CA GLY A 55 -13.42 -4.28 3.12
C GLY A 55 -13.55 -3.10 2.15
N THR A 56 -14.54 -2.21 2.41
CA THR A 56 -14.73 -0.97 1.62
C THR A 56 -13.75 0.12 2.10
N ASN A 57 -12.92 0.63 1.15
CA ASN A 57 -11.76 1.52 1.44
C ASN A 57 -12.20 2.79 2.22
N LYS A 58 -13.44 3.24 2.00
CA LYS A 58 -14.02 4.42 2.68
C LYS A 58 -14.09 4.21 4.22
N SER A 59 -14.72 3.10 4.63
CA SER A 59 -14.87 2.74 6.05
C SER A 59 -13.51 2.44 6.69
N ILE A 60 -12.60 1.86 5.90
CA ILE A 60 -11.26 1.47 6.36
C ILE A 60 -10.42 2.72 6.70
N ARG A 61 -10.32 3.68 5.77
CA ARG A 61 -9.51 4.92 5.99
C ARG A 61 -10.17 5.80 7.08
N LYS A 62 -11.48 5.61 7.30
CA LYS A 62 -12.23 6.27 8.38
C LYS A 62 -11.77 5.76 9.79
N ASN A 63 -11.75 4.43 9.96
CA ASN A 63 -11.37 3.80 11.26
C ASN A 63 -9.84 3.70 11.40
N ARG A 64 -9.24 3.11 10.37
CA ARG A 64 -7.77 2.93 10.27
C ARG A 64 -7.19 4.20 9.61
N ASN A 65 -6.71 5.11 10.46
CA ASN A 65 -6.12 6.39 10.00
C ASN A 65 -4.61 6.21 9.78
N CYS A 66 -3.87 7.34 9.71
CA CYS A 66 -2.45 7.37 9.29
C CYS A 66 -1.58 6.29 9.97
N SER A 67 -1.52 6.29 11.32
CA SER A 67 -0.60 5.42 12.12
C SER A 67 -0.70 3.92 11.74
N GLN A 68 -1.94 3.46 11.58
CA GLN A 68 -2.25 2.05 11.23
C GLN A 68 -1.72 1.73 9.82
N LEU A 69 -1.92 2.66 8.89
CA LEU A 69 -1.61 2.51 7.47
C LEU A 69 -0.10 2.63 7.20
N ILE A 70 0.61 3.39 8.06
CA ILE A 70 2.08 3.48 8.02
C ILE A 70 2.64 2.13 8.48
N ALA A 71 2.07 1.61 9.59
CA ALA A 71 2.46 0.30 10.17
C ALA A 71 2.26 -0.85 9.17
N ALA A 72 1.18 -0.76 8.37
CA ALA A 72 0.85 -1.78 7.34
C ALA A 72 1.82 -1.70 6.14
N TYR A 73 2.05 -0.46 5.64
CA TYR A 73 2.95 -0.19 4.48
C TYR A 73 4.39 -0.62 4.81
N LYS A 74 4.83 -0.26 6.03
CA LYS A 74 6.14 -0.66 6.57
C LYS A 74 6.22 -2.17 6.65
N ASP A 75 5.20 -2.80 7.29
CA ASP A 75 5.17 -4.26 7.54
C ASP A 75 5.45 -5.06 6.26
N PHE A 76 4.86 -4.61 5.15
CA PHE A 76 5.04 -5.22 3.81
C PHE A 76 6.51 -5.01 3.33
N CYS A 77 6.91 -3.73 3.31
CA CYS A 77 8.24 -3.27 2.83
C CYS A 77 9.39 -3.92 3.63
N GLU A 78 9.15 -4.21 4.91
CA GLU A 78 10.14 -4.78 5.84
C GLU A 78 10.07 -6.31 5.84
N HIS A 79 8.86 -6.87 5.56
CA HIS A 79 8.66 -8.35 5.44
C HIS A 79 9.41 -8.90 4.23
N GLY A 80 9.72 -8.04 3.25
CA GLY A 80 10.48 -8.47 2.08
C GLY A 80 9.57 -8.63 0.88
N THR A 81 8.70 -7.61 0.72
CA THR A 81 7.59 -7.57 -0.24
C THR A 81 7.94 -8.15 -1.63
N LYS A 82 7.15 -9.16 -2.00
CA LYS A 82 7.25 -9.88 -3.30
C LYS A 82 7.04 -8.92 -4.48
N SER A 83 5.92 -8.16 -4.46
CA SER A 83 5.56 -7.15 -5.48
C SER A 83 5.59 -7.67 -6.95
N GLY A 84 5.64 -9.01 -7.10
CA GLY A 84 5.82 -9.67 -8.40
C GLY A 84 7.08 -9.23 -9.15
N LEU A 85 8.08 -8.75 -8.40
CA LEU A 85 9.36 -8.27 -8.95
C LEU A 85 10.47 -9.22 -8.49
N ASN A 86 10.75 -9.20 -7.18
CA ASN A 86 11.84 -9.98 -6.56
C ASN A 86 11.28 -10.72 -5.34
N GLN A 87 11.07 -12.05 -5.50
CA GLN A 87 10.58 -12.94 -4.43
C GLN A 87 11.80 -13.75 -3.91
N GLY A 88 11.90 -13.89 -2.58
CA GLY A 88 12.99 -14.62 -1.92
C GLY A 88 12.93 -16.13 -2.14
N MET A 1 4.32 -16.11 -25.91
CA MET A 1 3.99 -14.88 -25.15
C MET A 1 4.00 -15.16 -23.64
N LYS A 2 4.55 -14.22 -22.84
CA LYS A 2 4.51 -14.29 -21.36
C LYS A 2 3.66 -13.13 -20.80
N ASP A 3 2.59 -13.48 -20.05
CA ASP A 3 1.74 -12.51 -19.33
C ASP A 3 2.13 -12.48 -17.83
N SER A 4 3.33 -13.02 -17.53
CA SER A 4 3.88 -13.04 -16.16
C SER A 4 4.25 -11.61 -15.69
N ASP A 5 4.75 -10.79 -16.63
CA ASP A 5 5.08 -9.37 -16.39
C ASP A 5 3.98 -8.42 -16.89
N LYS A 6 2.73 -8.93 -17.00
CA LYS A 6 1.56 -8.13 -17.41
C LYS A 6 1.14 -7.18 -16.27
N GLU A 7 1.01 -7.73 -15.06
CA GLU A 7 0.71 -6.97 -13.83
C GLU A 7 2.03 -6.54 -13.16
N LYS A 8 3.09 -7.34 -13.41
CA LYS A 8 4.43 -7.16 -12.81
C LYS A 8 5.29 -6.17 -13.64
N GLU A 9 4.64 -5.49 -14.59
CA GLU A 9 5.25 -4.47 -15.49
C GLU A 9 5.96 -3.36 -14.68
N ASN A 10 7.09 -2.86 -15.23
CA ASN A 10 7.86 -1.76 -14.62
C ASN A 10 7.10 -0.43 -14.73
N GLY A 11 7.31 0.47 -13.76
CA GLY A 11 6.46 1.65 -13.58
C GLY A 11 5.57 1.49 -12.37
N LYS A 12 6.15 0.92 -11.28
CA LYS A 12 5.44 0.61 -10.03
C LYS A 12 4.95 1.91 -9.37
N MET A 13 3.68 2.26 -9.65
CA MET A 13 3.03 3.45 -9.07
C MET A 13 2.90 3.26 -7.56
N GLY A 14 3.04 4.37 -6.82
CA GLY A 14 2.84 4.38 -5.39
C GLY A 14 3.97 3.75 -4.57
N CYS A 15 5.14 3.58 -5.17
CA CYS A 15 6.33 3.05 -4.46
C CYS A 15 7.07 4.22 -3.78
N TRP A 16 6.52 4.68 -2.64
CA TRP A 16 7.01 5.87 -1.89
C TRP A 16 8.09 5.50 -0.87
N SER A 17 8.62 6.54 -0.19
CA SER A 17 9.42 6.41 1.03
C SER A 17 8.47 6.29 2.24
N ILE A 18 8.95 5.66 3.32
CA ILE A 18 8.17 5.48 4.57
C ILE A 18 7.75 6.85 5.15
N GLU A 19 8.69 7.81 5.15
CA GLU A 19 8.46 9.17 5.66
C GLU A 19 7.50 9.97 4.77
N HIS A 20 7.53 9.70 3.46
CA HIS A 20 6.58 10.35 2.53
C HIS A 20 5.14 9.89 2.85
N VAL A 21 5.02 8.57 3.11
CA VAL A 21 3.75 7.94 3.53
C VAL A 21 3.21 8.63 4.80
N GLU A 22 3.98 8.54 5.91
CA GLU A 22 3.51 8.94 7.24
C GLU A 22 3.19 10.44 7.33
N GLN A 23 4.08 11.28 6.76
CA GLN A 23 3.98 12.74 6.87
C GLN A 23 2.86 13.28 5.96
N TYR A 24 2.64 12.62 4.80
CA TYR A 24 1.61 13.06 3.83
C TYR A 24 0.27 12.29 4.00
N LEU A 25 0.21 11.27 4.88
CA LEU A 25 -1.05 10.52 5.13
C LEU A 25 -2.16 11.44 5.69
N GLY A 26 -3.22 11.62 4.88
CA GLY A 26 -4.37 12.47 5.23
C GLY A 26 -4.46 13.73 4.37
N THR A 27 -3.37 14.07 3.65
CA THR A 27 -3.33 15.26 2.75
C THR A 27 -4.02 14.94 1.41
N ASP A 28 -4.19 15.98 0.58
CA ASP A 28 -4.65 15.82 -0.82
C ASP A 28 -3.57 15.11 -1.65
N GLU A 29 -2.30 15.31 -1.26
CA GLU A 29 -1.14 14.73 -1.92
C GLU A 29 -1.04 13.21 -1.67
N LEU A 30 -1.44 12.75 -0.47
CA LEU A 30 -1.43 11.31 -0.12
C LEU A 30 -2.60 11.01 0.84
N PRO A 31 -3.84 10.81 0.29
CA PRO A 31 -4.98 10.34 1.10
C PRO A 31 -4.73 8.92 1.65
N LYS A 32 -5.34 8.60 2.80
CA LYS A 32 -5.26 7.27 3.42
C LYS A 32 -5.85 6.20 2.48
N ASN A 33 -6.91 6.58 1.75
CA ASN A 33 -7.54 5.73 0.71
C ASN A 33 -6.50 5.16 -0.27
N ASP A 34 -5.55 6.03 -0.67
CA ASP A 34 -4.56 5.74 -1.74
C ASP A 34 -3.46 4.77 -1.25
N LEU A 35 -3.10 4.87 0.04
CA LEU A 35 -2.16 3.93 0.70
C LEU A 35 -2.78 2.52 0.73
N ILE A 36 -4.04 2.47 1.17
CA ILE A 36 -4.84 1.22 1.22
C ILE A 36 -4.96 0.58 -0.19
N THR A 37 -5.12 1.44 -1.20
CA THR A 37 -5.21 1.04 -2.62
C THR A 37 -3.91 0.36 -3.08
N TYR A 38 -2.75 0.99 -2.78
CA TYR A 38 -1.42 0.42 -3.14
C TYR A 38 -1.26 -0.98 -2.53
N LEU A 39 -1.61 -1.10 -1.24
CA LEU A 39 -1.47 -2.36 -0.50
C LEU A 39 -2.34 -3.48 -1.11
N GLN A 40 -3.60 -3.17 -1.46
CA GLN A 40 -4.53 -4.18 -2.03
C GLN A 40 -4.19 -4.52 -3.49
N LYS A 41 -3.42 -3.66 -4.16
CA LYS A 41 -2.90 -3.95 -5.51
C LYS A 41 -1.66 -4.87 -5.45
N ASN A 42 -0.64 -4.46 -4.69
CA ASN A 42 0.69 -5.11 -4.72
C ASN A 42 0.80 -6.33 -3.78
N ALA A 43 -0.10 -6.41 -2.78
CA ALA A 43 -0.19 -7.60 -1.87
C ALA A 43 -1.22 -8.63 -2.38
N ASP A 44 -1.23 -9.78 -1.67
CA ASP A 44 -2.28 -10.80 -1.78
C ASP A 44 -3.39 -10.46 -0.79
N ALA A 45 -4.61 -10.98 -1.06
CA ALA A 45 -5.83 -10.65 -0.29
C ALA A 45 -5.69 -10.88 1.23
N ALA A 46 -4.82 -11.85 1.59
CA ALA A 46 -4.50 -12.21 3.00
C ALA A 46 -4.01 -11.02 3.83
N PHE A 47 -3.15 -10.18 3.21
CA PHE A 47 -2.52 -9.02 3.87
C PHE A 47 -3.58 -7.96 4.25
N LEU A 48 -4.58 -7.81 3.38
CA LEU A 48 -5.65 -6.83 3.53
C LEU A 48 -6.70 -7.34 4.51
N ARG A 49 -6.88 -8.65 4.59
CA ARG A 49 -7.74 -9.26 5.61
C ARG A 49 -7.09 -9.11 7.01
N HIS A 50 -5.74 -9.11 7.03
CA HIS A 50 -4.93 -8.92 8.25
C HIS A 50 -5.11 -7.50 8.82
N TRP A 51 -4.82 -6.48 7.98
CA TRP A 51 -4.89 -5.05 8.39
C TRP A 51 -6.31 -4.47 8.25
N LYS A 52 -7.28 -5.34 7.86
CA LYS A 52 -8.73 -5.01 7.75
C LYS A 52 -9.02 -4.04 6.57
N LEU A 53 -8.09 -4.05 5.58
CA LEU A 53 -8.18 -3.26 4.34
C LEU A 53 -8.97 -4.03 3.23
N THR A 54 -9.62 -5.15 3.60
CA THR A 54 -10.41 -6.00 2.66
C THR A 54 -11.83 -5.44 2.34
N GLY A 55 -12.23 -4.34 3.00
CA GLY A 55 -13.60 -3.76 2.84
C GLY A 55 -13.67 -2.68 1.75
N THR A 56 -14.46 -1.61 2.01
CA THR A 56 -14.48 -0.41 1.14
C THR A 56 -13.53 0.65 1.73
N ASN A 57 -12.58 1.14 0.91
CA ASN A 57 -11.46 2.04 1.35
C ASN A 57 -11.94 3.27 2.14
N LYS A 58 -13.20 3.70 1.93
CA LYS A 58 -13.81 4.83 2.64
C LYS A 58 -14.01 4.49 4.14
N SER A 59 -14.72 3.39 4.41
CA SER A 59 -15.04 2.96 5.77
C SER A 59 -13.80 2.41 6.48
N ILE A 60 -12.86 1.86 5.68
CA ILE A 60 -11.56 1.41 6.18
C ILE A 60 -10.78 2.62 6.70
N ARG A 61 -10.50 3.62 5.83
CA ARG A 61 -9.66 4.81 6.18
C ARG A 61 -10.28 5.60 7.37
N LYS A 62 -11.61 5.48 7.53
CA LYS A 62 -12.31 6.02 8.72
C LYS A 62 -11.89 5.24 10.00
N ASN A 63 -12.00 3.89 9.95
CA ASN A 63 -11.67 3.01 11.11
C ASN A 63 -10.16 2.65 11.16
N ARG A 64 -9.37 3.20 10.22
CA ARG A 64 -7.93 2.91 10.09
C ARG A 64 -7.20 4.25 9.93
N ASN A 65 -6.67 4.76 11.05
CA ASN A 65 -5.90 6.03 11.08
C ASN A 65 -4.57 5.88 10.35
N CYS A 66 -3.87 7.02 10.18
CA CYS A 66 -2.56 7.08 9.53
C CYS A 66 -1.58 6.08 10.17
N SER A 67 -1.58 6.03 11.53
CA SER A 67 -0.70 5.14 12.33
C SER A 67 -0.69 3.69 11.82
N GLN A 68 -1.90 3.12 11.65
CA GLN A 68 -2.11 1.75 11.17
C GLN A 68 -1.54 1.55 9.76
N LEU A 69 -1.78 2.54 8.88
CA LEU A 69 -1.35 2.50 7.47
C LEU A 69 0.18 2.66 7.32
N ILE A 70 0.82 3.42 8.23
CA ILE A 70 2.28 3.59 8.23
C ILE A 70 2.91 2.24 8.55
N ALA A 71 2.46 1.66 9.68
CA ALA A 71 2.91 0.36 10.17
C ALA A 71 2.60 -0.76 9.16
N ALA A 72 1.49 -0.61 8.42
CA ALA A 72 1.10 -1.55 7.34
C ALA A 72 2.10 -1.51 6.16
N TYR A 73 2.40 -0.28 5.68
CA TYR A 73 3.31 -0.06 4.53
C TYR A 73 4.77 -0.44 4.90
N LYS A 74 5.12 -0.21 6.19
CA LYS A 74 6.43 -0.59 6.75
C LYS A 74 6.56 -2.12 6.73
N ASP A 75 5.64 -2.81 7.43
CA ASP A 75 5.58 -4.30 7.50
C ASP A 75 5.48 -4.93 6.11
N PHE A 76 4.92 -4.20 5.15
CA PHE A 76 4.79 -4.63 3.75
C PHE A 76 6.19 -4.70 3.07
N CYS A 77 6.87 -3.55 3.07
CA CYS A 77 8.19 -3.39 2.41
C CYS A 77 9.29 -4.17 3.16
N GLU A 78 9.08 -4.40 4.47
CA GLU A 78 10.00 -5.15 5.35
C GLU A 78 9.70 -6.65 5.28
N HIS A 79 8.44 -7.01 4.94
CA HIS A 79 8.08 -8.41 4.59
C HIS A 79 8.76 -8.80 3.26
N GLY A 80 9.02 -7.79 2.40
CA GLY A 80 9.69 -8.03 1.12
C GLY A 80 8.69 -8.06 0.00
N THR A 81 7.77 -7.05 0.01
CA THR A 81 6.61 -6.96 -0.89
C THR A 81 6.92 -7.35 -2.36
N LYS A 82 5.94 -8.04 -2.98
CA LYS A 82 6.03 -8.44 -4.39
C LYS A 82 6.23 -7.19 -5.26
N SER A 83 5.17 -6.33 -5.29
CA SER A 83 5.12 -5.10 -6.10
C SER A 83 5.47 -5.34 -7.59
N GLY A 84 5.35 -6.59 -8.03
CA GLY A 84 5.74 -7.01 -9.38
C GLY A 84 7.24 -6.91 -9.68
N LEU A 85 8.06 -6.83 -8.62
CA LEU A 85 9.54 -6.83 -8.71
C LEU A 85 10.04 -8.28 -8.97
N ASN A 86 9.28 -9.25 -8.43
CA ASN A 86 9.61 -10.69 -8.51
C ASN A 86 8.35 -11.51 -8.85
N GLN A 87 8.52 -12.84 -8.88
CA GLN A 87 7.44 -13.83 -9.08
C GLN A 87 6.41 -13.74 -7.94
N GLY A 88 5.11 -13.73 -8.29
CA GLY A 88 4.03 -13.60 -7.30
C GLY A 88 2.66 -13.42 -7.96
N MET A 1 -0.41 -5.20 -28.14
CA MET A 1 -0.64 -6.12 -26.99
C MET A 1 0.71 -6.69 -26.52
N LYS A 2 1.24 -6.16 -25.40
CA LYS A 2 2.51 -6.62 -24.82
C LYS A 2 2.25 -7.81 -23.89
N ASP A 3 2.25 -9.01 -24.48
CA ASP A 3 2.01 -10.28 -23.77
C ASP A 3 3.10 -10.54 -22.70
N SER A 4 4.32 -10.06 -23.01
CA SER A 4 5.51 -10.18 -22.14
C SER A 4 5.28 -9.57 -20.76
N ASP A 5 4.57 -8.41 -20.73
CA ASP A 5 4.32 -7.65 -19.49
C ASP A 5 2.92 -7.90 -18.90
N LYS A 6 2.27 -9.01 -19.29
CA LYS A 6 0.93 -9.36 -18.73
C LYS A 6 1.06 -9.80 -17.25
N GLU A 7 1.90 -10.82 -17.03
CA GLU A 7 2.23 -11.34 -15.67
C GLU A 7 3.50 -10.67 -15.12
N LYS A 8 4.26 -10.05 -16.04
CA LYS A 8 5.35 -9.13 -15.69
C LYS A 8 4.76 -7.70 -15.62
N GLU A 9 3.86 -7.50 -14.65
CA GLU A 9 3.11 -6.23 -14.48
C GLU A 9 4.07 -5.03 -14.40
N ASN A 10 3.75 -3.99 -15.16
CA ASN A 10 4.64 -2.83 -15.39
C ASN A 10 3.85 -1.53 -15.21
N GLY A 11 4.55 -0.43 -14.88
CA GLY A 11 3.90 0.84 -14.55
C GLY A 11 3.46 0.87 -13.10
N LYS A 12 4.33 0.32 -12.23
CA LYS A 12 4.06 0.14 -10.79
C LYS A 12 3.90 1.49 -10.09
N MET A 13 2.74 1.68 -9.46
CA MET A 13 2.42 2.90 -8.71
C MET A 13 2.70 2.69 -7.21
N GLY A 14 2.77 3.81 -6.50
CA GLY A 14 2.72 3.83 -5.05
C GLY A 14 4.02 3.46 -4.34
N CYS A 15 5.14 3.49 -5.06
CA CYS A 15 6.44 3.16 -4.48
C CYS A 15 7.09 4.44 -3.92
N TRP A 16 6.65 4.83 -2.72
CA TRP A 16 7.15 6.01 -2.00
C TRP A 16 8.17 5.58 -0.93
N SER A 17 8.81 6.56 -0.27
CA SER A 17 9.61 6.33 0.95
C SER A 17 8.68 6.28 2.18
N ILE A 18 9.15 5.67 3.28
CA ILE A 18 8.35 5.49 4.51
C ILE A 18 7.92 6.85 5.10
N GLU A 19 8.89 7.78 5.21
CA GLU A 19 8.66 9.10 5.81
C GLU A 19 7.75 9.96 4.93
N HIS A 20 7.82 9.75 3.60
CA HIS A 20 6.91 10.42 2.64
C HIS A 20 5.45 10.00 2.92
N VAL A 21 5.27 8.69 3.12
CA VAL A 21 3.97 8.10 3.48
C VAL A 21 3.44 8.70 4.80
N GLU A 22 4.19 8.49 5.90
CA GLU A 22 3.71 8.80 7.27
C GLU A 22 3.44 10.29 7.49
N GLN A 23 4.26 11.15 6.86
CA GLN A 23 4.13 12.61 7.01
C GLN A 23 2.98 13.15 6.17
N TYR A 24 2.89 12.70 4.91
CA TYR A 24 1.88 13.21 3.95
C TYR A 24 0.52 12.47 4.11
N LEU A 25 0.47 11.39 4.93
CA LEU A 25 -0.80 10.68 5.24
C LEU A 25 -1.74 11.62 5.99
N GLY A 26 -2.92 11.87 5.39
CA GLY A 26 -3.92 12.77 5.94
C GLY A 26 -4.16 13.96 5.02
N THR A 27 -3.17 14.25 4.15
CA THR A 27 -3.32 15.25 3.08
C THR A 27 -3.98 14.58 1.86
N ASP A 28 -4.13 15.33 0.76
CA ASP A 28 -4.58 14.75 -0.54
C ASP A 28 -3.36 14.45 -1.44
N GLU A 29 -2.15 14.89 -1.00
CA GLU A 29 -0.88 14.57 -1.68
C GLU A 29 -0.58 13.07 -1.52
N LEU A 30 -0.72 12.58 -0.28
CA LEU A 30 -0.72 11.13 0.05
C LEU A 30 -2.04 10.87 0.82
N PRO A 31 -3.19 10.66 0.10
CA PRO A 31 -4.46 10.40 0.77
C PRO A 31 -4.48 8.98 1.35
N LYS A 32 -5.21 8.82 2.47
CA LYS A 32 -5.35 7.54 3.17
C LYS A 32 -5.89 6.46 2.22
N ASN A 33 -6.86 6.87 1.38
CA ASN A 33 -7.49 5.99 0.39
C ASN A 33 -6.44 5.38 -0.56
N ASP A 34 -5.46 6.19 -1.03
CA ASP A 34 -4.49 5.75 -2.06
C ASP A 34 -3.36 4.88 -1.46
N LEU A 35 -3.10 5.05 -0.15
CA LEU A 35 -2.15 4.17 0.58
C LEU A 35 -2.77 2.75 0.68
N ILE A 36 -4.02 2.70 1.14
CA ILE A 36 -4.81 1.45 1.25
C ILE A 36 -4.96 0.80 -0.15
N THR A 37 -5.16 1.66 -1.16
CA THR A 37 -5.24 1.28 -2.59
C THR A 37 -3.96 0.56 -3.03
N TYR A 38 -2.78 1.14 -2.68
CA TYR A 38 -1.47 0.51 -2.97
C TYR A 38 -1.43 -0.91 -2.37
N LEU A 39 -1.82 -1.02 -1.10
CA LEU A 39 -1.73 -2.28 -0.34
C LEU A 39 -2.64 -3.38 -0.94
N GLN A 40 -3.85 -3.01 -1.39
CA GLN A 40 -4.82 -3.97 -1.96
C GLN A 40 -4.51 -4.28 -3.45
N LYS A 41 -3.73 -3.40 -4.12
CA LYS A 41 -3.23 -3.66 -5.49
C LYS A 41 -2.03 -4.63 -5.46
N ASN A 42 -0.99 -4.26 -4.69
CA ASN A 42 0.34 -4.89 -4.77
C ASN A 42 0.50 -6.11 -3.85
N ALA A 43 -0.37 -6.25 -2.82
CA ALA A 43 -0.30 -7.40 -1.87
C ALA A 43 -1.39 -8.45 -2.16
N ASP A 44 -1.34 -9.56 -1.40
CA ASP A 44 -2.34 -10.65 -1.45
C ASP A 44 -3.55 -10.28 -0.58
N ALA A 45 -4.69 -10.96 -0.84
CA ALA A 45 -5.94 -10.76 -0.08
C ALA A 45 -5.70 -11.01 1.43
N ALA A 46 -4.80 -11.97 1.72
CA ALA A 46 -4.38 -12.34 3.08
C ALA A 46 -3.87 -11.13 3.89
N PHE A 47 -3.09 -10.27 3.20
CA PHE A 47 -2.45 -9.09 3.81
C PHE A 47 -3.51 -8.05 4.23
N LEU A 48 -4.56 -7.89 3.39
CA LEU A 48 -5.66 -6.96 3.68
C LEU A 48 -6.50 -7.48 4.85
N ARG A 49 -6.82 -8.78 4.81
CA ARG A 49 -7.57 -9.45 5.90
C ARG A 49 -6.81 -9.37 7.23
N HIS A 50 -5.46 -9.35 7.14
CA HIS A 50 -4.55 -9.23 8.29
C HIS A 50 -4.63 -7.82 8.91
N TRP A 51 -4.59 -6.79 8.04
CA TRP A 51 -4.62 -5.37 8.48
C TRP A 51 -6.05 -4.76 8.41
N LYS A 52 -7.07 -5.63 8.25
CA LYS A 52 -8.52 -5.24 8.27
C LYS A 52 -8.89 -4.29 7.09
N LEU A 53 -8.07 -4.33 6.03
CA LEU A 53 -8.27 -3.55 4.80
C LEU A 53 -9.09 -4.35 3.74
N THR A 54 -9.80 -5.42 4.17
CA THR A 54 -10.57 -6.30 3.27
C THR A 54 -11.96 -5.72 2.91
N GLY A 55 -12.43 -4.72 3.70
CA GLY A 55 -13.71 -4.02 3.43
C GLY A 55 -13.58 -2.95 2.35
N THR A 56 -14.63 -2.10 2.19
CA THR A 56 -14.58 -0.98 1.22
C THR A 56 -13.62 0.12 1.72
N ASN A 57 -12.79 0.65 0.79
CA ASN A 57 -11.66 1.55 1.10
C ASN A 57 -12.11 2.84 1.83
N LYS A 58 -13.36 3.25 1.57
CA LYS A 58 -13.98 4.42 2.23
C LYS A 58 -14.17 4.16 3.75
N SER A 59 -14.74 2.98 4.07
CA SER A 59 -14.95 2.55 5.46
C SER A 59 -13.60 2.36 6.18
N ILE A 60 -12.60 1.83 5.43
CA ILE A 60 -11.27 1.57 5.97
C ILE A 60 -10.57 2.89 6.34
N ARG A 61 -10.55 3.88 5.41
CA ARG A 61 -9.87 5.18 5.64
C ARG A 61 -10.57 5.97 6.78
N LYS A 62 -11.85 5.64 7.06
CA LYS A 62 -12.55 6.18 8.25
C LYS A 62 -12.06 5.53 9.56
N ASN A 63 -12.20 4.19 9.66
CA ASN A 63 -11.97 3.46 10.93
C ASN A 63 -10.47 3.33 11.24
N ARG A 64 -9.71 2.97 10.20
CA ARG A 64 -8.23 2.96 10.24
C ARG A 64 -7.71 4.40 10.10
N ASN A 65 -6.91 4.82 11.07
CA ASN A 65 -6.21 6.12 11.06
C ASN A 65 -4.87 5.96 10.31
N CYS A 66 -4.10 7.06 10.24
CA CYS A 66 -2.78 7.10 9.59
C CYS A 66 -1.87 5.99 10.14
N SER A 67 -1.90 5.83 11.48
CA SER A 67 -1.06 4.88 12.23
C SER A 67 -1.08 3.45 11.65
N GLN A 68 -2.29 2.95 11.34
CA GLN A 68 -2.50 1.59 10.79
C GLN A 68 -1.88 1.47 9.40
N LEU A 69 -2.04 2.53 8.62
CA LEU A 69 -1.58 2.60 7.23
C LEU A 69 -0.05 2.68 7.15
N ILE A 70 0.56 3.41 8.09
CA ILE A 70 2.03 3.55 8.18
C ILE A 70 2.63 2.19 8.55
N ALA A 71 2.03 1.55 9.57
CA ALA A 71 2.44 0.23 10.07
C ALA A 71 2.31 -0.85 8.98
N ALA A 72 1.23 -0.76 8.19
CA ALA A 72 0.94 -1.70 7.07
C ALA A 72 1.93 -1.53 5.90
N TYR A 73 2.20 -0.26 5.51
CA TYR A 73 3.10 0.06 4.39
C TYR A 73 4.55 -0.33 4.75
N LYS A 74 4.97 0.04 5.98
CA LYS A 74 6.29 -0.33 6.53
C LYS A 74 6.44 -1.84 6.57
N ASP A 75 5.38 -2.52 7.08
CA ASP A 75 5.36 -3.98 7.21
C ASP A 75 5.66 -4.61 5.87
N PHE A 76 4.96 -4.15 4.82
CA PHE A 76 5.02 -4.70 3.45
C PHE A 76 6.43 -4.52 2.83
N CYS A 77 6.96 -3.29 2.92
CA CYS A 77 8.30 -2.93 2.40
C CYS A 77 9.40 -3.82 3.03
N GLU A 78 9.25 -4.05 4.35
CA GLU A 78 10.18 -4.87 5.14
C GLU A 78 9.86 -6.38 5.01
N HIS A 79 8.61 -6.67 4.65
CA HIS A 79 8.07 -8.06 4.50
C HIS A 79 8.62 -8.72 3.24
N GLY A 80 9.01 -7.89 2.25
CA GLY A 80 9.41 -8.42 0.95
C GLY A 80 8.36 -8.15 -0.11
N THR A 81 7.91 -6.87 -0.14
CA THR A 81 6.83 -6.36 -1.03
C THR A 81 6.89 -6.94 -2.46
N LYS A 82 5.69 -7.33 -2.94
CA LYS A 82 5.51 -8.14 -4.16
C LYS A 82 4.83 -7.33 -5.27
N SER A 83 5.21 -6.02 -5.33
CA SER A 83 4.80 -5.06 -6.38
C SER A 83 4.86 -5.63 -7.83
N GLY A 84 5.63 -6.72 -8.03
CA GLY A 84 5.61 -7.50 -9.29
C GLY A 84 7.01 -7.77 -9.85
N LEU A 85 7.99 -7.92 -8.94
CA LEU A 85 9.37 -8.36 -9.25
C LEU A 85 9.70 -9.56 -8.34
N ASN A 86 9.69 -9.29 -7.03
CA ASN A 86 9.88 -10.29 -5.98
C ASN A 86 8.55 -10.99 -5.65
N GLN A 87 8.62 -12.31 -5.37
CA GLN A 87 7.47 -13.09 -4.88
C GLN A 87 7.38 -12.95 -3.34
N GLY A 88 6.28 -12.35 -2.88
CA GLY A 88 6.00 -12.20 -1.45
C GLY A 88 5.19 -13.39 -0.91
N MET A 1 8.82 -7.53 -28.41
CA MET A 1 7.44 -7.20 -27.97
C MET A 1 7.10 -8.00 -26.70
N LYS A 2 7.27 -7.35 -25.52
CA LYS A 2 6.92 -7.92 -24.21
C LYS A 2 6.02 -6.91 -23.45
N ASP A 3 4.70 -7.05 -23.60
CA ASP A 3 3.71 -6.09 -23.07
C ASP A 3 3.09 -6.60 -21.75
N SER A 4 3.05 -7.94 -21.57
CA SER A 4 2.45 -8.57 -20.37
C SER A 4 3.32 -8.28 -19.12
N ASP A 5 4.62 -8.61 -19.20
CA ASP A 5 5.60 -8.38 -18.12
C ASP A 5 6.09 -6.92 -18.07
N LYS A 6 5.59 -6.09 -19.01
CA LYS A 6 5.91 -4.65 -19.08
C LYS A 6 5.38 -3.90 -17.84
N GLU A 7 4.06 -3.97 -17.63
CA GLU A 7 3.40 -3.34 -16.47
C GLU A 7 3.58 -4.20 -15.19
N LYS A 8 3.84 -5.51 -15.37
CA LYS A 8 4.03 -6.47 -14.27
C LYS A 8 5.49 -6.41 -13.73
N GLU A 9 6.36 -5.64 -14.43
CA GLU A 9 7.79 -5.44 -14.06
C GLU A 9 7.92 -4.68 -12.72
N ASN A 10 9.05 -4.89 -12.01
CA ASN A 10 9.41 -4.13 -10.80
C ASN A 10 9.46 -2.61 -11.09
N GLY A 11 9.24 -1.79 -10.06
CA GLY A 11 9.03 -0.35 -10.24
C GLY A 11 7.54 -0.02 -10.29
N LYS A 12 6.77 -0.72 -9.44
CA LYS A 12 5.31 -0.61 -9.33
C LYS A 12 4.90 0.80 -8.84
N MET A 13 4.00 1.46 -9.61
CA MET A 13 3.58 2.86 -9.38
C MET A 13 3.07 3.06 -7.94
N GLY A 14 3.27 4.27 -7.40
CA GLY A 14 2.93 4.59 -6.02
C GLY A 14 3.90 3.97 -5.02
N CYS A 15 5.18 3.92 -5.41
CA CYS A 15 6.26 3.41 -4.57
C CYS A 15 6.93 4.58 -3.84
N TRP A 16 6.41 4.92 -2.64
CA TRP A 16 6.85 6.10 -1.86
C TRP A 16 7.88 5.68 -0.79
N SER A 17 8.41 6.69 -0.08
CA SER A 17 9.25 6.47 1.11
C SER A 17 8.36 6.32 2.36
N ILE A 18 8.87 5.67 3.42
CA ILE A 18 8.11 5.43 4.66
C ILE A 18 7.68 6.75 5.31
N GLU A 19 8.65 7.66 5.46
CA GLU A 19 8.43 8.98 6.08
C GLU A 19 7.63 9.91 5.17
N HIS A 20 7.65 9.68 3.85
CA HIS A 20 6.76 10.39 2.90
C HIS A 20 5.30 10.02 3.22
N VAL A 21 5.04 8.71 3.31
CA VAL A 21 3.72 8.15 3.60
C VAL A 21 3.15 8.73 4.91
N GLU A 22 3.88 8.54 6.02
CA GLU A 22 3.40 8.90 7.36
C GLU A 22 3.20 10.42 7.53
N GLN A 23 4.17 11.22 7.03
CA GLN A 23 4.17 12.69 7.22
C GLN A 23 3.18 13.39 6.27
N TYR A 24 2.84 12.74 5.14
CA TYR A 24 1.88 13.27 4.15
C TYR A 24 0.49 12.60 4.28
N LEU A 25 0.35 11.55 5.12
CA LEU A 25 -0.94 10.84 5.31
C LEU A 25 -2.03 11.80 5.82
N GLY A 26 -3.04 12.03 4.97
CA GLY A 26 -4.15 12.95 5.27
C GLY A 26 -4.18 14.17 4.36
N THR A 27 -3.21 14.27 3.42
CA THR A 27 -3.14 15.40 2.46
C THR A 27 -3.65 14.96 1.07
N ASP A 28 -3.50 15.85 0.08
CA ASP A 28 -3.77 15.54 -1.34
C ASP A 28 -2.57 14.79 -1.96
N GLU A 29 -1.37 15.02 -1.40
CA GLU A 29 -0.12 14.41 -1.87
C GLU A 29 -0.02 12.93 -1.48
N LEU A 30 -0.60 12.57 -0.31
CA LEU A 30 -0.70 11.17 0.13
C LEU A 30 -1.95 11.02 1.04
N PRO A 31 -3.15 10.84 0.43
CA PRO A 31 -4.37 10.52 1.20
C PRO A 31 -4.37 9.05 1.67
N LYS A 32 -5.14 8.77 2.74
CA LYS A 32 -5.26 7.43 3.35
C LYS A 32 -5.73 6.40 2.32
N ASN A 33 -6.75 6.76 1.53
CA ASN A 33 -7.38 5.87 0.54
C ASN A 33 -6.37 5.40 -0.54
N ASP A 34 -5.50 6.33 -1.01
CA ASP A 34 -4.49 6.06 -2.07
C ASP A 34 -3.46 5.01 -1.62
N LEU A 35 -3.05 5.13 -0.34
CA LEU A 35 -2.15 4.18 0.31
C LEU A 35 -2.78 2.78 0.34
N ILE A 36 -3.99 2.71 0.92
CA ILE A 36 -4.81 1.48 1.03
C ILE A 36 -4.98 0.79 -0.36
N THR A 37 -5.15 1.63 -1.40
CA THR A 37 -5.29 1.19 -2.79
C THR A 37 -4.02 0.48 -3.29
N TYR A 38 -2.83 1.08 -3.07
CA TYR A 38 -1.53 0.45 -3.43
C TYR A 38 -1.39 -0.92 -2.75
N LEU A 39 -1.76 -0.97 -1.47
CA LEU A 39 -1.63 -2.20 -0.64
C LEU A 39 -2.55 -3.32 -1.16
N GLN A 40 -3.76 -3.01 -1.61
CA GLN A 40 -4.70 -4.04 -2.11
C GLN A 40 -4.44 -4.40 -3.59
N LYS A 41 -3.73 -3.52 -4.32
CA LYS A 41 -3.32 -3.81 -5.71
C LYS A 41 -2.05 -4.69 -5.74
N ASN A 42 -1.07 -4.36 -4.88
CA ASN A 42 0.26 -5.01 -4.89
C ASN A 42 0.31 -6.23 -3.96
N ALA A 43 -0.30 -6.13 -2.76
CA ALA A 43 -0.33 -7.26 -1.78
C ALA A 43 -1.51 -8.20 -2.05
N ASP A 44 -1.36 -9.44 -1.59
CA ASP A 44 -2.36 -10.51 -1.75
C ASP A 44 -3.48 -10.36 -0.71
N ALA A 45 -4.62 -11.04 -0.97
CA ALA A 45 -5.86 -10.93 -0.17
C ALA A 45 -5.60 -11.14 1.35
N ALA A 46 -4.68 -12.07 1.66
CA ALA A 46 -4.29 -12.42 3.04
C ALA A 46 -3.79 -11.20 3.84
N PHE A 47 -2.98 -10.37 3.17
CA PHE A 47 -2.33 -9.18 3.76
C PHE A 47 -3.39 -8.16 4.19
N LEU A 48 -4.39 -7.95 3.31
CA LEU A 48 -5.49 -7.01 3.58
C LEU A 48 -6.39 -7.55 4.69
N ARG A 49 -6.60 -8.87 4.72
CA ARG A 49 -7.38 -9.53 5.78
C ARG A 49 -6.67 -9.45 7.14
N HIS A 50 -5.33 -9.38 7.10
CA HIS A 50 -4.48 -9.26 8.30
C HIS A 50 -4.58 -7.83 8.88
N TRP A 51 -4.27 -6.82 8.04
CA TRP A 51 -4.24 -5.40 8.46
C TRP A 51 -5.62 -4.72 8.39
N LYS A 52 -6.68 -5.55 8.20
CA LYS A 52 -8.12 -5.14 8.27
C LYS A 52 -8.53 -4.25 7.07
N LEU A 53 -7.75 -4.33 5.98
CA LEU A 53 -7.99 -3.57 4.74
C LEU A 53 -8.87 -4.38 3.74
N THR A 54 -9.36 -5.57 4.16
CA THR A 54 -10.18 -6.46 3.29
C THR A 54 -11.61 -5.91 3.06
N GLY A 55 -12.03 -4.92 3.88
CA GLY A 55 -13.33 -4.26 3.68
C GLY A 55 -13.27 -3.18 2.61
N THR A 56 -14.35 -2.38 2.50
CA THR A 56 -14.42 -1.27 1.55
C THR A 56 -13.56 -0.09 2.06
N ASN A 57 -12.83 0.54 1.12
CA ASN A 57 -11.85 1.62 1.43
C ASN A 57 -12.49 2.80 2.15
N LYS A 58 -13.81 3.00 1.96
CA LYS A 58 -14.60 4.03 2.65
C LYS A 58 -14.49 3.86 4.17
N SER A 59 -14.82 2.63 4.62
CA SER A 59 -14.79 2.25 6.03
C SER A 59 -13.36 2.27 6.59
N ILE A 60 -12.39 1.81 5.77
CA ILE A 60 -10.99 1.69 6.21
C ILE A 60 -10.37 3.06 6.49
N ARG A 61 -10.46 3.99 5.50
CA ARG A 61 -9.86 5.33 5.64
C ARG A 61 -10.55 6.14 6.76
N LYS A 62 -11.89 6.01 6.86
CA LYS A 62 -12.69 6.82 7.79
C LYS A 62 -12.51 6.34 9.25
N ASN A 63 -12.52 5.02 9.45
CA ASN A 63 -12.45 4.43 10.81
C ASN A 63 -10.98 4.36 11.27
N ARG A 64 -10.13 3.75 10.45
CA ARG A 64 -8.72 3.49 10.80
C ARG A 64 -7.88 4.75 10.58
N ASN A 65 -7.16 5.14 11.64
CA ASN A 65 -6.26 6.31 11.63
C ASN A 65 -5.00 6.00 10.80
N CYS A 66 -4.10 7.01 10.69
CA CYS A 66 -2.91 6.92 9.83
C CYS A 66 -1.98 5.78 10.27
N SER A 67 -1.74 5.64 11.60
CA SER A 67 -0.76 4.68 12.18
C SER A 67 -0.99 3.22 11.72
N GLN A 68 -2.26 2.81 11.60
CA GLN A 68 -2.65 1.47 11.10
C GLN A 68 -2.09 1.23 9.67
N LEU A 69 -2.28 2.25 8.84
CA LEU A 69 -1.99 2.22 7.42
C LEU A 69 -0.46 2.37 7.15
N ILE A 70 0.22 3.17 8.01
CA ILE A 70 1.70 3.31 8.00
C ILE A 70 2.33 1.94 8.32
N ALA A 71 1.84 1.33 9.41
CA ALA A 71 2.33 0.02 9.92
C ALA A 71 2.18 -1.07 8.85
N ALA A 72 1.07 -1.00 8.10
CA ALA A 72 0.78 -1.93 7.00
C ALA A 72 1.77 -1.74 5.81
N TYR A 73 1.97 -0.47 5.38
CA TYR A 73 2.88 -0.15 4.23
C TYR A 73 4.33 -0.53 4.57
N LYS A 74 4.74 -0.17 5.81
CA LYS A 74 6.07 -0.49 6.35
C LYS A 74 6.28 -1.99 6.32
N ASP A 75 5.34 -2.73 6.93
CA ASP A 75 5.43 -4.19 7.07
C ASP A 75 5.65 -4.87 5.72
N PHE A 76 4.88 -4.44 4.71
CA PHE A 76 4.95 -4.97 3.33
C PHE A 76 6.38 -4.77 2.74
N CYS A 77 6.85 -3.53 2.86
CA CYS A 77 8.17 -3.10 2.37
C CYS A 77 9.31 -3.88 3.08
N GLU A 78 9.17 -4.03 4.42
CA GLU A 78 10.14 -4.72 5.32
C GLU A 78 10.05 -6.23 5.16
N HIS A 79 8.88 -6.70 4.70
CA HIS A 79 8.60 -8.13 4.40
C HIS A 79 9.29 -8.51 3.09
N GLY A 80 9.62 -7.48 2.28
CA GLY A 80 10.45 -7.68 1.07
C GLY A 80 9.60 -7.72 -0.17
N THR A 81 8.64 -6.78 -0.23
CA THR A 81 7.47 -6.79 -1.13
C THR A 81 7.77 -7.23 -2.59
N LYS A 82 6.77 -7.97 -3.13
CA LYS A 82 6.73 -8.47 -4.51
C LYS A 82 6.71 -7.35 -5.57
N SER A 83 6.49 -6.10 -5.11
CA SER A 83 6.61 -4.88 -5.94
C SER A 83 8.04 -4.72 -6.49
N GLY A 84 9.04 -5.13 -5.68
CA GLY A 84 10.46 -4.98 -6.00
C GLY A 84 11.20 -4.10 -4.99
N LEU A 85 10.54 -3.77 -3.85
CA LEU A 85 11.11 -2.92 -2.80
C LEU A 85 11.49 -3.77 -1.57
N ASN A 86 12.69 -4.37 -1.62
CA ASN A 86 13.27 -5.07 -0.46
C ASN A 86 14.00 -4.02 0.41
N GLN A 87 13.19 -3.23 1.13
CA GLN A 87 13.66 -2.06 1.93
C GLN A 87 13.18 -2.22 3.39
N GLY A 88 13.96 -1.69 4.34
CA GLY A 88 13.64 -1.84 5.77
C GLY A 88 14.79 -1.35 6.64
N MET A 1 3.55 -15.96 -23.31
CA MET A 1 3.22 -16.73 -22.09
C MET A 1 3.85 -16.05 -20.86
N LYS A 2 3.01 -15.36 -20.07
CA LYS A 2 3.42 -14.71 -18.81
C LYS A 2 2.30 -14.88 -17.76
N ASP A 3 2.53 -15.78 -16.79
CA ASP A 3 1.68 -15.89 -15.57
C ASP A 3 2.34 -15.08 -14.43
N SER A 4 3.66 -14.83 -14.58
CA SER A 4 4.47 -14.18 -13.56
C SER A 4 4.14 -12.68 -13.43
N ASP A 5 3.88 -12.00 -14.57
CA ASP A 5 3.61 -10.53 -14.61
C ASP A 5 2.29 -10.17 -13.89
N LYS A 6 1.41 -11.17 -13.78
CA LYS A 6 0.14 -11.09 -13.02
C LYS A 6 0.41 -10.72 -11.55
N GLU A 7 1.44 -11.36 -10.97
CA GLU A 7 1.87 -11.10 -9.58
C GLU A 7 2.97 -10.01 -9.54
N LYS A 8 3.76 -9.95 -10.63
CA LYS A 8 4.93 -9.07 -10.75
C LYS A 8 4.70 -8.08 -11.91
N GLU A 9 3.81 -7.10 -11.67
CA GLU A 9 3.47 -6.07 -12.66
C GLU A 9 4.67 -5.15 -12.94
N ASN A 10 4.75 -4.63 -14.18
CA ASN A 10 5.75 -3.63 -14.58
C ASN A 10 5.06 -2.26 -14.71
N GLY A 11 5.82 -1.17 -14.52
CA GLY A 11 5.23 0.18 -14.48
C GLY A 11 4.60 0.48 -13.12
N LYS A 12 5.28 0.00 -12.07
CA LYS A 12 4.78 0.02 -10.68
C LYS A 12 4.70 1.45 -10.12
N MET A 13 3.46 1.94 -9.99
CA MET A 13 3.15 3.26 -9.38
C MET A 13 3.31 3.20 -7.85
N GLY A 14 3.16 4.37 -7.20
CA GLY A 14 2.96 4.46 -5.74
C GLY A 14 4.04 3.84 -4.86
N CYS A 15 5.24 3.69 -5.41
CA CYS A 15 6.39 3.16 -4.67
C CYS A 15 7.12 4.32 -3.96
N TRP A 16 6.71 4.59 -2.70
CA TRP A 16 7.24 5.71 -1.89
C TRP A 16 8.25 5.19 -0.85
N SER A 17 8.91 6.11 -0.15
CA SER A 17 9.62 5.82 1.10
C SER A 17 8.62 5.93 2.28
N ILE A 18 9.02 5.39 3.44
CA ILE A 18 8.19 5.40 4.66
C ILE A 18 7.84 6.86 5.07
N GLU A 19 8.85 7.73 4.95
CA GLU A 19 8.75 9.15 5.35
C GLU A 19 7.66 9.92 4.57
N HIS A 20 7.55 9.70 3.24
CA HIS A 20 6.50 10.35 2.42
C HIS A 20 5.10 9.95 2.92
N VAL A 21 4.95 8.67 3.23
CA VAL A 21 3.72 8.11 3.77
C VAL A 21 3.38 8.77 5.12
N GLU A 22 4.27 8.63 6.11
CA GLU A 22 4.01 9.03 7.52
C GLU A 22 3.84 10.55 7.70
N GLN A 23 4.46 11.35 6.82
CA GLN A 23 4.41 12.82 6.91
C GLN A 23 3.21 13.39 6.13
N TYR A 24 2.90 12.81 4.96
CA TYR A 24 1.86 13.35 4.05
C TYR A 24 0.54 12.56 4.16
N LEU A 25 0.47 11.55 5.06
CA LEU A 25 -0.76 10.75 5.28
C LEU A 25 -1.90 11.62 5.83
N GLY A 26 -3.00 11.68 5.10
CA GLY A 26 -4.18 12.48 5.48
C GLY A 26 -4.41 13.64 4.51
N THR A 27 -3.35 14.02 3.78
CA THR A 27 -3.41 15.12 2.80
C THR A 27 -3.81 14.57 1.41
N ASP A 28 -3.90 15.45 0.40
CA ASP A 28 -4.13 15.05 -1.00
C ASP A 28 -2.82 14.56 -1.65
N GLU A 29 -1.68 14.92 -1.00
CA GLU A 29 -0.33 14.51 -1.44
C GLU A 29 -0.11 13.00 -1.17
N LEU A 30 -0.73 12.50 -0.08
CA LEU A 30 -0.76 11.06 0.24
C LEU A 30 -2.05 10.78 1.04
N PRO A 31 -3.21 10.52 0.35
CA PRO A 31 -4.47 10.10 1.01
C PRO A 31 -4.33 8.71 1.67
N LYS A 32 -5.09 8.51 2.76
CA LYS A 32 -5.21 7.21 3.42
C LYS A 32 -5.79 6.18 2.46
N ASN A 33 -6.75 6.61 1.62
CA ASN A 33 -7.47 5.74 0.68
C ASN A 33 -6.49 5.22 -0.39
N ASP A 34 -5.68 6.14 -0.93
CA ASP A 34 -4.69 5.86 -2.00
C ASP A 34 -3.64 4.84 -1.54
N LEU A 35 -3.21 4.99 -0.27
CA LEU A 35 -2.26 4.06 0.37
C LEU A 35 -2.85 2.64 0.47
N ILE A 36 -4.07 2.55 1.05
CA ILE A 36 -4.84 1.28 1.17
C ILE A 36 -5.04 0.61 -0.21
N THR A 37 -5.27 1.45 -1.25
CA THR A 37 -5.48 0.99 -2.63
C THR A 37 -4.19 0.34 -3.18
N TYR A 38 -3.04 1.02 -3.01
CA TYR A 38 -1.72 0.50 -3.44
C TYR A 38 -1.44 -0.87 -2.78
N LEU A 39 -1.78 -0.96 -1.48
CA LEU A 39 -1.57 -2.18 -0.67
C LEU A 39 -2.39 -3.35 -1.21
N GLN A 40 -3.68 -3.14 -1.50
CA GLN A 40 -4.57 -4.21 -2.01
C GLN A 40 -4.29 -4.56 -3.49
N LYS A 41 -3.60 -3.65 -4.21
CA LYS A 41 -3.19 -3.90 -5.59
C LYS A 41 -1.86 -4.68 -5.68
N ASN A 42 -0.89 -4.34 -4.81
CA ASN A 42 0.49 -4.92 -4.88
C ASN A 42 0.67 -6.12 -3.95
N ALA A 43 -0.19 -6.25 -2.92
CA ALA A 43 -0.22 -7.43 -2.01
C ALA A 43 -1.14 -8.54 -2.52
N ASP A 44 -1.04 -9.69 -1.84
CA ASP A 44 -2.03 -10.77 -1.90
C ASP A 44 -3.12 -10.50 -0.85
N ALA A 45 -4.30 -11.12 -1.06
CA ALA A 45 -5.52 -10.80 -0.28
C ALA A 45 -5.33 -11.01 1.24
N ALA A 46 -4.43 -11.94 1.61
CA ALA A 46 -4.10 -12.29 3.01
C ALA A 46 -3.67 -11.05 3.83
N PHE A 47 -2.88 -10.17 3.19
CA PHE A 47 -2.32 -8.97 3.83
C PHE A 47 -3.44 -8.00 4.26
N LEU A 48 -4.45 -7.90 3.38
CA LEU A 48 -5.58 -6.99 3.58
C LEU A 48 -6.59 -7.60 4.56
N ARG A 49 -6.63 -8.93 4.62
CA ARG A 49 -7.44 -9.67 5.61
C ARG A 49 -6.78 -9.63 7.00
N HIS A 50 -5.45 -9.31 7.05
CA HIS A 50 -4.74 -9.06 8.32
C HIS A 50 -5.06 -7.65 8.84
N TRP A 51 -4.71 -6.63 8.03
CA TRP A 51 -4.87 -5.19 8.40
C TRP A 51 -6.30 -4.67 8.16
N LYS A 52 -7.26 -5.57 7.85
CA LYS A 52 -8.71 -5.25 7.70
C LYS A 52 -8.96 -4.30 6.50
N LEU A 53 -8.00 -4.28 5.54
CA LEU A 53 -8.06 -3.46 4.31
C LEU A 53 -8.84 -4.18 3.19
N THR A 54 -9.44 -5.36 3.51
CA THR A 54 -10.20 -6.17 2.54
C THR A 54 -11.68 -5.72 2.42
N GLY A 55 -12.10 -4.76 3.27
CA GLY A 55 -13.46 -4.18 3.20
C GLY A 55 -13.58 -3.10 2.12
N THR A 56 -14.49 -2.14 2.30
CA THR A 56 -14.62 -0.98 1.39
C THR A 56 -13.72 0.16 1.91
N ASN A 57 -12.85 0.70 1.02
CA ASN A 57 -11.77 1.66 1.38
C ASN A 57 -12.28 2.89 2.14
N LYS A 58 -13.55 3.27 1.88
CA LYS A 58 -14.23 4.38 2.57
C LYS A 58 -14.29 4.14 4.09
N SER A 59 -14.87 2.98 4.48
CA SER A 59 -15.05 2.62 5.88
C SER A 59 -13.69 2.35 6.54
N ILE A 60 -12.82 1.62 5.83
CA ILE A 60 -11.48 1.24 6.32
C ILE A 60 -10.67 2.47 6.78
N ARG A 61 -10.57 3.49 5.90
CA ARG A 61 -9.82 4.74 6.21
C ARG A 61 -10.57 5.58 7.27
N LYS A 62 -11.91 5.43 7.34
CA LYS A 62 -12.73 6.15 8.34
C LYS A 62 -12.51 5.58 9.77
N ASN A 63 -12.28 4.25 9.86
CA ASN A 63 -12.04 3.57 11.15
C ASN A 63 -10.56 3.66 11.54
N ARG A 64 -9.68 3.54 10.54
CA ARG A 64 -8.22 3.56 10.72
C ARG A 64 -7.66 4.95 10.45
N ASN A 65 -6.94 5.48 11.43
CA ASN A 65 -6.17 6.71 11.28
C ASN A 65 -4.86 6.40 10.54
N CYS A 66 -4.04 7.44 10.36
CA CYS A 66 -2.78 7.36 9.62
C CYS A 66 -1.84 6.28 10.17
N SER A 67 -1.71 6.20 11.52
CA SER A 67 -0.71 5.34 12.22
C SER A 67 -0.77 3.85 11.81
N GLN A 68 -1.99 3.31 11.69
CA GLN A 68 -2.23 1.91 11.28
C GLN A 68 -1.76 1.65 9.85
N LEU A 69 -1.98 2.64 9.00
CA LEU A 69 -1.72 2.55 7.56
C LEU A 69 -0.23 2.81 7.25
N ILE A 70 0.42 3.64 8.08
CA ILE A 70 1.90 3.81 8.10
C ILE A 70 2.51 2.44 8.39
N ALA A 71 2.11 1.86 9.53
CA ALA A 71 2.59 0.56 10.03
C ALA A 71 2.30 -0.57 9.02
N ALA A 72 1.17 -0.45 8.30
CA ALA A 72 0.81 -1.39 7.23
C ALA A 72 1.81 -1.32 6.06
N TYR A 73 2.13 -0.08 5.60
CA TYR A 73 3.07 0.14 4.47
C TYR A 73 4.52 -0.25 4.86
N LYS A 74 4.86 -0.04 6.14
CA LYS A 74 6.18 -0.40 6.67
C LYS A 74 6.34 -1.92 6.66
N ASP A 75 5.38 -2.60 7.31
CA ASP A 75 5.31 -4.07 7.38
C ASP A 75 5.29 -4.69 5.96
N PHE A 76 4.68 -3.97 5.02
CA PHE A 76 4.57 -4.35 3.59
C PHE A 76 5.95 -4.38 2.91
N CYS A 77 6.68 -3.26 3.07
CA CYS A 77 8.02 -3.10 2.47
C CYS A 77 9.00 -4.09 3.12
N GLU A 78 8.95 -4.19 4.46
CA GLU A 78 9.80 -5.09 5.27
C GLU A 78 9.47 -6.57 4.97
N HIS A 79 8.21 -6.83 4.58
CA HIS A 79 7.73 -8.16 4.15
C HIS A 79 8.38 -8.53 2.81
N GLY A 80 8.61 -7.53 1.94
CA GLY A 80 9.27 -7.79 0.66
C GLY A 80 8.29 -7.94 -0.48
N THR A 81 7.30 -7.01 -0.53
CA THR A 81 6.18 -7.01 -1.51
C THR A 81 6.61 -7.33 -2.96
N LYS A 82 5.63 -7.83 -3.73
CA LYS A 82 5.79 -8.22 -5.14
C LYS A 82 6.11 -7.00 -6.04
N SER A 83 5.92 -5.78 -5.52
CA SER A 83 6.37 -4.54 -6.17
C SER A 83 7.92 -4.47 -6.21
N GLY A 84 8.58 -5.15 -5.25
CA GLY A 84 10.04 -5.19 -5.17
C GLY A 84 10.59 -4.26 -4.09
N LEU A 85 9.69 -3.63 -3.33
CA LEU A 85 10.07 -2.78 -2.19
C LEU A 85 10.42 -3.67 -0.99
N ASN A 86 11.69 -3.65 -0.60
CA ASN A 86 12.21 -4.39 0.56
C ASN A 86 13.31 -3.56 1.25
N GLN A 87 13.41 -2.28 0.87
CA GLN A 87 14.49 -1.37 1.28
C GLN A 87 14.26 -0.89 2.73
N GLY A 88 14.91 -1.57 3.67
CA GLY A 88 14.86 -1.22 5.10
C GLY A 88 16.27 -0.95 5.65
N MET A 1 4.89 -14.23 -26.51
CA MET A 1 4.21 -13.58 -25.36
C MET A 1 5.15 -13.54 -24.15
N LYS A 2 5.02 -12.50 -23.30
CA LYS A 2 5.87 -12.30 -22.11
C LYS A 2 5.01 -12.13 -20.84
N ASP A 3 4.71 -13.28 -20.21
CA ASP A 3 3.94 -13.35 -18.95
C ASP A 3 4.84 -13.01 -17.74
N SER A 4 6.15 -13.27 -17.92
CA SER A 4 7.19 -12.96 -16.94
C SER A 4 7.29 -11.45 -16.67
N ASP A 5 7.04 -10.66 -17.74
CA ASP A 5 7.07 -9.18 -17.68
C ASP A 5 5.76 -8.60 -17.13
N LYS A 6 4.69 -9.42 -17.10
CA LYS A 6 3.43 -9.03 -16.47
C LYS A 6 3.57 -9.14 -14.93
N GLU A 7 4.30 -10.18 -14.48
CA GLU A 7 4.64 -10.37 -13.07
C GLU A 7 5.64 -9.29 -12.61
N LYS A 8 6.82 -9.28 -13.26
CA LYS A 8 7.88 -8.31 -13.01
C LYS A 8 7.63 -7.09 -13.93
N GLU A 9 6.57 -6.36 -13.60
CA GLU A 9 6.08 -5.22 -14.38
C GLU A 9 6.74 -3.90 -13.93
N ASN A 10 6.99 -3.02 -14.91
CA ASN A 10 7.52 -1.66 -14.70
C ASN A 10 6.34 -0.68 -14.59
N GLY A 11 6.58 0.51 -13.99
CA GLY A 11 5.56 1.54 -13.92
C GLY A 11 4.63 1.37 -12.72
N LYS A 12 5.22 1.02 -11.55
CA LYS A 12 4.48 0.84 -10.30
C LYS A 12 3.82 2.15 -9.86
N MET A 13 2.47 2.16 -9.83
CA MET A 13 1.71 3.30 -9.33
C MET A 13 1.96 3.48 -7.83
N GLY A 14 2.35 4.71 -7.44
CA GLY A 14 2.49 5.07 -6.05
C GLY A 14 3.61 4.32 -5.30
N CYS A 15 4.77 4.15 -5.95
CA CYS A 15 5.95 3.60 -5.26
C CYS A 15 6.61 4.71 -4.43
N TRP A 16 6.24 4.81 -3.13
CA TRP A 16 6.74 5.85 -2.21
C TRP A 16 7.81 5.27 -1.28
N SER A 17 8.33 6.12 -0.38
CA SER A 17 9.13 5.69 0.78
C SER A 17 8.28 5.79 2.06
N ILE A 18 8.75 5.15 3.14
CA ILE A 18 8.06 5.12 4.45
C ILE A 18 7.79 6.54 4.97
N GLU A 19 8.80 7.41 4.81
CA GLU A 19 8.77 8.78 5.32
C GLU A 19 7.78 9.66 4.54
N HIS A 20 7.66 9.45 3.22
CA HIS A 20 6.64 10.14 2.40
C HIS A 20 5.23 9.76 2.88
N VAL A 21 5.06 8.47 3.16
CA VAL A 21 3.82 7.90 3.66
C VAL A 21 3.44 8.51 5.02
N GLU A 22 4.33 8.42 6.02
CA GLU A 22 4.04 8.82 7.42
C GLU A 22 3.77 10.33 7.55
N GLN A 23 4.54 11.14 6.78
CA GLN A 23 4.46 12.61 6.87
C GLN A 23 3.25 13.15 6.12
N TYR A 24 2.90 12.53 4.97
CA TYR A 24 1.84 13.04 4.08
C TYR A 24 0.51 12.27 4.24
N LEU A 25 0.47 11.19 5.06
CA LEU A 25 -0.76 10.39 5.25
C LEU A 25 -1.87 11.22 5.90
N GLY A 26 -2.98 11.38 5.16
CA GLY A 26 -4.15 12.14 5.60
C GLY A 26 -4.38 13.41 4.79
N THR A 27 -3.33 13.85 4.06
CA THR A 27 -3.41 15.03 3.17
C THR A 27 -4.01 14.61 1.81
N ASP A 28 -4.08 15.56 0.87
CA ASP A 28 -4.46 15.27 -0.52
C ASP A 28 -3.21 14.94 -1.38
N GLU A 29 -2.02 15.05 -0.77
CA GLU A 29 -0.74 14.64 -1.39
C GLU A 29 -0.58 13.12 -1.26
N LEU A 30 -0.93 12.59 -0.07
CA LEU A 30 -1.00 11.14 0.19
C LEU A 30 -2.31 10.87 0.96
N PRO A 31 -3.45 10.68 0.23
CA PRO A 31 -4.72 10.30 0.88
C PRO A 31 -4.65 8.86 1.43
N LYS A 32 -5.34 8.63 2.57
CA LYS A 32 -5.36 7.33 3.25
C LYS A 32 -5.89 6.22 2.34
N ASN A 33 -6.91 6.57 1.52
CA ASN A 33 -7.49 5.67 0.50
C ASN A 33 -6.41 5.12 -0.44
N ASP A 34 -5.56 6.02 -0.97
CA ASP A 34 -4.58 5.69 -2.03
C ASP A 34 -3.45 4.78 -1.49
N LEU A 35 -3.15 4.94 -0.19
CA LEU A 35 -2.22 4.05 0.53
C LEU A 35 -2.80 2.61 0.54
N ILE A 36 -4.07 2.53 1.00
CA ILE A 36 -4.87 1.28 1.03
C ILE A 36 -4.96 0.63 -0.38
N THR A 37 -5.12 1.50 -1.40
CA THR A 37 -5.25 1.10 -2.81
C THR A 37 -3.96 0.43 -3.29
N TYR A 38 -2.80 1.08 -3.03
CA TYR A 38 -1.48 0.54 -3.37
C TYR A 38 -1.30 -0.87 -2.78
N LEU A 39 -1.63 -1.01 -1.48
CA LEU A 39 -1.43 -2.25 -0.74
C LEU A 39 -2.29 -3.39 -1.29
N GLN A 40 -3.56 -3.11 -1.68
CA GLN A 40 -4.45 -4.15 -2.25
C GLN A 40 -4.12 -4.47 -3.72
N LYS A 41 -3.37 -3.56 -4.40
CA LYS A 41 -2.87 -3.81 -5.76
C LYS A 41 -1.55 -4.59 -5.76
N ASN A 42 -0.68 -4.36 -4.76
CA ASN A 42 0.70 -4.93 -4.73
C ASN A 42 0.81 -6.18 -3.83
N ALA A 43 -0.13 -6.34 -2.88
CA ALA A 43 -0.14 -7.49 -1.94
C ALA A 43 -1.19 -8.54 -2.34
N ASP A 44 -1.27 -9.62 -1.55
CA ASP A 44 -2.27 -10.69 -1.70
C ASP A 44 -3.40 -10.50 -0.68
N ALA A 45 -4.56 -11.15 -0.93
CA ALA A 45 -5.82 -10.96 -0.16
C ALA A 45 -5.62 -11.09 1.37
N ALA A 46 -4.74 -12.02 1.78
CA ALA A 46 -4.41 -12.29 3.19
C ALA A 46 -3.92 -11.03 3.94
N PHE A 47 -3.06 -10.27 3.25
CA PHE A 47 -2.41 -9.06 3.81
C PHE A 47 -3.46 -7.98 4.13
N LEU A 48 -4.47 -7.85 3.25
CA LEU A 48 -5.53 -6.84 3.40
C LEU A 48 -6.53 -7.28 4.48
N ARG A 49 -6.78 -8.59 4.57
CA ARG A 49 -7.66 -9.15 5.62
C ARG A 49 -7.00 -9.07 7.01
N HIS A 50 -5.65 -8.97 7.02
CA HIS A 50 -4.86 -8.75 8.24
C HIS A 50 -5.01 -7.28 8.71
N TRP A 51 -4.65 -6.33 7.82
CA TRP A 51 -4.60 -4.89 8.13
C TRP A 51 -5.97 -4.19 7.97
N LYS A 52 -7.04 -4.99 7.76
CA LYS A 52 -8.46 -4.52 7.69
C LYS A 52 -8.73 -3.69 6.41
N LEU A 53 -7.85 -3.87 5.39
CA LEU A 53 -7.92 -3.16 4.10
C LEU A 53 -8.78 -3.95 3.06
N THR A 54 -9.38 -5.07 3.49
CA THR A 54 -10.18 -5.94 2.62
C THR A 54 -11.60 -5.41 2.33
N GLY A 55 -12.09 -4.49 3.20
CA GLY A 55 -13.48 -4.00 3.12
C GLY A 55 -13.67 -2.86 2.11
N THR A 56 -14.69 -2.02 2.35
CA THR A 56 -14.91 -0.78 1.58
C THR A 56 -13.94 0.31 2.08
N ASN A 57 -13.12 0.85 1.15
CA ASN A 57 -12.05 1.84 1.46
C ASN A 57 -12.56 3.06 2.23
N LYS A 58 -13.86 3.39 2.06
CA LYS A 58 -14.56 4.43 2.85
C LYS A 58 -14.45 4.13 4.36
N SER A 59 -14.92 2.93 4.75
CA SER A 59 -14.94 2.49 6.16
C SER A 59 -13.53 2.18 6.66
N ILE A 60 -12.63 1.75 5.76
CA ILE A 60 -11.26 1.38 6.14
C ILE A 60 -10.48 2.62 6.62
N ARG A 61 -10.48 3.71 5.83
CA ARG A 61 -9.78 4.97 6.21
C ARG A 61 -10.54 5.72 7.33
N LYS A 62 -11.87 5.50 7.42
CA LYS A 62 -12.70 6.06 8.51
C LYS A 62 -12.34 5.42 9.87
N ASN A 63 -12.21 4.08 9.88
CA ASN A 63 -11.95 3.28 11.10
C ASN A 63 -10.46 3.31 11.46
N ARG A 64 -9.62 3.21 10.44
CA ARG A 64 -8.16 3.13 10.59
C ARG A 64 -7.55 4.48 10.20
N ASN A 65 -6.90 5.14 11.17
CA ASN A 65 -6.20 6.42 10.95
C ASN A 65 -4.84 6.19 10.25
N CYS A 66 -4.07 7.29 10.12
CA CYS A 66 -2.73 7.29 9.49
C CYS A 66 -1.83 6.19 10.05
N SER A 67 -1.77 6.11 11.39
CA SER A 67 -0.86 5.24 12.15
C SER A 67 -0.95 3.75 11.74
N GLN A 68 -2.19 3.28 11.52
CA GLN A 68 -2.45 1.89 11.07
C GLN A 68 -1.81 1.65 9.70
N LEU A 69 -2.05 2.62 8.79
CA LEU A 69 -1.66 2.53 7.38
C LEU A 69 -0.15 2.77 7.19
N ILE A 70 0.47 3.52 8.13
CA ILE A 70 1.94 3.68 8.17
C ILE A 70 2.54 2.32 8.51
N ALA A 71 2.05 1.72 9.61
CA ALA A 71 2.50 0.40 10.10
C ALA A 71 2.24 -0.72 9.05
N ALA A 72 1.19 -0.54 8.24
CA ALA A 72 0.84 -1.49 7.16
C ALA A 72 1.87 -1.43 6.02
N TYR A 73 2.14 -0.20 5.54
CA TYR A 73 3.10 0.06 4.43
C TYR A 73 4.53 -0.32 4.87
N LYS A 74 4.85 -0.04 6.14
CA LYS A 74 6.14 -0.39 6.76
C LYS A 74 6.33 -1.89 6.74
N ASP A 75 5.41 -2.61 7.37
CA ASP A 75 5.46 -4.07 7.52
C ASP A 75 5.57 -4.77 6.15
N PHE A 76 4.92 -4.18 5.15
CA PHE A 76 4.95 -4.68 3.75
C PHE A 76 6.39 -4.58 3.17
N CYS A 77 6.93 -3.34 3.20
CA CYS A 77 8.26 -3.03 2.66
C CYS A 77 9.39 -3.79 3.41
N GLU A 78 9.20 -3.98 4.72
CA GLU A 78 10.17 -4.66 5.59
C GLU A 78 10.03 -6.20 5.47
N HIS A 79 8.80 -6.67 5.17
CA HIS A 79 8.53 -8.12 4.93
C HIS A 79 9.13 -8.55 3.59
N GLY A 80 9.36 -7.57 2.67
CA GLY A 80 9.96 -7.89 1.38
C GLY A 80 8.94 -7.90 0.26
N THR A 81 8.13 -6.81 0.23
CA THR A 81 6.99 -6.63 -0.68
C THR A 81 7.23 -7.18 -2.10
N LYS A 82 6.34 -8.07 -2.52
CA LYS A 82 6.37 -8.72 -3.82
C LYS A 82 6.28 -7.69 -4.95
N SER A 83 5.10 -7.02 -5.03
CA SER A 83 4.70 -6.19 -6.19
C SER A 83 4.79 -6.99 -7.52
N GLY A 84 4.73 -8.34 -7.41
CA GLY A 84 4.95 -9.25 -8.54
C GLY A 84 6.44 -9.44 -8.93
N LEU A 85 7.32 -8.55 -8.42
CA LEU A 85 8.75 -8.48 -8.81
C LEU A 85 9.54 -9.62 -8.12
N ASN A 86 9.60 -9.55 -6.77
CA ASN A 86 10.28 -10.55 -5.91
C ASN A 86 9.26 -11.49 -5.27
N GLN A 87 9.75 -12.63 -4.78
CA GLN A 87 8.96 -13.59 -3.99
C GLN A 87 9.91 -14.29 -2.98
N GLY A 88 9.90 -13.79 -1.73
CA GLY A 88 10.71 -14.36 -0.65
C GLY A 88 12.20 -13.98 -0.76
N MET A 1 7.44 -16.46 -25.31
CA MET A 1 6.55 -16.11 -24.16
C MET A 1 7.42 -15.78 -22.93
N LYS A 2 7.27 -14.56 -22.39
CA LYS A 2 8.01 -14.15 -21.20
C LYS A 2 7.25 -14.61 -19.95
N ASP A 3 7.63 -15.80 -19.46
CA ASP A 3 7.07 -16.40 -18.24
C ASP A 3 7.46 -15.56 -17.01
N SER A 4 8.66 -14.96 -17.09
CA SER A 4 9.27 -14.15 -16.02
C SER A 4 8.60 -12.76 -15.86
N ASP A 5 7.59 -12.45 -16.69
CA ASP A 5 6.76 -11.22 -16.58
C ASP A 5 5.82 -11.30 -15.35
N LYS A 6 5.55 -12.54 -14.88
CA LYS A 6 4.78 -12.77 -13.64
C LYS A 6 5.67 -12.60 -12.39
N GLU A 7 7.00 -12.53 -12.59
CA GLU A 7 7.97 -12.19 -11.54
C GLU A 7 8.27 -10.67 -11.60
N LYS A 8 8.41 -10.15 -12.84
CA LYS A 8 8.62 -8.74 -13.12
C LYS A 8 7.28 -8.09 -13.41
N GLU A 9 6.59 -7.78 -12.33
CA GLU A 9 5.28 -7.10 -12.34
C GLU A 9 5.37 -5.69 -12.94
N ASN A 10 4.26 -5.27 -13.57
CA ASN A 10 4.15 -3.97 -14.27
C ASN A 10 2.92 -3.21 -13.74
N GLY A 11 2.96 -1.87 -13.88
CA GLY A 11 1.89 -0.99 -13.37
C GLY A 11 2.05 -0.67 -11.88
N LYS A 12 3.26 -0.91 -11.34
CA LYS A 12 3.58 -0.61 -9.94
C LYS A 12 3.89 0.89 -9.78
N MET A 13 2.82 1.65 -9.60
CA MET A 13 2.88 3.12 -9.46
C MET A 13 2.89 3.50 -7.97
N GLY A 14 3.44 4.68 -7.65
CA GLY A 14 3.42 5.22 -6.30
C GLY A 14 4.26 4.42 -5.30
N CYS A 15 5.49 4.08 -5.68
CA CYS A 15 6.44 3.43 -4.77
C CYS A 15 7.16 4.51 -3.92
N TRP A 16 6.55 4.86 -2.77
CA TRP A 16 6.99 6.01 -1.94
C TRP A 16 8.02 5.57 -0.88
N SER A 17 8.60 6.59 -0.21
CA SER A 17 9.37 6.41 1.02
C SER A 17 8.41 6.19 2.22
N ILE A 18 8.93 5.58 3.29
CA ILE A 18 8.18 5.40 4.56
C ILE A 18 7.80 6.78 5.12
N GLU A 19 8.77 7.71 5.05
CA GLU A 19 8.61 9.07 5.56
C GLU A 19 7.64 9.90 4.69
N HIS A 20 7.59 9.64 3.38
CA HIS A 20 6.62 10.29 2.48
C HIS A 20 5.19 9.89 2.89
N VAL A 21 5.01 8.60 3.15
CA VAL A 21 3.73 8.03 3.61
C VAL A 21 3.30 8.68 4.95
N GLU A 22 4.11 8.51 6.01
CA GLU A 22 3.75 8.93 7.40
C GLU A 22 3.46 10.44 7.51
N GLN A 23 4.28 11.25 6.82
CA GLN A 23 4.19 12.72 6.90
C GLN A 23 2.99 13.23 6.07
N TYR A 24 2.82 12.70 4.85
CA TYR A 24 1.80 13.21 3.91
C TYR A 24 0.46 12.44 4.07
N LEU A 25 0.40 11.43 4.96
CA LEU A 25 -0.84 10.64 5.20
C LEU A 25 -1.98 11.54 5.71
N GLY A 26 -3.02 11.71 4.86
CA GLY A 26 -4.17 12.55 5.16
C GLY A 26 -4.30 13.77 4.25
N THR A 27 -3.26 14.04 3.42
CA THR A 27 -3.26 15.20 2.51
C THR A 27 -3.84 14.84 1.13
N ASP A 28 -3.77 15.79 0.19
CA ASP A 28 -4.09 15.56 -1.23
C ASP A 28 -2.95 14.78 -1.93
N GLU A 29 -1.72 14.91 -1.39
CA GLU A 29 -0.51 14.28 -1.94
C GLU A 29 -0.45 12.77 -1.62
N LEU A 30 -0.86 12.42 -0.40
CA LEU A 30 -0.93 11.03 0.05
C LEU A 30 -2.19 10.85 0.91
N PRO A 31 -3.40 10.70 0.29
CA PRO A 31 -4.62 10.32 1.02
C PRO A 31 -4.46 8.96 1.73
N LYS A 32 -5.23 8.79 2.81
CA LYS A 32 -5.33 7.50 3.53
C LYS A 32 -5.84 6.41 2.58
N ASN A 33 -6.83 6.79 1.75
CA ASN A 33 -7.50 5.87 0.82
C ASN A 33 -6.51 5.39 -0.26
N ASP A 34 -5.70 6.34 -0.76
CA ASP A 34 -4.67 6.13 -1.80
C ASP A 34 -3.61 5.12 -1.32
N LEU A 35 -3.24 5.24 -0.03
CA LEU A 35 -2.27 4.35 0.62
C LEU A 35 -2.83 2.90 0.67
N ILE A 36 -4.07 2.78 1.16
CA ILE A 36 -4.81 1.49 1.26
C ILE A 36 -4.95 0.82 -0.12
N THR A 37 -5.26 1.65 -1.14
CA THR A 37 -5.41 1.23 -2.53
C THR A 37 -4.11 0.59 -3.06
N TYR A 38 -2.97 1.28 -2.84
CA TYR A 38 -1.63 0.77 -3.20
C TYR A 38 -1.39 -0.60 -2.58
N LEU A 39 -1.65 -0.70 -1.25
CA LEU A 39 -1.38 -1.91 -0.45
C LEU A 39 -2.12 -3.11 -1.03
N GLN A 40 -3.40 -2.92 -1.42
CA GLN A 40 -4.23 -4.02 -1.97
C GLN A 40 -3.92 -4.29 -3.45
N LYS A 41 -3.34 -3.31 -4.17
CA LYS A 41 -2.94 -3.48 -5.58
C LYS A 41 -1.65 -4.32 -5.70
N ASN A 42 -0.73 -4.18 -4.74
CA ASN A 42 0.55 -4.93 -4.75
C ASN A 42 0.48 -6.24 -3.91
N ALA A 43 -0.30 -6.22 -2.80
CA ALA A 43 -0.44 -7.40 -1.91
C ALA A 43 -1.57 -8.34 -2.35
N ASP A 44 -1.44 -9.61 -1.95
CA ASP A 44 -2.51 -10.62 -2.06
C ASP A 44 -3.46 -10.49 -0.86
N ALA A 45 -4.67 -11.06 -1.02
CA ALA A 45 -5.82 -10.86 -0.11
C ALA A 45 -5.48 -11.07 1.38
N ALA A 46 -4.53 -12.00 1.65
CA ALA A 46 -4.09 -12.37 3.02
C ALA A 46 -3.66 -11.14 3.85
N PHE A 47 -2.91 -10.24 3.18
CA PHE A 47 -2.34 -9.04 3.83
C PHE A 47 -3.46 -8.06 4.23
N LEU A 48 -4.45 -7.93 3.35
CA LEU A 48 -5.59 -7.02 3.55
C LEU A 48 -6.58 -7.61 4.57
N ARG A 49 -6.63 -8.93 4.67
CA ARG A 49 -7.45 -9.64 5.66
C ARG A 49 -6.77 -9.61 7.05
N HIS A 50 -5.44 -9.35 7.06
CA HIS A 50 -4.69 -9.11 8.31
C HIS A 50 -4.97 -7.69 8.86
N TRP A 51 -4.74 -6.67 8.01
CA TRP A 51 -4.87 -5.25 8.41
C TRP A 51 -6.31 -4.71 8.29
N LYS A 52 -7.25 -5.62 7.93
CA LYS A 52 -8.71 -5.31 7.79
C LYS A 52 -8.96 -4.35 6.60
N LEU A 53 -8.00 -4.31 5.65
CA LEU A 53 -8.08 -3.51 4.42
C LEU A 53 -8.90 -4.26 3.31
N THR A 54 -9.40 -5.46 3.67
CA THR A 54 -10.20 -6.33 2.76
C THR A 54 -11.61 -5.76 2.48
N GLY A 55 -12.11 -4.88 3.38
CA GLY A 55 -13.44 -4.26 3.22
C GLY A 55 -13.45 -3.12 2.20
N THR A 56 -14.56 -2.33 2.16
CA THR A 56 -14.66 -1.12 1.30
C THR A 56 -13.73 -0.01 1.84
N ASN A 57 -12.91 0.58 0.94
CA ASN A 57 -11.85 1.57 1.28
C ASN A 57 -12.38 2.79 2.05
N LYS A 58 -13.66 3.11 1.87
CA LYS A 58 -14.33 4.23 2.57
C LYS A 58 -14.38 3.98 4.10
N SER A 59 -14.87 2.79 4.48
CA SER A 59 -14.97 2.38 5.88
C SER A 59 -13.57 2.21 6.52
N ILE A 60 -12.61 1.74 5.70
CA ILE A 60 -11.23 1.49 6.15
C ILE A 60 -10.53 2.81 6.53
N ARG A 61 -10.49 3.79 5.61
CA ARG A 61 -9.84 5.10 5.84
C ARG A 61 -10.51 5.85 7.02
N LYS A 62 -11.82 5.61 7.24
CA LYS A 62 -12.58 6.23 8.34
C LYS A 62 -12.13 5.63 9.71
N ASN A 63 -12.08 4.29 9.79
CA ASN A 63 -11.84 3.57 11.06
C ASN A 63 -10.32 3.50 11.38
N ARG A 64 -9.54 3.14 10.36
CA ARG A 64 -8.06 3.08 10.42
C ARG A 64 -7.50 4.49 10.28
N ASN A 65 -6.70 4.88 11.27
CA ASN A 65 -6.04 6.19 11.30
C ASN A 65 -4.69 6.09 10.58
N CYS A 66 -3.92 7.19 10.60
CA CYS A 66 -2.60 7.28 9.93
C CYS A 66 -1.65 6.15 10.39
N SER A 67 -1.55 5.97 11.73
CA SER A 67 -0.58 5.04 12.36
C SER A 67 -0.73 3.59 11.88
N GLN A 68 -1.98 3.12 11.71
CA GLN A 68 -2.28 1.76 11.18
C GLN A 68 -1.73 1.58 9.75
N LEU A 69 -1.90 2.63 8.93
CA LEU A 69 -1.55 2.63 7.52
C LEU A 69 -0.02 2.80 7.31
N ILE A 70 0.65 3.52 8.22
CA ILE A 70 2.13 3.63 8.22
C ILE A 70 2.71 2.26 8.60
N ALA A 71 2.10 1.65 9.63
CA ALA A 71 2.46 0.33 10.15
C ALA A 71 2.29 -0.75 9.07
N ALA A 72 1.23 -0.62 8.26
CA ALA A 72 0.92 -1.53 7.16
C ALA A 72 1.92 -1.38 5.99
N TYR A 73 2.25 -0.12 5.63
CA TYR A 73 3.20 0.16 4.51
C TYR A 73 4.62 -0.32 4.87
N LYS A 74 5.02 -0.06 6.14
CA LYS A 74 6.28 -0.55 6.71
C LYS A 74 6.28 -2.08 6.70
N ASP A 75 5.22 -2.67 7.26
CA ASP A 75 5.07 -4.14 7.36
C ASP A 75 5.17 -4.80 5.97
N PHE A 76 4.73 -4.08 4.93
CA PHE A 76 4.70 -4.57 3.55
C PHE A 76 6.10 -4.59 2.90
N CYS A 77 6.84 -3.47 3.03
CA CYS A 77 8.20 -3.37 2.47
C CYS A 77 9.18 -4.28 3.26
N GLU A 78 8.96 -4.36 4.58
CA GLU A 78 9.70 -5.24 5.50
C GLU A 78 9.28 -6.71 5.31
N HIS A 79 8.04 -6.93 4.80
CA HIS A 79 7.56 -8.27 4.39
C HIS A 79 8.38 -8.79 3.21
N GLY A 80 8.72 -7.88 2.28
CA GLY A 80 9.56 -8.26 1.14
C GLY A 80 8.75 -8.92 0.04
N THR A 81 7.56 -8.32 -0.20
CA THR A 81 6.49 -8.85 -1.06
C THR A 81 6.96 -9.44 -2.42
N LYS A 82 6.13 -10.39 -2.92
CA LYS A 82 6.25 -11.00 -4.27
C LYS A 82 6.22 -9.97 -5.43
N SER A 83 5.76 -8.74 -5.14
CA SER A 83 5.76 -7.63 -6.12
C SER A 83 7.21 -7.24 -6.49
N GLY A 84 8.09 -7.26 -5.47
CA GLY A 84 9.50 -6.88 -5.62
C GLY A 84 9.95 -5.78 -4.65
N LEU A 85 9.04 -5.38 -3.74
CA LEU A 85 9.28 -4.27 -2.80
C LEU A 85 9.91 -4.85 -1.50
N ASN A 86 11.22 -5.15 -1.60
CA ASN A 86 12.03 -5.74 -0.50
C ASN A 86 12.90 -4.63 0.12
N GLN A 87 12.67 -4.35 1.41
CA GLN A 87 13.30 -3.25 2.16
C GLN A 87 13.48 -3.65 3.63
N GLY A 88 14.67 -3.41 4.20
CA GLY A 88 14.96 -3.72 5.61
C GLY A 88 15.74 -5.03 5.76
N MET A 1 0.47 -14.62 -24.81
CA MET A 1 -0.20 -14.70 -23.49
C MET A 1 0.79 -14.27 -22.38
N LYS A 2 0.70 -12.98 -21.98
CA LYS A 2 1.60 -12.37 -20.97
C LYS A 2 0.93 -12.43 -19.57
N ASP A 3 0.65 -13.68 -19.12
CA ASP A 3 -0.19 -13.94 -17.92
C ASP A 3 0.66 -14.09 -16.65
N SER A 4 1.93 -14.51 -16.79
CA SER A 4 2.87 -14.60 -15.65
C SER A 4 3.34 -13.19 -15.24
N ASP A 5 3.38 -12.28 -16.25
CA ASP A 5 3.68 -10.85 -16.07
C ASP A 5 2.60 -10.15 -15.21
N LYS A 6 1.35 -10.66 -15.28
CA LYS A 6 0.17 -10.08 -14.55
C LYS A 6 0.33 -10.09 -13.02
N GLU A 7 1.37 -10.76 -12.51
CA GLU A 7 1.58 -10.95 -11.06
C GLU A 7 2.88 -10.29 -10.58
N LYS A 8 3.73 -9.77 -11.51
CA LYS A 8 5.10 -9.30 -11.18
C LYS A 8 5.60 -8.17 -12.11
N GLU A 9 4.72 -7.59 -12.95
CA GLU A 9 5.13 -6.57 -13.96
C GLU A 9 5.63 -5.27 -13.30
N ASN A 10 6.58 -4.58 -13.96
CA ASN A 10 7.09 -3.27 -13.50
C ASN A 10 6.12 -2.16 -13.94
N GLY A 11 6.14 -1.05 -13.20
CA GLY A 11 5.26 0.11 -13.47
C GLY A 11 4.24 0.35 -12.38
N LYS A 12 4.55 -0.11 -11.14
CA LYS A 12 3.72 0.19 -9.96
C LYS A 12 3.81 1.69 -9.62
N MET A 13 2.69 2.41 -9.84
CA MET A 13 2.60 3.84 -9.49
C MET A 13 2.52 3.99 -7.96
N GLY A 14 3.02 5.12 -7.46
CA GLY A 14 2.96 5.44 -6.04
C GLY A 14 3.88 4.60 -5.17
N CYS A 15 5.13 4.45 -5.61
CA CYS A 15 6.19 3.89 -4.77
C CYS A 15 6.83 5.06 -3.98
N TRP A 16 6.39 5.23 -2.72
CA TRP A 16 6.79 6.37 -1.85
C TRP A 16 7.85 5.94 -0.83
N SER A 17 8.40 6.92 -0.10
CA SER A 17 9.22 6.67 1.10
C SER A 17 8.31 6.49 2.33
N ILE A 18 8.85 5.88 3.39
CA ILE A 18 8.12 5.61 4.65
C ILE A 18 7.64 6.92 5.28
N GLU A 19 8.57 7.89 5.39
CA GLU A 19 8.31 9.20 5.99
C GLU A 19 7.40 10.07 5.12
N HIS A 20 7.37 9.80 3.79
CA HIS A 20 6.41 10.45 2.89
C HIS A 20 4.99 9.98 3.23
N VAL A 21 4.84 8.65 3.38
CA VAL A 21 3.57 8.02 3.76
C VAL A 21 3.03 8.64 5.06
N GLU A 22 3.77 8.48 6.16
CA GLU A 22 3.32 8.85 7.52
C GLU A 22 3.06 10.35 7.67
N GLN A 23 3.99 11.18 7.16
CA GLN A 23 3.95 12.64 7.37
C GLN A 23 2.95 13.34 6.43
N TYR A 24 2.64 12.70 5.28
CA TYR A 24 1.66 13.25 4.31
C TYR A 24 0.30 12.50 4.37
N LEU A 25 0.17 11.43 5.21
CA LEU A 25 -1.11 10.69 5.36
C LEU A 25 -2.25 11.61 5.83
N GLY A 26 -3.29 11.73 4.99
CA GLY A 26 -4.46 12.58 5.26
C GLY A 26 -4.59 13.75 4.29
N THR A 27 -3.50 14.04 3.55
CA THR A 27 -3.44 15.20 2.63
C THR A 27 -3.90 14.80 1.21
N ASP A 28 -3.80 15.76 0.27
CA ASP A 28 -4.03 15.49 -1.17
C ASP A 28 -2.76 14.93 -1.82
N GLU A 29 -1.60 15.20 -1.16
CA GLU A 29 -0.28 14.70 -1.60
C GLU A 29 -0.17 13.18 -1.35
N LEU A 30 -0.76 12.74 -0.21
CA LEU A 30 -0.85 11.32 0.14
C LEU A 30 -2.21 11.09 0.83
N PRO A 31 -3.30 10.90 0.04
CA PRO A 31 -4.62 10.53 0.58
C PRO A 31 -4.59 9.10 1.15
N LYS A 32 -5.24 8.91 2.31
CA LYS A 32 -5.31 7.64 3.04
C LYS A 32 -5.86 6.52 2.16
N ASN A 33 -6.93 6.83 1.40
CA ASN A 33 -7.56 5.90 0.44
C ASN A 33 -6.52 5.28 -0.51
N ASP A 34 -5.65 6.14 -1.06
CA ASP A 34 -4.69 5.77 -2.12
C ASP A 34 -3.54 4.89 -1.57
N LEU A 35 -3.20 5.11 -0.30
CA LEU A 35 -2.23 4.26 0.42
C LEU A 35 -2.80 2.82 0.52
N ILE A 36 -4.05 2.74 1.01
CA ILE A 36 -4.80 1.46 1.15
C ILE A 36 -4.96 0.77 -0.23
N THR A 37 -5.17 1.60 -1.29
CA THR A 37 -5.33 1.15 -2.68
C THR A 37 -4.06 0.43 -3.16
N TYR A 38 -2.90 1.09 -3.02
CA TYR A 38 -1.58 0.53 -3.39
C TYR A 38 -1.35 -0.82 -2.69
N LEU A 39 -1.65 -0.82 -1.38
CA LEU A 39 -1.47 -2.01 -0.51
C LEU A 39 -2.29 -3.21 -1.00
N GLN A 40 -3.57 -3.00 -1.36
CA GLN A 40 -4.44 -4.10 -1.80
C GLN A 40 -4.17 -4.50 -3.27
N LYS A 41 -3.55 -3.59 -4.05
CA LYS A 41 -3.15 -3.89 -5.44
C LYS A 41 -1.90 -4.81 -5.47
N ASN A 42 -0.95 -4.54 -4.56
CA ASN A 42 0.34 -5.26 -4.52
C ASN A 42 0.31 -6.49 -3.59
N ALA A 43 -0.46 -6.40 -2.50
CA ALA A 43 -0.54 -7.48 -1.48
C ALA A 43 -1.64 -8.52 -1.76
N ASP A 44 -1.50 -9.67 -1.09
CA ASP A 44 -2.46 -10.79 -1.12
C ASP A 44 -3.65 -10.48 -0.21
N ALA A 45 -4.79 -11.14 -0.46
CA ALA A 45 -6.04 -10.96 0.33
C ALA A 45 -5.78 -11.17 1.84
N ALA A 46 -4.86 -12.10 2.16
CA ALA A 46 -4.43 -12.42 3.54
C ALA A 46 -3.89 -11.19 4.28
N PHE A 47 -3.10 -10.36 3.55
CA PHE A 47 -2.43 -9.17 4.11
C PHE A 47 -3.46 -8.09 4.49
N LEU A 48 -4.48 -7.90 3.62
CA LEU A 48 -5.55 -6.92 3.87
C LEU A 48 -6.49 -7.44 4.97
N ARG A 49 -6.63 -8.76 5.10
CA ARG A 49 -7.42 -9.37 6.20
C ARG A 49 -6.62 -9.39 7.51
N HIS A 50 -5.28 -9.22 7.41
CA HIS A 50 -4.38 -9.08 8.57
C HIS A 50 -4.47 -7.66 9.16
N TRP A 51 -4.36 -6.64 8.29
CA TRP A 51 -4.39 -5.21 8.69
C TRP A 51 -5.80 -4.59 8.58
N LYS A 52 -6.80 -5.46 8.26
CA LYS A 52 -8.25 -5.12 8.24
C LYS A 52 -8.62 -4.12 7.11
N LEU A 53 -7.77 -4.10 6.07
CA LEU A 53 -7.95 -3.28 4.85
C LEU A 53 -8.80 -4.04 3.79
N THR A 54 -9.52 -5.10 4.22
CA THR A 54 -10.30 -6.01 3.33
C THR A 54 -11.69 -5.43 2.95
N GLY A 55 -12.09 -4.29 3.57
CA GLY A 55 -13.37 -3.62 3.26
C GLY A 55 -13.25 -2.62 2.10
N THR A 56 -14.21 -1.68 1.99
CA THR A 56 -14.10 -0.57 1.03
C THR A 56 -13.24 0.55 1.63
N ASN A 57 -12.31 1.10 0.82
CA ASN A 57 -11.29 2.09 1.26
C ASN A 57 -11.91 3.35 1.87
N LYS A 58 -13.15 3.67 1.49
CA LYS A 58 -13.93 4.76 2.11
C LYS A 58 -14.07 4.48 3.64
N SER A 59 -14.60 3.28 3.96
CA SER A 59 -14.80 2.84 5.35
C SER A 59 -13.45 2.61 6.07
N ILE A 60 -12.40 2.22 5.32
CA ILE A 60 -11.09 1.91 5.92
C ILE A 60 -10.36 3.19 6.36
N ARG A 61 -10.37 4.23 5.50
CA ARG A 61 -9.75 5.54 5.84
C ARG A 61 -10.58 6.24 6.94
N LYS A 62 -11.88 5.88 7.01
CA LYS A 62 -12.83 6.40 8.01
C LYS A 62 -12.63 5.73 9.41
N ASN A 63 -12.52 4.39 9.42
CA ASN A 63 -12.56 3.57 10.66
C ASN A 63 -11.14 3.32 11.20
N ARG A 64 -10.19 3.05 10.29
CA ARG A 64 -8.78 2.80 10.66
C ARG A 64 -8.05 4.14 10.76
N ASN A 65 -6.97 4.15 11.52
CA ASN A 65 -6.13 5.34 11.74
C ASN A 65 -4.94 5.33 10.79
N CYS A 66 -4.21 6.46 10.73
CA CYS A 66 -3.00 6.58 9.90
C CYS A 66 -1.94 5.53 10.31
N SER A 67 -1.85 5.24 11.63
CA SER A 67 -0.93 4.24 12.21
C SER A 67 -1.02 2.85 11.52
N GLN A 68 -2.26 2.40 11.24
CA GLN A 68 -2.51 1.11 10.55
C GLN A 68 -1.88 1.09 9.15
N LEU A 69 -2.05 2.21 8.44
CA LEU A 69 -1.59 2.40 7.07
C LEU A 69 -0.05 2.47 6.98
N ILE A 70 0.58 3.21 7.93
CA ILE A 70 2.06 3.35 7.99
C ILE A 70 2.69 1.98 8.28
N ALA A 71 2.15 1.32 9.32
CA ALA A 71 2.63 0.02 9.82
C ALA A 71 2.53 -1.08 8.75
N ALA A 72 1.42 -1.04 7.99
CA ALA A 72 1.18 -1.99 6.89
C ALA A 72 2.16 -1.75 5.72
N TYR A 73 2.35 -0.46 5.34
CA TYR A 73 3.28 -0.08 4.23
C TYR A 73 4.73 -0.48 4.57
N LYS A 74 5.13 -0.22 5.83
CA LYS A 74 6.46 -0.58 6.35
C LYS A 74 6.66 -2.09 6.30
N ASP A 75 5.74 -2.82 6.96
CA ASP A 75 5.79 -4.30 7.06
C ASP A 75 5.86 -4.94 5.67
N PHE A 76 5.18 -4.33 4.71
CA PHE A 76 5.07 -4.82 3.33
C PHE A 76 6.41 -4.70 2.56
N CYS A 77 7.03 -3.51 2.65
CA CYS A 77 8.32 -3.22 2.00
C CYS A 77 9.45 -4.06 2.65
N GLU A 78 9.30 -4.30 3.96
CA GLU A 78 10.23 -5.12 4.76
C GLU A 78 9.92 -6.62 4.59
N HIS A 79 8.68 -6.93 4.16
CA HIS A 79 8.24 -8.31 3.86
C HIS A 79 8.94 -8.81 2.59
N GLY A 80 9.18 -7.88 1.64
CA GLY A 80 9.92 -8.23 0.41
C GLY A 80 8.98 -8.66 -0.70
N THR A 81 7.89 -7.88 -0.85
CA THR A 81 6.74 -8.18 -1.74
C THR A 81 7.14 -8.71 -3.13
N LYS A 82 6.37 -9.73 -3.59
CA LYS A 82 6.68 -10.50 -4.80
C LYS A 82 6.10 -9.83 -6.06
N SER A 83 5.59 -8.59 -5.92
CA SER A 83 4.95 -7.85 -7.02
C SER A 83 6.01 -7.13 -7.91
N GLY A 84 7.21 -7.72 -8.02
CA GLY A 84 8.29 -7.17 -8.85
C GLY A 84 9.00 -5.98 -8.20
N LEU A 85 8.82 -5.81 -6.88
CA LEU A 85 9.34 -4.66 -6.12
C LEU A 85 10.50 -5.09 -5.19
N ASN A 86 11.33 -6.01 -5.69
CA ASN A 86 12.49 -6.56 -4.95
C ASN A 86 13.77 -5.77 -5.32
N GLN A 87 13.79 -4.49 -4.89
CA GLN A 87 14.93 -3.59 -5.10
C GLN A 87 16.06 -3.95 -4.10
N GLY A 88 17.10 -4.64 -4.59
CA GLY A 88 18.21 -5.07 -3.74
C GLY A 88 19.29 -5.78 -4.56
#